data_2VM5
# 
_entry.id   2VM5 
# 
_audit_conform.dict_name       mmcif_pdbx.dic 
_audit_conform.dict_version    5.382 
_audit_conform.dict_location   http://mmcif.pdb.org/dictionaries/ascii/mmcif_pdbx.dic 
# 
loop_
_database_2.database_id 
_database_2.database_code 
_database_2.pdbx_database_accession 
_database_2.pdbx_DOI 
PDB   2VM5         pdb_00002vm5 10.2210/pdb2vm5/pdb 
PDBE  EBI-35080    ?            ?                   
WWPDB D_1290035080 ?            ?                   
# 
_pdbx_database_status.status_code                     REL 
_pdbx_database_status.entry_id                        2VM5 
_pdbx_database_status.deposit_site                    PDBE 
_pdbx_database_status.process_site                    PDBE 
_pdbx_database_status.SG_entry                        . 
_pdbx_database_status.recvd_initial_deposition_date   2008-01-23 
_pdbx_database_status.pdb_format_compatible           Y 
_pdbx_database_status.status_code_sf                  REL 
_pdbx_database_status.status_code_mr                  ? 
_pdbx_database_status.status_code_cs                  ? 
_pdbx_database_status.methods_development_category    ? 
_pdbx_database_status.status_code_nmr_data            ? 
# 
loop_
_audit_author.name 
_audit_author.pdbx_ordinal 
'Herman, M.D.'                         1  
'Welin, M.'                            2  
'Arrowsmith, C.H.'                     3  
'Berglund, H.'                         4  
'Busam, R.D.'                          5  
'Collins, R.'                          6  
'Dahlgren, L.G.'                       7  
'Edwards, A.M.'                        8  
'Flodin, S.'                           9  
'Flores, A.'                           10 
'Graslund, S.'                         11 
'Hammarstrom, M.'                      12 
'Johansson, I.'                        13 
'Kallas, A.'                           14 
'Karlberg, T.'                         15 
'Kotenyova, T.'                        16 
'Lehtio, L.'                           17 
'Moche, M.'                            18 
'Nilsson, M.E.'                        19 
'Nyman, T.'                            20 
'Persson, C.'                          21 
'Sagemark, J.'                         22 
'Svensson, L.'                         23 
'Thorsell, A.G.'                       24 
'Tresaugues, L.'                       25 
'van den Berg, S.'                     26 
'Weigelt, J.'                          27 
'Nordlund, P.'                         28 
'Structural Genomics Consortium (SGC)' 29 
# 
_citation.id                        primary 
_citation.title                     'Structures of Bir Domains from Human Naip and Ciap2.' 
_citation.journal_abbrev            'Acta Crystallogr.,Sect.F' 
_citation.journal_volume            65 
_citation.page_first                1091 
_citation.page_last                 ? 
_citation.year                      2009 
_citation.journal_id_ASTM           ? 
_citation.country                   DK 
_citation.journal_id_ISSN           1744-3091 
_citation.journal_id_CSD            ? 
_citation.book_publisher            ? 
_citation.pdbx_database_id_PubMed   19923725 
_citation.pdbx_database_id_DOI      10.1107/S1744309109038597 
# 
loop_
_citation_author.citation_id 
_citation_author.name 
_citation_author.ordinal 
_citation_author.identifier_ORCID 
primary 'Herman, M.D.'   1 ? 
primary 'Moche, M.'      2 ? 
primary 'Flodin, S.'     3 ? 
primary 'Welin, M.'      4 ? 
primary 'Tresaugues, L.' 5 ? 
primary 'Johansson, I.'  6 ? 
primary 'Nilsson, M.E.'  7 ? 
primary 'Nordlund, P.'   8 ? 
primary 'Nyman, T.'      9 ? 
# 
_cell.entry_id           2VM5 
_cell.length_a           36.500 
_cell.length_b           43.100 
_cell.length_c           57.000 
_cell.angle_alpha        90.00 
_cell.angle_beta         90.00 
_cell.angle_gamma        90.00 
_cell.Z_PDB              4 
_cell.pdbx_unique_axis   ? 
# 
_symmetry.entry_id                         2VM5 
_symmetry.space_group_name_H-M             'P 21 21 21' 
_symmetry.pdbx_full_space_group_name_H-M   ? 
_symmetry.cell_setting                     ? 
_symmetry.Int_Tables_number                19 
# 
loop_
_entity.id 
_entity.type 
_entity.src_method 
_entity.pdbx_description 
_entity.formula_weight 
_entity.pdbx_number_of_molecules 
_entity.pdbx_ec 
_entity.pdbx_mutation 
_entity.pdbx_fragment 
_entity.details 
1 polymer     man 'BACULOVIRAL IAP REPEAT-CONTAINING PROTEIN 1' 12376.056 1  ? ? 'BIR2 DOMAIN, RESIDUES 141-244' ? 
2 non-polymer syn 'ZINC ION'                                    65.409    1  ? ? ?                               ? 
3 non-polymer syn GLYCEROL                                      92.094    1  ? ? ?                               ? 
4 water       nat water                                         18.015    51 ? ? ?                               ? 
# 
_entity_name_com.entity_id   1 
_entity_name_com.name        'BACULOVIRAL INHIBITOR OF APOPTOSIS REPEAT-CONTAINING 1, NEURONAL APOPTOSIS INHIBITORY PROTEIN' 
# 
_entity_poly.entity_id                      1 
_entity_poly.type                           'polypeptide(L)' 
_entity_poly.nstd_linkage                   no 
_entity_poly.nstd_monomer                   no 
_entity_poly.pdbx_seq_one_letter_code       
;SMRVKNLKSRLRGGKMRYQEEEARLASFRNWPFYVQGISPCVLSEAGFVFTGKQDTVQCFSCGGCLGNWEEGDDPWKEHA
KWFPKCEFLRSKKSSEEITQYIQSYK
;
_entity_poly.pdbx_seq_one_letter_code_can   
;SMRVKNLKSRLRGGKMRYQEEEARLASFRNWPFYVQGISPCVLSEAGFVFTGKQDTVQCFSCGGCLGNWEEGDDPWKEHA
KWFPKCEFLRSKKSSEEITQYIQSYK
;
_entity_poly.pdbx_strand_id                 A 
_entity_poly.pdbx_target_identifier         ? 
# 
loop_
_entity_poly_seq.entity_id 
_entity_poly_seq.num 
_entity_poly_seq.mon_id 
_entity_poly_seq.hetero 
1 1   SER n 
1 2   MET n 
1 3   ARG n 
1 4   VAL n 
1 5   LYS n 
1 6   ASN n 
1 7   LEU n 
1 8   LYS n 
1 9   SER n 
1 10  ARG n 
1 11  LEU n 
1 12  ARG n 
1 13  GLY n 
1 14  GLY n 
1 15  LYS n 
1 16  MET n 
1 17  ARG n 
1 18  TYR n 
1 19  GLN n 
1 20  GLU n 
1 21  GLU n 
1 22  GLU n 
1 23  ALA n 
1 24  ARG n 
1 25  LEU n 
1 26  ALA n 
1 27  SER n 
1 28  PHE n 
1 29  ARG n 
1 30  ASN n 
1 31  TRP n 
1 32  PRO n 
1 33  PHE n 
1 34  TYR n 
1 35  VAL n 
1 36  GLN n 
1 37  GLY n 
1 38  ILE n 
1 39  SER n 
1 40  PRO n 
1 41  CYS n 
1 42  VAL n 
1 43  LEU n 
1 44  SER n 
1 45  GLU n 
1 46  ALA n 
1 47  GLY n 
1 48  PHE n 
1 49  VAL n 
1 50  PHE n 
1 51  THR n 
1 52  GLY n 
1 53  LYS n 
1 54  GLN n 
1 55  ASP n 
1 56  THR n 
1 57  VAL n 
1 58  GLN n 
1 59  CYS n 
1 60  PHE n 
1 61  SER n 
1 62  CYS n 
1 63  GLY n 
1 64  GLY n 
1 65  CYS n 
1 66  LEU n 
1 67  GLY n 
1 68  ASN n 
1 69  TRP n 
1 70  GLU n 
1 71  GLU n 
1 72  GLY n 
1 73  ASP n 
1 74  ASP n 
1 75  PRO n 
1 76  TRP n 
1 77  LYS n 
1 78  GLU n 
1 79  HIS n 
1 80  ALA n 
1 81  LYS n 
1 82  TRP n 
1 83  PHE n 
1 84  PRO n 
1 85  LYS n 
1 86  CYS n 
1 87  GLU n 
1 88  PHE n 
1 89  LEU n 
1 90  ARG n 
1 91  SER n 
1 92  LYS n 
1 93  LYS n 
1 94  SER n 
1 95  SER n 
1 96  GLU n 
1 97  GLU n 
1 98  ILE n 
1 99  THR n 
1 100 GLN n 
1 101 TYR n 
1 102 ILE n 
1 103 GLN n 
1 104 SER n 
1 105 TYR n 
1 106 LYS n 
# 
_entity_src_gen.entity_id                          1 
_entity_src_gen.pdbx_src_id                        1 
_entity_src_gen.pdbx_alt_source_flag               sample 
_entity_src_gen.pdbx_seq_type                      ? 
_entity_src_gen.pdbx_beg_seq_num                   ? 
_entity_src_gen.pdbx_end_seq_num                   ? 
_entity_src_gen.gene_src_common_name               HUMAN 
_entity_src_gen.gene_src_genus                     ? 
_entity_src_gen.pdbx_gene_src_gene                 ? 
_entity_src_gen.gene_src_species                   ? 
_entity_src_gen.gene_src_strain                    ? 
_entity_src_gen.gene_src_tissue                    ? 
_entity_src_gen.gene_src_tissue_fraction           ? 
_entity_src_gen.gene_src_details                   ? 
_entity_src_gen.pdbx_gene_src_fragment             ? 
_entity_src_gen.pdbx_gene_src_scientific_name      'HOMO SAPIENS' 
_entity_src_gen.pdbx_gene_src_ncbi_taxonomy_id     9606 
_entity_src_gen.pdbx_gene_src_variant              ? 
_entity_src_gen.pdbx_gene_src_cell_line            ? 
_entity_src_gen.pdbx_gene_src_atcc                 ? 
_entity_src_gen.pdbx_gene_src_organ                ? 
_entity_src_gen.pdbx_gene_src_organelle            ? 
_entity_src_gen.pdbx_gene_src_cell                 ? 
_entity_src_gen.pdbx_gene_src_cellular_location    ? 
_entity_src_gen.host_org_common_name               ? 
_entity_src_gen.pdbx_host_org_scientific_name      'ESCHERICHIA COLI' 
_entity_src_gen.pdbx_host_org_ncbi_taxonomy_id     469008 
_entity_src_gen.host_org_genus                     ? 
_entity_src_gen.pdbx_host_org_gene                 ? 
_entity_src_gen.pdbx_host_org_organ                ? 
_entity_src_gen.host_org_species                   ? 
_entity_src_gen.pdbx_host_org_tissue               ? 
_entity_src_gen.pdbx_host_org_tissue_fraction      ? 
_entity_src_gen.pdbx_host_org_strain               'BL21(DE3) R3 PRARE' 
_entity_src_gen.pdbx_host_org_variant              ? 
_entity_src_gen.pdbx_host_org_cell_line            ? 
_entity_src_gen.pdbx_host_org_atcc                 ? 
_entity_src_gen.pdbx_host_org_culture_collection   ? 
_entity_src_gen.pdbx_host_org_cell                 ? 
_entity_src_gen.pdbx_host_org_organelle            ? 
_entity_src_gen.pdbx_host_org_cellular_location    ? 
_entity_src_gen.pdbx_host_org_vector_type          ? 
_entity_src_gen.pdbx_host_org_vector               ? 
_entity_src_gen.host_org_details                   ? 
_entity_src_gen.expression_system_id               ? 
_entity_src_gen.plasmid_name                       PNIC-BSA4 
_entity_src_gen.plasmid_details                    ? 
_entity_src_gen.pdbx_description                   ? 
# 
loop_
_struct_ref.id 
_struct_ref.db_name 
_struct_ref.db_code 
_struct_ref.entity_id 
_struct_ref.pdbx_seq_one_letter_code 
_struct_ref.pdbx_align_begin 
_struct_ref.pdbx_db_accession 
_struct_ref.pdbx_db_isoform 
1 PDB 2VM5        1 ? ? 2VM5   ? 
2 UNP BIRC1_HUMAN 1 ? ? Q13075 ? 
# 
loop_
_struct_ref_seq.align_id 
_struct_ref_seq.ref_id 
_struct_ref_seq.pdbx_PDB_id_code 
_struct_ref_seq.pdbx_strand_id 
_struct_ref_seq.seq_align_beg 
_struct_ref_seq.pdbx_seq_align_beg_ins_code 
_struct_ref_seq.seq_align_end 
_struct_ref_seq.pdbx_seq_align_end_ins_code 
_struct_ref_seq.pdbx_db_accession 
_struct_ref_seq.db_align_beg 
_struct_ref_seq.pdbx_db_align_beg_ins_code 
_struct_ref_seq.db_align_end 
_struct_ref_seq.pdbx_db_align_end_ins_code 
_struct_ref_seq.pdbx_auth_seq_align_beg 
_struct_ref_seq.pdbx_auth_seq_align_end 
1 1 2VM5 A 1 ? 2   ? 2VM5   139 ? 140 ? 139 140 
2 2 2VM5 A 3 ? 106 ? Q13075 141 ? 244 ? 141 244 
# 
loop_
_chem_comp.id 
_chem_comp.type 
_chem_comp.mon_nstd_flag 
_chem_comp.name 
_chem_comp.pdbx_synonyms 
_chem_comp.formula 
_chem_comp.formula_weight 
ALA 'L-peptide linking' y ALANINE         ?                               'C3 H7 N O2'     89.093  
ARG 'L-peptide linking' y ARGININE        ?                               'C6 H15 N4 O2 1' 175.209 
ASN 'L-peptide linking' y ASPARAGINE      ?                               'C4 H8 N2 O3'    132.118 
ASP 'L-peptide linking' y 'ASPARTIC ACID' ?                               'C4 H7 N O4'     133.103 
CYS 'L-peptide linking' y CYSTEINE        ?                               'C3 H7 N O2 S'   121.158 
GLN 'L-peptide linking' y GLUTAMINE       ?                               'C5 H10 N2 O3'   146.144 
GLU 'L-peptide linking' y 'GLUTAMIC ACID' ?                               'C5 H9 N O4'     147.129 
GLY 'peptide linking'   y GLYCINE         ?                               'C2 H5 N O2'     75.067  
GOL non-polymer         . GLYCEROL        'GLYCERIN; PROPANE-1,2,3-TRIOL' 'C3 H8 O3'       92.094  
HIS 'L-peptide linking' y HISTIDINE       ?                               'C6 H10 N3 O2 1' 156.162 
HOH non-polymer         . WATER           ?                               'H2 O'           18.015  
ILE 'L-peptide linking' y ISOLEUCINE      ?                               'C6 H13 N O2'    131.173 
LEU 'L-peptide linking' y LEUCINE         ?                               'C6 H13 N O2'    131.173 
LYS 'L-peptide linking' y LYSINE          ?                               'C6 H15 N2 O2 1' 147.195 
MET 'L-peptide linking' y METHIONINE      ?                               'C5 H11 N O2 S'  149.211 
PHE 'L-peptide linking' y PHENYLALANINE   ?                               'C9 H11 N O2'    165.189 
PRO 'L-peptide linking' y PROLINE         ?                               'C5 H9 N O2'     115.130 
SER 'L-peptide linking' y SERINE          ?                               'C3 H7 N O3'     105.093 
THR 'L-peptide linking' y THREONINE       ?                               'C4 H9 N O3'     119.119 
TRP 'L-peptide linking' y TRYPTOPHAN      ?                               'C11 H12 N2 O2'  204.225 
TYR 'L-peptide linking' y TYROSINE        ?                               'C9 H11 N O3'    181.189 
VAL 'L-peptide linking' y VALINE          ?                               'C5 H11 N O2'    117.146 
ZN  non-polymer         . 'ZINC ION'      ?                               'Zn 2'           65.409  
# 
_exptl.entry_id          2VM5 
_exptl.method            'X-RAY DIFFRACTION' 
_exptl.crystals_number   1 
# 
_exptl_crystal.id                    1 
_exptl_crystal.density_meas          ? 
_exptl_crystal.density_Matthews      1.8 
_exptl_crystal.density_percent_sol   32.2 
_exptl_crystal.description           NONE 
# 
_exptl_crystal_grow.crystal_id      1 
_exptl_crystal_grow.method          ? 
_exptl_crystal_grow.temp            ? 
_exptl_crystal_grow.temp_details    ? 
_exptl_crystal_grow.pH              5 
_exptl_crystal_grow.pdbx_pH_range   ? 
_exptl_crystal_grow.pdbx_details    '0.1M CITRIC ACID, PH 5, 20% PEG 6000' 
# 
_diffrn.id                     1 
_diffrn.ambient_temp           100 
_diffrn.ambient_temp_details   ? 
_diffrn.crystal_id             1 
# 
_diffrn_detector.diffrn_id              1 
_diffrn_detector.detector               'IMAGE PLATE' 
_diffrn_detector.type                   MARRESEARCH 
_diffrn_detector.pdbx_collection_date   2007-11-30 
_diffrn_detector.details                MIRRORS 
# 
_diffrn_radiation.diffrn_id                        1 
_diffrn_radiation.wavelength_id                    1 
_diffrn_radiation.pdbx_monochromatic_or_laue_m_l   M 
_diffrn_radiation.monochromator                    'SI(111)' 
_diffrn_radiation.pdbx_diffrn_protocol             'SINGLE WAVELENGTH' 
_diffrn_radiation.pdbx_scattering_type             x-ray 
# 
_diffrn_radiation_wavelength.id           1 
_diffrn_radiation_wavelength.wavelength   0.976270 
_diffrn_radiation_wavelength.wt           1.0 
# 
_diffrn_source.diffrn_id                   1 
_diffrn_source.source                      SYNCHROTRON 
_diffrn_source.type                        'ESRF BEAMLINE BM14' 
_diffrn_source.pdbx_synchrotron_site       ESRF 
_diffrn_source.pdbx_synchrotron_beamline   BM14 
_diffrn_source.pdbx_wavelength             0.976270 
_diffrn_source.pdbx_wavelength_list        ? 
# 
_reflns.pdbx_diffrn_id               1 
_reflns.pdbx_ordinal                 1 
_reflns.entry_id                     2VM5 
_reflns.observed_criterion_sigma_I   2.0 
_reflns.observed_criterion_sigma_F   ? 
_reflns.d_resolution_low             30.00 
_reflns.d_resolution_high            1.80 
_reflns.number_obs                   8726 
_reflns.number_all                   ? 
_reflns.percent_possible_obs         99.6 
_reflns.pdbx_Rmerge_I_obs            0.12 
_reflns.pdbx_Rsym_value              ? 
_reflns.pdbx_netI_over_sigmaI        14.93 
_reflns.B_iso_Wilson_estimate        ? 
_reflns.pdbx_redundancy              7.02 
# 
_reflns_shell.pdbx_diffrn_id         1 
_reflns_shell.pdbx_ordinal           1 
_reflns_shell.d_res_high             1.80 
_reflns_shell.d_res_low              1.90 
_reflns_shell.percent_possible_all   99.3 
_reflns_shell.Rmerge_I_obs           0.59 
_reflns_shell.pdbx_Rsym_value        ? 
_reflns_shell.meanI_over_sigI_obs    3.86 
_reflns_shell.pdbx_redundancy        7.13 
# 
_refine.pdbx_refine_id                           'X-RAY DIFFRACTION' 
_refine.entry_id                                 2VM5 
_refine.pdbx_diffrn_id                           1 
_refine.pdbx_TLS_residual_ADP_flag               ? 
_refine.ls_number_reflns_obs                     8131 
_refine.ls_number_reflns_all                     ? 
_refine.pdbx_ls_sigma_I                          ? 
_refine.pdbx_ls_sigma_F                          ? 
_refine.pdbx_data_cutoff_high_absF               ? 
_refine.pdbx_data_cutoff_low_absF                ? 
_refine.pdbx_data_cutoff_high_rms_absF           ? 
_refine.ls_d_res_low                             30.00 
_refine.ls_d_res_high                            1.80 
_refine.ls_percent_reflns_obs                    99.7 
_refine.ls_R_factor_obs                          0.181 
_refine.ls_R_factor_all                          ? 
_refine.ls_R_factor_R_work                       0.178 
_refine.ls_R_factor_R_free                       0.220 
_refine.ls_R_factor_R_free_error                 ? 
_refine.ls_R_factor_R_free_error_details         ? 
_refine.ls_percent_reflns_R_free                 7.000 
_refine.ls_number_reflns_R_free                  614 
_refine.ls_number_parameters                     ? 
_refine.ls_number_restraints                     ? 
_refine.occupancy_min                            ? 
_refine.occupancy_max                            ? 
_refine.correlation_coeff_Fo_to_Fc               0.951 
_refine.correlation_coeff_Fo_to_Fc_free          0.930 
_refine.B_iso_mean                               17.79 
_refine.aniso_B[1][1]                            1.84000 
_refine.aniso_B[2][2]                            -0.27000 
_refine.aniso_B[3][3]                            -1.57000 
_refine.aniso_B[1][2]                            0.00000 
_refine.aniso_B[1][3]                            0.00000 
_refine.aniso_B[2][3]                            0.00000 
_refine.solvent_model_details                    MASK 
_refine.solvent_model_param_ksol                 ? 
_refine.solvent_model_param_bsol                 ? 
_refine.pdbx_solvent_vdw_probe_radii             1.20 
_refine.pdbx_solvent_ion_probe_radii             0.80 
_refine.pdbx_solvent_shrinkage_radii             0.80 
_refine.pdbx_ls_cross_valid_method               THROUGHOUT 
_refine.details                                  
;HYDROGENS HAVE BEEN ADDED IN THE RIDING POSITIONS. RESIDUES 151-153 ARE DISORDERED. SER139 AND MET140 ARE FROM VECTOR SHOULD BE ASP AND ILE IN REAL SEQUENCE.
;
_refine.pdbx_starting_model                      'PDB ENTRY 2UVL' 
_refine.pdbx_method_to_determine_struct          'MOLECULAR REPLACEMENT' 
_refine.pdbx_isotropic_thermal_model             ? 
_refine.pdbx_stereochemistry_target_values       'MAXIMUM LIKELIHOOD' 
_refine.pdbx_stereochem_target_val_spec_case     ? 
_refine.pdbx_R_Free_selection_details            RANDOM 
_refine.pdbx_overall_ESU_R                       0.149 
_refine.pdbx_overall_ESU_R_Free                  0.136 
_refine.overall_SU_ML                            0.083 
_refine.pdbx_overall_phase_error                 ? 
_refine.overall_SU_B                             2.595 
_refine.overall_SU_R_Cruickshank_DPI             ? 
_refine.pdbx_overall_SU_R_free_Cruickshank_DPI   ? 
_refine.pdbx_overall_SU_R_Blow_DPI               ? 
_refine.pdbx_overall_SU_R_free_Blow_DPI          ? 
# 
_refine_hist.pdbx_refine_id                   'X-RAY DIFFRACTION' 
_refine_hist.cycle_id                         LAST 
_refine_hist.pdbx_number_atoms_protein        852 
_refine_hist.pdbx_number_atoms_nucleic_acid   0 
_refine_hist.pdbx_number_atoms_ligand         7 
_refine_hist.number_atoms_solvent             51 
_refine_hist.number_atoms_total               910 
_refine_hist.d_res_high                       1.80 
_refine_hist.d_res_low                        30.00 
# 
loop_
_refine_ls_restr.type 
_refine_ls_restr.dev_ideal 
_refine_ls_restr.dev_ideal_target 
_refine_ls_restr.weight 
_refine_ls_restr.number 
_refine_ls_restr.pdbx_refine_id 
_refine_ls_restr.pdbx_restraint_function 
r_bond_refined_d             0.015  0.022  ? 886  'X-RAY DIFFRACTION' ? 
r_bond_other_d               ?      ?      ? ?    'X-RAY DIFFRACTION' ? 
r_angle_refined_deg          1.324  1.938  ? 1188 'X-RAY DIFFRACTION' ? 
r_angle_other_deg            ?      ?      ? ?    'X-RAY DIFFRACTION' ? 
r_dihedral_angle_1_deg       5.244  5.000  ? 103  'X-RAY DIFFRACTION' ? 
r_dihedral_angle_2_deg       33.794 23.478 ? 46   'X-RAY DIFFRACTION' ? 
r_dihedral_angle_3_deg       16.658 15.000 ? 160  'X-RAY DIFFRACTION' ? 
r_dihedral_angle_4_deg       13.164 15.000 ? 7    'X-RAY DIFFRACTION' ? 
r_chiral_restr               0.092  0.200  ? 114  'X-RAY DIFFRACTION' ? 
r_gen_planes_refined         0.007  0.020  ? 682  'X-RAY DIFFRACTION' ? 
r_gen_planes_other           ?      ?      ? ?    'X-RAY DIFFRACTION' ? 
r_nbd_refined                0.202  0.200  ? 380  'X-RAY DIFFRACTION' ? 
r_nbd_other                  ?      ?      ? ?    'X-RAY DIFFRACTION' ? 
r_nbtor_refined              0.314  0.200  ? 583  'X-RAY DIFFRACTION' ? 
r_nbtor_other                ?      ?      ? ?    'X-RAY DIFFRACTION' ? 
r_xyhbond_nbd_refined        0.093  0.200  ? 43   'X-RAY DIFFRACTION' ? 
r_xyhbond_nbd_other          ?      ?      ? ?    'X-RAY DIFFRACTION' ? 
r_metal_ion_refined          ?      ?      ? ?    'X-RAY DIFFRACTION' ? 
r_metal_ion_other            ?      ?      ? ?    'X-RAY DIFFRACTION' ? 
r_symmetry_vdw_refined       0.220  0.200  ? 91   'X-RAY DIFFRACTION' ? 
r_symmetry_vdw_other         ?      ?      ? ?    'X-RAY DIFFRACTION' ? 
r_symmetry_hbond_refined     0.127  0.200  ? 19   'X-RAY DIFFRACTION' ? 
r_symmetry_hbond_other       ?      ?      ? ?    'X-RAY DIFFRACTION' ? 
r_symmetry_metal_ion_refined ?      ?      ? ?    'X-RAY DIFFRACTION' ? 
r_symmetry_metal_ion_other   ?      ?      ? ?    'X-RAY DIFFRACTION' ? 
r_mcbond_it                  1.162  1.500  ? 529  'X-RAY DIFFRACTION' ? 
r_mcbond_other               ?      ?      ? ?    'X-RAY DIFFRACTION' ? 
r_mcangle_it                 1.746  2.000  ? 824  'X-RAY DIFFRACTION' ? 
r_mcangle_other              ?      ?      ? ?    'X-RAY DIFFRACTION' ? 
r_scbond_it                  2.365  3.000  ? 421  'X-RAY DIFFRACTION' ? 
r_scbond_other               ?      ?      ? ?    'X-RAY DIFFRACTION' ? 
r_scangle_it                 3.660  4.500  ? 363  'X-RAY DIFFRACTION' ? 
r_scangle_other              ?      ?      ? ?    'X-RAY DIFFRACTION' ? 
r_long_range_B_refined       ?      ?      ? ?    'X-RAY DIFFRACTION' ? 
r_long_range_B_other         ?      ?      ? ?    'X-RAY DIFFRACTION' ? 
r_rigid_bond_restr           ?      ?      ? ?    'X-RAY DIFFRACTION' ? 
r_sphericity_free            ?      ?      ? ?    'X-RAY DIFFRACTION' ? 
r_sphericity_bonded          ?      ?      ? ?    'X-RAY DIFFRACTION' ? 
# 
_refine_ls_shell.pdbx_refine_id                   'X-RAY DIFFRACTION' 
_refine_ls_shell.pdbx_total_number_of_bins_used   20 
_refine_ls_shell.d_res_high                       1.80 
_refine_ls_shell.d_res_low                        1.85 
_refine_ls_shell.number_reflns_R_work             576 
_refine_ls_shell.R_factor_R_work                  0.2110 
_refine_ls_shell.percent_reflns_obs               ? 
_refine_ls_shell.R_factor_R_free                  0.2440 
_refine_ls_shell.R_factor_R_free_error            ? 
_refine_ls_shell.percent_reflns_R_free            ? 
_refine_ls_shell.number_reflns_R_free             51 
_refine_ls_shell.number_reflns_all                ? 
_refine_ls_shell.R_factor_all                     ? 
# 
_struct.entry_id                  2VM5 
_struct.title                     'HUMAN BIR2 DOMAIN OF BACULOVIRAL INHIBITOR OF APOPTOSIS REPEAT- CONTAINING 1 (BIRC1)' 
_struct.pdbx_model_details        ? 
_struct.pdbx_CASP_flag            ? 
_struct.pdbx_model_type_details   ? 
# 
_struct_keywords.entry_id        2VM5 
_struct_keywords.pdbx_keywords   APOPTOSIS 
_struct_keywords.text            APOPTOSIS 
# 
loop_
_struct_asym.id 
_struct_asym.pdbx_blank_PDB_chainid_flag 
_struct_asym.pdbx_modified 
_struct_asym.entity_id 
_struct_asym.details 
A N N 1 ? 
B N N 2 ? 
C N N 3 ? 
D N N 4 ? 
# 
_struct_biol.id   1 
# 
loop_
_struct_conf.conf_type_id 
_struct_conf.id 
_struct_conf.pdbx_PDB_helix_id 
_struct_conf.beg_label_comp_id 
_struct_conf.beg_label_asym_id 
_struct_conf.beg_label_seq_id 
_struct_conf.pdbx_beg_PDB_ins_code 
_struct_conf.end_label_comp_id 
_struct_conf.end_label_asym_id 
_struct_conf.end_label_seq_id 
_struct_conf.pdbx_end_PDB_ins_code 
_struct_conf.beg_auth_comp_id 
_struct_conf.beg_auth_asym_id 
_struct_conf.beg_auth_seq_id 
_struct_conf.end_auth_comp_id 
_struct_conf.end_auth_asym_id 
_struct_conf.end_auth_seq_id 
_struct_conf.pdbx_PDB_helix_class 
_struct_conf.details 
_struct_conf.pdbx_PDB_helix_length 
HELX_P HELX_P1 1 GLU A 20 ? SER A 27 ? GLU A 158 SER A 165 1 ? 8  
HELX_P HELX_P2 2 PHE A 28 ? TRP A 31 ? PHE A 166 TRP A 169 5 ? 4  
HELX_P HELX_P3 3 PRO A 32 ? GLN A 36 ? PRO A 170 GLN A 174 5 ? 5  
HELX_P HELX_P4 4 SER A 39 ? ALA A 46 ? SER A 177 ALA A 184 1 ? 8  
HELX_P HELX_P5 5 ASP A 74 ? PHE A 83 ? ASP A 212 PHE A 221 1 ? 10 
HELX_P HELX_P6 6 CYS A 86 ? SER A 94 ? CYS A 224 SER A 232 1 ? 9  
# 
_struct_conf_type.id          HELX_P 
_struct_conf_type.criteria    ? 
_struct_conf_type.reference   ? 
# 
loop_
_struct_conn.id 
_struct_conn.conn_type_id 
_struct_conn.pdbx_leaving_atom_flag 
_struct_conn.pdbx_PDB_id 
_struct_conn.ptnr1_label_asym_id 
_struct_conn.ptnr1_label_comp_id 
_struct_conn.ptnr1_label_seq_id 
_struct_conn.ptnr1_label_atom_id 
_struct_conn.pdbx_ptnr1_label_alt_id 
_struct_conn.pdbx_ptnr1_PDB_ins_code 
_struct_conn.pdbx_ptnr1_standard_comp_id 
_struct_conn.ptnr1_symmetry 
_struct_conn.ptnr2_label_asym_id 
_struct_conn.ptnr2_label_comp_id 
_struct_conn.ptnr2_label_seq_id 
_struct_conn.ptnr2_label_atom_id 
_struct_conn.pdbx_ptnr2_label_alt_id 
_struct_conn.pdbx_ptnr2_PDB_ins_code 
_struct_conn.ptnr1_auth_asym_id 
_struct_conn.ptnr1_auth_comp_id 
_struct_conn.ptnr1_auth_seq_id 
_struct_conn.ptnr2_auth_asym_id 
_struct_conn.ptnr2_auth_comp_id 
_struct_conn.ptnr2_auth_seq_id 
_struct_conn.ptnr2_symmetry 
_struct_conn.pdbx_ptnr3_label_atom_id 
_struct_conn.pdbx_ptnr3_label_seq_id 
_struct_conn.pdbx_ptnr3_label_comp_id 
_struct_conn.pdbx_ptnr3_label_asym_id 
_struct_conn.pdbx_ptnr3_label_alt_id 
_struct_conn.pdbx_ptnr3_PDB_ins_code 
_struct_conn.details 
_struct_conn.pdbx_dist_value 
_struct_conn.pdbx_value_order 
_struct_conn.pdbx_role 
metalc1 metalc ? ? A CYS 59 SG  ? ? ? 1_555 B ZN . ZN ? ? A CYS 197 A ZN 1245 1_555 ? ? ? ? ? ? ? 2.396 ? ? 
metalc2 metalc ? ? A CYS 62 SG  ? ? ? 1_555 B ZN . ZN ? ? A CYS 200 A ZN 1245 1_555 ? ? ? ? ? ? ? 2.292 ? ? 
metalc3 metalc ? ? A HIS 79 NE2 ? ? ? 1_555 B ZN . ZN ? ? A HIS 217 A ZN 1245 1_555 ? ? ? ? ? ? ? 2.157 ? ? 
metalc4 metalc ? ? A CYS 86 SG  ? ? ? 1_555 B ZN . ZN ? ? A CYS 224 A ZN 1245 1_555 ? ? ? ? ? ? ? 2.343 ? ? 
# 
_struct_conn_type.id          metalc 
_struct_conn_type.criteria    ? 
_struct_conn_type.reference   ? 
# 
_struct_sheet.id               AA 
_struct_sheet.type             ? 
_struct_sheet.number_strands   4 
_struct_sheet.details          ? 
# 
loop_
_struct_sheet_order.sheet_id 
_struct_sheet_order.range_id_1 
_struct_sheet_order.range_id_2 
_struct_sheet_order.offset 
_struct_sheet_order.sense 
AA 1 2 ? anti-parallel 
AA 2 3 ? anti-parallel 
AA 3 4 ? anti-parallel 
# 
loop_
_struct_sheet_range.sheet_id 
_struct_sheet_range.id 
_struct_sheet_range.beg_label_comp_id 
_struct_sheet_range.beg_label_asym_id 
_struct_sheet_range.beg_label_seq_id 
_struct_sheet_range.pdbx_beg_PDB_ins_code 
_struct_sheet_range.end_label_comp_id 
_struct_sheet_range.end_label_asym_id 
_struct_sheet_range.end_label_seq_id 
_struct_sheet_range.pdbx_end_PDB_ins_code 
_struct_sheet_range.beg_auth_comp_id 
_struct_sheet_range.beg_auth_asym_id 
_struct_sheet_range.beg_auth_seq_id 
_struct_sheet_range.end_auth_comp_id 
_struct_sheet_range.end_auth_asym_id 
_struct_sheet_range.end_auth_seq_id 
AA 1 MET A 2  ? ARG A 3  ? MET A 140 ARG A 141 
AA 2 CYS A 65 ? GLY A 67 ? CYS A 203 GLY A 205 
AA 3 VAL A 57 ? CYS A 59 ? VAL A 195 CYS A 197 
AA 4 PHE A 48 ? PHE A 50 ? PHE A 186 PHE A 188 
# 
loop_
_pdbx_struct_sheet_hbond.sheet_id 
_pdbx_struct_sheet_hbond.range_id_1 
_pdbx_struct_sheet_hbond.range_id_2 
_pdbx_struct_sheet_hbond.range_1_label_atom_id 
_pdbx_struct_sheet_hbond.range_1_label_comp_id 
_pdbx_struct_sheet_hbond.range_1_label_asym_id 
_pdbx_struct_sheet_hbond.range_1_label_seq_id 
_pdbx_struct_sheet_hbond.range_1_PDB_ins_code 
_pdbx_struct_sheet_hbond.range_1_auth_atom_id 
_pdbx_struct_sheet_hbond.range_1_auth_comp_id 
_pdbx_struct_sheet_hbond.range_1_auth_asym_id 
_pdbx_struct_sheet_hbond.range_1_auth_seq_id 
_pdbx_struct_sheet_hbond.range_2_label_atom_id 
_pdbx_struct_sheet_hbond.range_2_label_comp_id 
_pdbx_struct_sheet_hbond.range_2_label_asym_id 
_pdbx_struct_sheet_hbond.range_2_label_seq_id 
_pdbx_struct_sheet_hbond.range_2_PDB_ins_code 
_pdbx_struct_sheet_hbond.range_2_auth_atom_id 
_pdbx_struct_sheet_hbond.range_2_auth_comp_id 
_pdbx_struct_sheet_hbond.range_2_auth_asym_id 
_pdbx_struct_sheet_hbond.range_2_auth_seq_id 
AA 1 2 N MET A 2  ? N MET A 140 O GLY A 67 ? O GLY A 205 
AA 2 3 N LEU A 66 ? N LEU A 204 O VAL A 57 ? O VAL A 195 
AA 3 4 N GLN A 58 ? N GLN A 196 O VAL A 49 ? O VAL A 187 
# 
loop_
_struct_site.id 
_struct_site.pdbx_evidence_code 
_struct_site.pdbx_auth_asym_id 
_struct_site.pdbx_auth_comp_id 
_struct_site.pdbx_auth_seq_id 
_struct_site.pdbx_auth_ins_code 
_struct_site.pdbx_num_residues 
_struct_site.details 
AC1 Software A ZN  1245 ? 4 'BINDING SITE FOR RESIDUE ZN A 1245'  
AC2 Software A GOL 1246 ? 8 'BINDING SITE FOR RESIDUE GOL A 1246' 
# 
loop_
_struct_site_gen.id 
_struct_site_gen.site_id 
_struct_site_gen.pdbx_num_res 
_struct_site_gen.label_comp_id 
_struct_site_gen.label_asym_id 
_struct_site_gen.label_seq_id 
_struct_site_gen.pdbx_auth_ins_code 
_struct_site_gen.auth_comp_id 
_struct_site_gen.auth_asym_id 
_struct_site_gen.auth_seq_id 
_struct_site_gen.label_atom_id 
_struct_site_gen.label_alt_id 
_struct_site_gen.symmetry 
_struct_site_gen.details 
1  AC1 4 CYS A 59 ? CYS A 197  . ? 1_555 ? 
2  AC1 4 CYS A 62 ? CYS A 200  . ? 1_555 ? 
3  AC1 4 HIS A 79 ? HIS A 217  . ? 1_555 ? 
4  AC1 4 CYS A 86 ? CYS A 224  . ? 1_555 ? 
5  AC2 8 GLY A 37 ? GLY A 175  . ? 1_555 ? 
6  AC2 8 ILE A 38 ? ILE A 176  . ? 1_555 ? 
7  AC2 8 SER A 39 ? SER A 177  . ? 1_555 ? 
8  AC2 8 GLN A 54 ? GLN A 192  . ? 3_544 ? 
9  AC2 8 ASP A 73 ? ASP A 211  . ? 1_555 ? 
10 AC2 8 HOH D .  ? HOH A 2026 . ? 1_555 ? 
11 AC2 8 HOH D .  ? HOH A 2050 . ? 1_555 ? 
12 AC2 8 HOH D .  ? HOH A 2051 . ? 1_555 ? 
# 
_atom_sites.entry_id                    2VM5 
_atom_sites.fract_transf_matrix[1][1]   -0.01855474 
_atom_sites.fract_transf_matrix[1][2]   0.01981660 
_atom_sites.fract_transf_matrix[1][3]   -0.00369048 
_atom_sites.fract_transf_matrix[2][1]   -0.00885612 
_atom_sites.fract_transf_matrix[2][2]   -0.00438267 
_atom_sites.fract_transf_matrix[2][3]   0.02099272 
_atom_sites.fract_transf_matrix[3][1]   0.01103508 
_atom_sites.fract_transf_matrix[3][2]   0.01165242 
_atom_sites.fract_transf_matrix[3][3]   0.00708802 
_atom_sites.fract_transf_vector[1]      -0.161850 
_atom_sites.fract_transf_vector[2]      0.071193 
_atom_sites.fract_transf_vector[3]      -0.180314 
# 
loop_
_atom_type.symbol 
C  
N  
O  
S  
ZN 
# 
loop_
_atom_site.group_PDB 
_atom_site.id 
_atom_site.type_symbol 
_atom_site.label_atom_id 
_atom_site.label_alt_id 
_atom_site.label_comp_id 
_atom_site.label_asym_id 
_atom_site.label_entity_id 
_atom_site.label_seq_id 
_atom_site.pdbx_PDB_ins_code 
_atom_site.Cartn_x 
_atom_site.Cartn_y 
_atom_site.Cartn_z 
_atom_site.occupancy 
_atom_site.B_iso_or_equiv 
_atom_site.pdbx_formal_charge 
_atom_site.auth_seq_id 
_atom_site.auth_comp_id 
_atom_site.auth_asym_id 
_atom_site.auth_atom_id 
_atom_site.pdbx_PDB_model_num 
ATOM   1   N  N   . SER A 1 1   ? -8.029  7.014   6.177   1.00 11.68 ? 139  SER A N   1 
ATOM   2   C  CA  . SER A 1 1   ? -7.586  5.816   6.955   1.00 11.39 ? 139  SER A CA  1 
ATOM   3   C  C   . SER A 1 1   ? -6.872  6.273   8.227   1.00 11.10 ? 139  SER A C   1 
ATOM   4   O  O   . SER A 1 1   ? -6.456  7.443   8.333   1.00 10.92 ? 139  SER A O   1 
ATOM   5   C  CB  . SER A 1 1   ? -6.656  4.908   6.141   1.00 11.96 ? 139  SER A CB  1 
ATOM   6   O  OG  . SER A 1 1   ? -5.314  5.399   6.104   1.00 12.33 ? 139  SER A OG  1 
ATOM   7   N  N   . MET A 1 2   ? -6.779  5.347   9.170   1.00 9.99  ? 140  MET A N   1 
ATOM   8   C  CA  . MET A 1 2   ? -6.087  5.541   10.458  1.00 10.48 ? 140  MET A CA  1 
ATOM   9   C  C   . MET A 1 2   ? -4.885  4.625   10.630  1.00 10.05 ? 140  MET A C   1 
ATOM   10  O  O   . MET A 1 2   ? -4.910  3.421   10.298  1.00 9.83  ? 140  MET A O   1 
ATOM   11  C  CB  . MET A 1 2   ? -7.068  5.318   11.612  1.00 10.40 ? 140  MET A CB  1 
ATOM   12  C  CG  . MET A 1 2   ? -8.257  6.249   11.529  1.00 12.89 ? 140  MET A CG  1 
ATOM   13  S  SD  . MET A 1 2   ? -9.409  5.941   12.908  1.00 13.50 ? 140  MET A SD  1 
ATOM   14  C  CE  . MET A 1 2   ? -8.560  6.858   14.226  1.00 16.47 ? 140  MET A CE  1 
ATOM   15  N  N   . ARG A 1 3   ? -3.813  5.192   11.185  1.00 10.70 ? 141  ARG A N   1 
ATOM   16  C  CA  . ARG A 1 3   ? -2.694  4.408   11.584  1.00 10.43 ? 141  ARG A CA  1 
ATOM   17  C  C   . ARG A 1 3   ? -3.065  3.467   12.729  1.00 10.55 ? 141  ARG A C   1 
ATOM   18  O  O   . ARG A 1 3   ? -3.703  3.858   13.709  1.00 10.96 ? 141  ARG A O   1 
ATOM   19  C  CB  . ARG A 1 3   ? -1.494  5.287   11.961  1.00 11.06 ? 141  ARG A CB  1 
ATOM   20  C  CG  . ARG A 1 3   ? -0.326  4.440   12.417  1.00 10.73 ? 141  ARG A CG  1 
ATOM   21  C  CD  . ARG A 1 3   ? 0.911   5.273   12.583  1.00 11.97 ? 141  ARG A CD  1 
ATOM   22  N  NE  . ARG A 1 3   ? 2.092   4.445   12.808  1.00 12.99 ? 141  ARG A NE  1 
ATOM   23  C  CZ  . ARG A 1 3   ? 3.243   4.933   13.258  1.00 17.12 ? 141  ARG A CZ  1 
ATOM   24  N  NH1 . ARG A 1 3   ? 3.328   6.232   13.587  1.00 16.40 ? 141  ARG A NH1 1 
ATOM   25  N  NH2 . ARG A 1 3   ? 4.281   4.132   13.417  1.00 14.62 ? 141  ARG A NH2 1 
ATOM   26  N  N   . VAL A 1 4   ? -2.649  2.217   12.562  1.00 11.07 ? 142  VAL A N   1 
ATOM   27  C  CA  . VAL A 1 4   ? -2.761  1.188   13.576  1.00 13.54 ? 142  VAL A CA  1 
ATOM   28  C  C   . VAL A 1 4   ? -1.388  0.925   14.241  1.00 14.81 ? 142  VAL A C   1 
ATOM   29  O  O   . VAL A 1 4   ? -0.404  0.605   13.577  1.00 15.50 ? 142  VAL A O   1 
ATOM   30  C  CB  . VAL A 1 4   ? -3.414  -0.076  12.967  1.00 12.85 ? 142  VAL A CB  1 
ATOM   31  C  CG1 . VAL A 1 4   ? -3.544  -1.205  14.018  1.00 12.76 ? 142  VAL A CG1 1 
ATOM   32  C  CG2 . VAL A 1 4   ? -4.820  0.345   12.432  1.00 11.96 ? 142  VAL A CG2 1 
ATOM   33  N  N   . LYS A 1 5   ? -1.349  1.067   15.559  1.00 17.71 ? 143  LYS A N   1 
ATOM   34  C  CA  . LYS A 1 5   ? -0.152  0.745   16.345  1.00 20.28 ? 143  LYS A CA  1 
ATOM   35  C  C   . LYS A 1 5   ? -0.426  -0.431  17.276  1.00 22.23 ? 143  LYS A C   1 
ATOM   36  O  O   . LYS A 1 5   ? -1.569  -0.659  17.694  1.00 20.37 ? 143  LYS A O   1 
ATOM   37  C  CB  . LYS A 1 5   ? 0.300   1.947   17.174  1.00 20.90 ? 143  LYS A CB  1 
ATOM   38  C  CG  . LYS A 1 5   ? 1.128   2.986   16.414  1.00 24.36 ? 143  LYS A CG  1 
ATOM   39  C  CD  . LYS A 1 5   ? 1.213   4.246   17.264  1.00 29.95 ? 143  LYS A CD  1 
ATOM   40  C  CE  . LYS A 1 5   ? 2.295   5.208   16.787  1.00 34.96 ? 143  LYS A CE  1 
ATOM   41  N  NZ  . LYS A 1 5   ? 2.187   6.523   17.526  1.00 37.23 ? 143  LYS A NZ  1 
ATOM   42  N  N   . ASN A 1 6   ? 0.637   -1.160  17.622  1.00 24.42 ? 144  ASN A N   1 
ATOM   43  C  CA  . ASN A 1 6   ? 0.533   -2.298  18.528  1.00 26.98 ? 144  ASN A CA  1 
ATOM   44  C  C   . ASN A 1 6   ? -0.379  -3.393  17.958  1.00 28.21 ? 144  ASN A C   1 
ATOM   45  O  O   . ASN A 1 6   ? -1.093  -4.069  18.711  1.00 28.68 ? 144  ASN A O   1 
ATOM   46  C  CB  . ASN A 1 6   ? -0.002  -1.808  19.887  1.00 27.76 ? 144  ASN A CB  1 
ATOM   47  C  CG  . ASN A 1 6   ? 0.800   -2.313  21.066  1.00 29.85 ? 144  ASN A CG  1 
ATOM   48  O  OD1 . ASN A 1 6   ? 1.938   -2.767  20.919  1.00 33.02 ? 144  ASN A OD1 1 
ATOM   49  N  ND2 . ASN A 1 6   ? 0.212   -2.214  22.262  1.00 31.89 ? 144  ASN A ND2 1 
ATOM   50  N  N   . LEU A 1 7   ? -0.391  -3.532  16.631  1.00 29.77 ? 145  LEU A N   1 
ATOM   51  C  CA  . LEU A 1 7   ? -1.174  -4.585  15.979  1.00 31.89 ? 145  LEU A CA  1 
ATOM   52  C  C   . LEU A 1 7   ? -0.496  -5.911  16.281  1.00 33.67 ? 145  LEU A C   1 
ATOM   53  O  O   . LEU A 1 7   ? 0.720   -6.056  16.131  1.00 33.89 ? 145  LEU A O   1 
ATOM   54  C  CB  . LEU A 1 7   ? -1.287  -4.382  14.462  1.00 30.97 ? 145  LEU A CB  1 
ATOM   55  C  CG  . LEU A 1 7   ? -2.042  -5.491  13.701  1.00 30.76 ? 145  LEU A CG  1 
ATOM   56  C  CD1 . LEU A 1 7   ? -3.553  -5.324  13.850  1.00 30.80 ? 145  LEU A CD1 1 
ATOM   57  C  CD2 . LEU A 1 7   ? -1.658  -5.540  12.233  1.00 30.83 ? 145  LEU A CD2 1 
ATOM   58  N  N   . LYS A 1 8   ? -1.293  -6.881  16.701  1.00 35.65 ? 146  LYS A N   1 
ATOM   59  C  CA  . LYS A 1 8   ? -0.733  -8.110  17.233  1.00 37.64 ? 146  LYS A CA  1 
ATOM   60  C  C   . LYS A 1 8   ? -0.585  -9.176  16.149  1.00 38.20 ? 146  LYS A C   1 
ATOM   61  O  O   . LYS A 1 8   ? -0.786  -10.369 16.401  1.00 39.12 ? 146  LYS A O   1 
ATOM   62  C  CB  . LYS A 1 8   ? -1.597  -8.601  18.404  1.00 37.96 ? 146  LYS A CB  1 
ATOM   63  C  CG  . LYS A 1 8   ? -1.676  -7.621  19.582  1.00 40.04 ? 146  LYS A CG  1 
ATOM   64  C  CD  . LYS A 1 8   ? -2.897  -7.917  20.454  1.00 42.61 ? 146  LYS A CD  1 
ATOM   65  C  CE  . LYS A 1 8   ? -2.598  -7.641  21.933  1.00 43.76 ? 146  LYS A CE  1 
ATOM   66  N  NZ  . LYS A 1 8   ? -3.536  -8.364  22.856  1.00 43.84 ? 146  LYS A NZ  1 
ATOM   67  N  N   . SER A 1 9   ? -0.237  -8.733  14.943  1.00 38.51 ? 147  SER A N   1 
ATOM   68  C  CA  . SER A 1 9   ? -0.019  -9.628  13.808  1.00 38.57 ? 147  SER A CA  1 
ATOM   69  C  C   . SER A 1 9   ? 1.270   -9.291  13.060  1.00 38.74 ? 147  SER A C   1 
ATOM   70  O  O   . SER A 1 9   ? 1.734   -8.147  13.079  1.00 38.49 ? 147  SER A O   1 
ATOM   71  C  CB  . SER A 1 9   ? -1.202  -9.572  12.843  1.00 38.61 ? 147  SER A CB  1 
ATOM   72  O  OG  . SER A 1 9   ? -1.144  -10.627 11.906  1.00 39.02 ? 147  SER A OG  1 
ATOM   73  N  N   . ARG A 1 10  ? 1.844   -10.300 12.411  1.00 39.01 ? 148  ARG A N   1 
ATOM   74  C  CA  . ARG A 1 10  ? 2.963   -10.090 11.502  1.00 39.34 ? 148  ARG A CA  1 
ATOM   75  C  C   . ARG A 1 10  ? 2.707   -10.811 10.181  1.00 39.44 ? 148  ARG A C   1 
ATOM   76  O  O   . ARG A 1 10  ? 1.915   -11.760 10.121  1.00 39.36 ? 148  ARG A O   1 
ATOM   77  C  CB  . ARG A 1 10  ? 4.286   -10.553 12.119  1.00 39.62 ? 148  ARG A CB  1 
ATOM   78  C  CG  . ARG A 1 10  ? 5.484   -9.667  11.750  1.00 40.74 ? 148  ARG A CG  1 
ATOM   79  C  CD  . ARG A 1 10  ? 5.205   -8.796  10.503  1.00 40.25 ? 148  ARG A CD  1 
ATOM   80  N  NE  . ARG A 1 10  ? 6.205   -7.767  10.298  1.00 41.04 ? 148  ARG A NE  1 
ATOM   81  C  CZ  . ARG A 1 10  ? 6.358   -6.699  11.081  1.00 42.78 ? 148  ARG A CZ  1 
ATOM   82  N  NH1 . ARG A 1 10  ? 7.305   -5.805  10.818  1.00 43.19 ? 148  ARG A NH1 1 
ATOM   83  N  NH2 . ARG A 1 10  ? 5.571   -6.524  12.131  1.00 43.91 ? 148  ARG A NH2 1 
ATOM   84  N  N   . LEU A 1 11  ? 3.379   -10.350 9.128   1.00 39.52 ? 149  LEU A N   1 
ATOM   85  C  CA  . LEU A 1 11  ? 3.195   -10.913 7.794   1.00 39.79 ? 149  LEU A CA  1 
ATOM   86  C  C   . LEU A 1 11  ? 3.964   -12.226 7.692   1.00 40.67 ? 149  LEU A C   1 
ATOM   87  O  O   . LEU A 1 11  ? 5.197   -12.235 7.772   1.00 40.74 ? 149  LEU A O   1 
ATOM   88  C  CB  . LEU A 1 11  ? 3.636   -9.921  6.708   1.00 39.27 ? 149  LEU A CB  1 
ATOM   89  C  CG  . LEU A 1 11  ? 2.949   -8.548  6.693   1.00 37.01 ? 149  LEU A CG  1 
ATOM   90  C  CD1 . LEU A 1 11  ? 3.442   -7.726  5.531   1.00 33.86 ? 149  LEU A CD1 1 
ATOM   91  C  CD2 . LEU A 1 11  ? 1.412   -8.663  6.669   1.00 34.98 ? 149  LEU A CD2 1 
ATOM   92  N  N   . ARG A 1 12  ? 3.227   -13.325 7.537   1.00 41.57 ? 150  ARG A N   1 
ATOM   93  C  CA  . ARG A 1 12  ? 3.814   -14.668 7.512   1.00 42.70 ? 150  ARG A CA  1 
ATOM   94  C  C   . ARG A 1 12  ? 4.401   -15.027 6.149   1.00 42.37 ? 150  ARG A C   1 
ATOM   95  O  O   . ARG A 1 12  ? 5.263   -14.320 5.628   1.00 42.65 ? 150  ARG A O   1 
ATOM   96  C  CB  . ARG A 1 12  ? 2.774   -15.713 7.944   1.00 43.18 ? 150  ARG A CB  1 
ATOM   97  C  CG  . ARG A 1 12  ? 2.867   -16.116 9.425   1.00 45.19 ? 150  ARG A CG  1 
ATOM   98  C  CD  . ARG A 1 12  ? 1.527   -16.545 9.997   1.00 47.73 ? 150  ARG A CD  1 
ATOM   99  N  NE  . ARG A 1 12  ? 0.598   -15.417 10.092  1.00 50.19 ? 150  ARG A NE  1 
ATOM   100 C  CZ  . ARG A 1 12  ? -0.658  -15.508 10.523  1.00 50.90 ? 150  ARG A CZ  1 
ATOM   101 N  NH1 . ARG A 1 12  ? -1.147  -16.679 10.913  1.00 52.20 ? 150  ARG A NH1 1 
ATOM   102 N  NH2 . ARG A 1 12  ? -1.424  -14.428 10.564  1.00 51.44 ? 150  ARG A NH2 1 
ATOM   103 N  N   . MET A 1 16  ? 10.597  -10.877 2.324   1.00 37.97 ? 154  MET A N   1 
ATOM   104 C  CA  . MET A 1 16  ? 10.823  -11.148 0.902   1.00 38.18 ? 154  MET A CA  1 
ATOM   105 C  C   . MET A 1 16  ? 9.591   -11.776 0.229   1.00 36.00 ? 154  MET A C   1 
ATOM   106 O  O   . MET A 1 16  ? 9.443   -11.738 -0.995  1.00 36.24 ? 154  MET A O   1 
ATOM   107 C  CB  . MET A 1 16  ? 12.101  -11.982 0.697   1.00 37.99 ? 154  MET A CB  1 
ATOM   108 C  CG  . MET A 1 16  ? 12.369  -12.424 -0.758  1.00 39.91 ? 154  MET A CG  1 
ATOM   109 S  SD  . MET A 1 16  ? 14.092  -12.278 -1.334  1.00 41.99 ? 154  MET A SD  1 
ATOM   110 C  CE  . MET A 1 16  ? 14.267  -10.495 -1.403  1.00 39.99 ? 154  MET A CE  1 
ATOM   111 N  N   . ARG A 1 17  ? 8.698   -12.320 1.046   1.00 34.37 ? 155  ARG A N   1 
ATOM   112 C  CA  . ARG A 1 17  ? 7.451   -12.907 0.568   1.00 32.44 ? 155  ARG A CA  1 
ATOM   113 C  C   . ARG A 1 17  ? 6.588   -11.907 -0.243  1.00 30.53 ? 155  ARG A C   1 
ATOM   114 O  O   . ARG A 1 17  ? 5.963   -12.284 -1.227  1.00 29.74 ? 155  ARG A O   1 
ATOM   115 C  CB  . ARG A 1 17  ? 6.672   -13.511 1.750   1.00 33.33 ? 155  ARG A CB  1 
ATOM   116 C  CG  . ARG A 1 17  ? 5.298   -14.088 1.407   1.00 35.14 ? 155  ARG A CG  1 
ATOM   117 C  CD  . ARG A 1 17  ? 4.831   -15.083 2.457   1.00 41.49 ? 155  ARG A CD  1 
ATOM   118 N  NE  . ARG A 1 17  ? 3.488   -15.588 2.176   1.00 44.41 ? 155  ARG A NE  1 
ATOM   119 C  CZ  . ARG A 1 17  ? 2.968   -16.712 2.678   1.00 47.20 ? 155  ARG A CZ  1 
ATOM   120 N  NH1 . ARG A 1 17  ? 3.672   -17.486 3.505   1.00 47.19 ? 155  ARG A NH1 1 
ATOM   121 N  NH2 . ARG A 1 17  ? 1.729   -17.066 2.348   1.00 48.38 ? 155  ARG A NH2 1 
ATOM   122 N  N   . TYR A 1 18  ? 6.589   -10.635 0.156   1.00 27.27 ? 156  TYR A N   1 
ATOM   123 C  CA  . TYR A 1 18  ? 5.654   -9.676  -0.403  1.00 25.48 ? 156  TYR A CA  1 
ATOM   124 C  C   . TYR A 1 18  ? 6.277   -8.595  -1.254  1.00 24.64 ? 156  TYR A C   1 
ATOM   125 O  O   . TYR A 1 18  ? 5.694   -7.532  -1.443  1.00 23.78 ? 156  TYR A O   1 
ATOM   126 C  CB  . TYR A 1 18  ? 4.821   -9.079  0.726   1.00 24.31 ? 156  TYR A CB  1 
ATOM   127 C  CG  . TYR A 1 18  ? 3.914   -10.095 1.371   1.00 24.54 ? 156  TYR A CG  1 
ATOM   128 C  CD1 . TYR A 1 18  ? 2.763   -10.556 0.712   1.00 23.63 ? 156  TYR A CD1 1 
ATOM   129 C  CD2 . TYR A 1 18  ? 4.193   -10.594 2.641   1.00 23.15 ? 156  TYR A CD2 1 
ATOM   130 C  CE1 . TYR A 1 18  ? 1.933   -11.482 1.308   1.00 23.75 ? 156  TYR A CE1 1 
ATOM   131 C  CE2 . TYR A 1 18  ? 3.370   -11.519 3.246   1.00 23.86 ? 156  TYR A CE2 1 
ATOM   132 C  CZ  . TYR A 1 18  ? 2.243   -11.963 2.571   1.00 24.46 ? 156  TYR A CZ  1 
ATOM   133 O  OH  . TYR A 1 18  ? 1.406   -12.877 3.166   1.00 25.29 ? 156  TYR A OH  1 
ATOM   134 N  N   . GLN A 1 19  ? 7.457   -8.877  -1.803  1.00 24.02 ? 157  GLN A N   1 
ATOM   135 C  CA  . GLN A 1 19  ? 8.113   -7.927  -2.684  1.00 24.73 ? 157  GLN A CA  1 
ATOM   136 C  C   . GLN A 1 19  ? 7.353   -7.773  -4.007  1.00 23.93 ? 157  GLN A C   1 
ATOM   137 O  O   . GLN A 1 19  ? 7.423   -6.734  -4.644  1.00 22.33 ? 157  GLN A O   1 
ATOM   138 C  CB  . GLN A 1 19  ? 9.561   -8.343  -2.953  1.00 25.65 ? 157  GLN A CB  1 
ATOM   139 C  CG  . GLN A 1 19  ? 10.307  -8.765  -1.697  1.00 29.47 ? 157  GLN A CG  1 
ATOM   140 C  CD  . GLN A 1 19  ? 11.588  -7.989  -1.508  1.00 35.77 ? 157  GLN A CD  1 
ATOM   141 O  OE1 . GLN A 1 19  ? 12.365  -7.815  -2.449  1.00 37.01 ? 157  GLN A OE1 1 
ATOM   142 N  NE2 . GLN A 1 19  ? 11.820  -7.510  -0.280  1.00 37.77 ? 157  GLN A NE2 1 
ATOM   143 N  N   . GLU A 1 20  ? 6.627   -8.811  -4.417  1.00 23.77 ? 158  GLU A N   1 
ATOM   144 C  CA  . GLU A 1 20  ? 5.948   -8.728  -5.706  1.00 23.25 ? 158  GLU A CA  1 
ATOM   145 C  C   . GLU A 1 20  ? 4.463   -8.471  -5.543  1.00 21.85 ? 158  GLU A C   1 
ATOM   146 O  O   . GLU A 1 20  ? 3.842   -8.956  -4.578  1.00 20.54 ? 158  GLU A O   1 
ATOM   147 C  CB  . GLU A 1 20  ? 6.192   -9.968  -6.563  1.00 25.14 ? 158  GLU A CB  1 
ATOM   148 C  CG  . GLU A 1 20  ? 6.020   -11.292 -5.841  1.00 29.45 ? 158  GLU A CG  1 
ATOM   149 C  CD  . GLU A 1 20  ? 5.582   -12.378 -6.796  1.00 36.14 ? 158  GLU A CD  1 
ATOM   150 O  OE1 . GLU A 1 20  ? 4.370   -12.711 -6.805  1.00 39.07 ? 158  GLU A OE1 1 
ATOM   151 O  OE2 . GLU A 1 20  ? 6.439   -12.874 -7.566  1.00 39.43 ? 158  GLU A OE2 1 
ATOM   152 N  N   . GLU A 1 21  ? 3.927   -7.709  -6.498  1.00 20.42 ? 159  GLU A N   1 
ATOM   153 C  CA  . GLU A 1 21  ? 2.501   -7.332  -6.540  1.00 19.12 ? 159  GLU A CA  1 
ATOM   154 C  C   . GLU A 1 21  ? 1.554   -8.509  -6.392  1.00 18.32 ? 159  GLU A C   1 
ATOM   155 O  O   . GLU A 1 21  ? 0.609   -8.433  -5.626  1.00 17.43 ? 159  GLU A O   1 
ATOM   156 C  CB  . GLU A 1 21  ? 2.161   -6.545  -7.819  1.00 19.96 ? 159  GLU A CB  1 
ATOM   157 C  CG  . GLU A 1 21  ? 0.631   -6.472  -8.175  1.00 20.34 ? 159  GLU A CG  1 
ATOM   158 C  CD  . GLU A 1 21  ? -0.192  -5.731  -7.120  1.00 19.32 ? 159  GLU A CD  1 
ATOM   159 O  OE1 . GLU A 1 21  ? 0.424   -5.156  -6.204  1.00 23.48 ? 159  GLU A OE1 1 
ATOM   160 O  OE2 . GLU A 1 21  ? -1.451  -5.712  -7.192  1.00 19.91 ? 159  GLU A OE2 1 
ATOM   161 N  N   . GLU A 1 22  ? 1.806   -9.593  -7.125  1.00 17.08 ? 160  GLU A N   1 
ATOM   162 C  CA  . GLU A 1 22  ? 0.919   -10.767 -7.060  1.00 16.88 ? 160  GLU A CA  1 
ATOM   163 C  C   . GLU A 1 22  ? 0.739   -11.302 -5.648  1.00 15.27 ? 160  GLU A C   1 
ATOM   164 O  O   . GLU A 1 22  ? -0.398  -11.542 -5.240  1.00 15.04 ? 160  GLU A O   1 
ATOM   165 C  CB  . GLU A 1 22  ? 1.405   -11.884 -8.006  1.00 16.91 ? 160  GLU A CB  1 
ATOM   166 C  CG  . GLU A 1 22  ? 1.088   -11.582 -9.464  1.00 19.82 ? 160  GLU A CG  1 
ATOM   167 C  CD  . GLU A 1 22  ? 2.101   -10.690 -10.156 1.00 25.07 ? 160  GLU A CD  1 
ATOM   168 O  OE1 . GLU A 1 22  ? 3.134   -10.332 -9.529  1.00 25.37 ? 160  GLU A OE1 1 
ATOM   169 O  OE2 . GLU A 1 22  ? 1.869   -10.368 -11.356 1.00 26.42 ? 160  GLU A OE2 1 
ATOM   170 N  N   . ALA A 1 23  ? 1.836   -11.458 -4.895  1.00 14.00 ? 161  ALA A N   1 
ATOM   171 C  CA  . ALA A 1 23  ? 1.774   -11.962 -3.519  1.00 14.26 ? 161  ALA A CA  1 
ATOM   172 C  C   . ALA A 1 23  ? 0.942   -11.020 -2.612  1.00 13.87 ? 161  ALA A C   1 
ATOM   173 O  O   . ALA A 1 23  ? 0.077   -11.465 -1.838  1.00 14.34 ? 161  ALA A O   1 
ATOM   174 C  CB  . ALA A 1 23  ? 3.185   -12.167 -2.944  1.00 15.11 ? 161  ALA A CB  1 
ATOM   175 N  N   . ARG A 1 24  ? 1.163   -9.721  -2.775  1.00 12.37 ? 162  ARG A N   1 
ATOM   176 C  CA  . ARG A 1 24  ? 0.403   -8.719  -2.012  1.00 11.21 ? 162  ARG A CA  1 
ATOM   177 C  C   . ARG A 1 24  ? -1.085  -8.789  -2.360  1.00 10.60 ? 162  ARG A C   1 
ATOM   178 O  O   . ARG A 1 24  ? -1.921  -8.886  -1.466  1.00 11.03 ? 162  ARG A O   1 
ATOM   179 C  CB  . ARG A 1 24  ? 0.992   -7.325  -2.204  1.00 11.28 ? 162  ARG A CB  1 
ATOM   180 C  CG  . ARG A 1 24  ? 2.455   -7.212  -1.662  1.00 12.65 ? 162  ARG A CG  1 
ATOM   181 C  CD  . ARG A 1 24  ? 2.847   -5.767  -1.420  1.00 12.12 ? 162  ARG A CD  1 
ATOM   182 N  NE  . ARG A 1 24  ? 2.821   -4.958  -2.639  1.00 13.06 ? 162  ARG A NE  1 
ATOM   183 C  CZ  . ARG A 1 24  ? 3.801   -4.858  -3.540  1.00 13.48 ? 162  ARG A CZ  1 
ATOM   184 N  NH1 . ARG A 1 24  ? 4.941   -5.521  -3.399  1.00 13.27 ? 162  ARG A NH1 1 
ATOM   185 N  NH2 . ARG A 1 24  ? 3.651   -4.060  -4.595  1.00 12.00 ? 162  ARG A NH2 1 
ATOM   186 N  N   . LEU A 1 25  ? -1.412  -8.847  -3.646  1.00 10.18 ? 163  LEU A N   1 
ATOM   187 C  CA  . LEU A 1 25  ? -2.813  -8.917  -4.061  1.00 10.43 ? 163  LEU A CA  1 
ATOM   188 C  C   . LEU A 1 25  ? -3.514  -10.157 -3.506  1.00 10.67 ? 163  LEU A C   1 
ATOM   189 O  O   . LEU A 1 25  ? -4.636  -10.084 -3.036  1.00 10.95 ? 163  LEU A O   1 
ATOM   190 C  CB  . LEU A 1 25  ? -2.930  -8.887  -5.578  1.00 10.26 ? 163  LEU A CB  1 
ATOM   191 C  CG  . LEU A 1 25  ? -4.368  -8.908  -6.134  1.00 8.55  ? 163  LEU A CG  1 
ATOM   192 C  CD1 . LEU A 1 25  ? -5.286  -7.837  -5.539  1.00 8.09  ? 163  LEU A CD1 1 
ATOM   193 C  CD2 . LEU A 1 25  ? -4.327  -8.808  -7.671  1.00 11.94 ? 163  LEU A CD2 1 
ATOM   194 N  N   . ALA A 1 26  ? -2.840  -11.300 -3.590  1.00 12.04 ? 164  ALA A N   1 
ATOM   195 C  CA  . ALA A 1 26  ? -3.369  -12.553 -3.047  1.00 12.84 ? 164  ALA A CA  1 
ATOM   196 C  C   . ALA A 1 26  ? -3.762  -12.495 -1.563  1.00 12.98 ? 164  ALA A C   1 
ATOM   197 O  O   . ALA A 1 26  ? -4.687  -13.200 -1.107  1.00 13.75 ? 164  ALA A O   1 
ATOM   198 C  CB  . ALA A 1 26  ? -2.358  -13.647 -3.277  1.00 12.43 ? 164  ALA A CB  1 
ATOM   199 N  N   . SER A 1 27  ? -3.066  -11.653 -0.809  1.00 13.38 ? 165  SER A N   1 
ATOM   200 C  CA  . SER A 1 27  ? -3.354  -11.455 0.623   1.00 13.17 ? 165  SER A CA  1 
ATOM   201 C  C   . SER A 1 27  ? -4.766  -10.956 0.904   1.00 12.88 ? 165  SER A C   1 
ATOM   202 O  O   . SER A 1 27  ? -5.287  -11.126 2.008   1.00 14.42 ? 165  SER A O   1 
ATOM   203 C  CB  . SER A 1 27  ? -2.297  -10.545 1.284   1.00 12.53 ? 165  SER A CB  1 
ATOM   204 O  OG  . SER A 1 27  ? -2.555  -9.162  1.047   1.00 12.90 ? 165  SER A OG  1 
ATOM   205 N  N   . PHE A 1 28  ? -5.392  -10.380 -0.113  1.00 12.46 ? 166  PHE A N   1 
ATOM   206 C  CA  . PHE A 1 28  ? -6.669  -9.740  0.023   1.00 12.48 ? 166  PHE A CA  1 
ATOM   207 C  C   . PHE A 1 28  ? -7.818  -10.686 -0.262  1.00 11.88 ? 166  PHE A C   1 
ATOM   208 O  O   . PHE A 1 28  ? -8.947  -10.237 -0.420  1.00 11.12 ? 166  PHE A O   1 
ATOM   209 C  CB  . PHE A 1 28  ? -6.750  -8.493  -0.879  1.00 11.51 ? 166  PHE A CB  1 
ATOM   210 C  CG  . PHE A 1 28  ? -6.001  -7.327  -0.328  1.00 12.18 ? 166  PHE A CG  1 
ATOM   211 C  CD1 . PHE A 1 28  ? -6.643  -6.421  0.526   1.00 12.16 ? 166  PHE A CD1 1 
ATOM   212 C  CD2 . PHE A 1 28  ? -4.653  -7.142  -0.632  1.00 14.17 ? 166  PHE A CD2 1 
ATOM   213 C  CE1 . PHE A 1 28  ? -5.931  -5.359  1.089   1.00 11.38 ? 166  PHE A CE1 1 
ATOM   214 C  CE2 . PHE A 1 28  ? -3.916  -6.055  -0.076  1.00 13.40 ? 166  PHE A CE2 1 
ATOM   215 C  CZ  . PHE A 1 28  ? -4.556  -5.182  0.788   1.00 11.11 ? 166  PHE A CZ  1 
ATOM   216 N  N   . ARG A 1 29  ? -7.548  -11.997 -0.266  1.00 12.08 ? 167  ARG A N   1 
ATOM   217 C  CA  . ARG A 1 29  ? -8.626  -12.964 -0.503  1.00 13.48 ? 167  ARG A CA  1 
ATOM   218 C  C   . ARG A 1 29  ? -9.786  -12.772 0.496   1.00 14.09 ? 167  ARG A C   1 
ATOM   219 O  O   . ARG A 1 29  ? -10.947 -12.943 0.138   1.00 13.78 ? 167  ARG A O   1 
ATOM   220 C  CB  . ARG A 1 29  ? -8.088  -14.407 -0.495  1.00 13.25 ? 167  ARG A CB  1 
ATOM   221 C  CG  . ARG A 1 29  ? -7.312  -14.727 0.756   1.00 17.62 ? 167  ARG A CG  1 
ATOM   222 C  CD  . ARG A 1 29  ? -6.652  -16.102 0.702   1.00 20.87 ? 167  ARG A CD  1 
ATOM   223 N  NE  . ARG A 1 29  ? -6.099  -16.465 2.011   1.00 25.60 ? 167  ARG A NE  1 
ATOM   224 C  CZ  . ARG A 1 29  ? -6.694  -17.261 2.903   1.00 27.94 ? 167  ARG A CZ  1 
ATOM   225 N  NH1 . ARG A 1 29  ? -7.879  -17.835 2.642   1.00 28.72 ? 167  ARG A NH1 1 
ATOM   226 N  NH2 . ARG A 1 29  ? -6.091  -17.508 4.070   1.00 28.45 ? 167  ARG A NH2 1 
ATOM   227 N  N   . ASN A 1 30  ? -9.469  -12.391 1.732   1.00 14.06 ? 168  ASN A N   1 
ATOM   228 C  CA  . ASN A 1 30  ? -10.514 -12.167 2.737   1.00 13.79 ? 168  ASN A CA  1 
ATOM   229 C  C   . ASN A 1 30  ? -10.797 -10.681 3.052   1.00 13.04 ? 168  ASN A C   1 
ATOM   230 O  O   . ASN A 1 30  ? -11.423 -10.359 4.061   1.00 13.31 ? 168  ASN A O   1 
ATOM   231 C  CB  . ASN A 1 30  ? -10.197 -12.989 4.014   1.00 14.42 ? 168  ASN A CB  1 
ATOM   232 C  CG  . ASN A 1 30  ? -10.178 -14.505 3.747   1.00 16.48 ? 168  ASN A CG  1 
ATOM   233 O  OD1 . ASN A 1 30  ? -10.933 -15.004 2.894   1.00 15.94 ? 168  ASN A OD1 1 
ATOM   234 N  ND2 . ASN A 1 30  ? -9.327  -15.244 4.486   1.00 16.82 ? 168  ASN A ND2 1 
ATOM   235 N  N   . TRP A 1 31  ? -10.365 -9.773  2.183   1.00 12.41 ? 169  TRP A N   1 
ATOM   236 C  CA  . TRP A 1 31  ? -10.725 -8.356  2.345   1.00 12.58 ? 169  TRP A CA  1 
ATOM   237 C  C   . TRP A 1 31  ? -12.229 -8.223  2.596   1.00 13.63 ? 169  TRP A C   1 
ATOM   238 O  O   . TRP A 1 31  ? -13.030 -8.723  1.781   1.00 13.37 ? 169  TRP A O   1 
ATOM   239 C  CB  . TRP A 1 31  ? -10.319 -7.598  1.070   1.00 12.22 ? 169  TRP A CB  1 
ATOM   240 C  CG  . TRP A 1 31  ? -10.313 -6.100  1.133   1.00 11.34 ? 169  TRP A CG  1 
ATOM   241 C  CD1 . TRP A 1 31  ? -10.880 -5.261  0.226   1.00 12.74 ? 169  TRP A CD1 1 
ATOM   242 C  CD2 . TRP A 1 31  ? -9.643  -5.252  2.096   1.00 11.31 ? 169  TRP A CD2 1 
ATOM   243 N  NE1 . TRP A 1 31  ? -10.639 -3.950  0.552   1.00 10.54 ? 169  TRP A NE1 1 
ATOM   244 C  CE2 . TRP A 1 31  ? -9.865  -3.908  1.682   1.00 10.54 ? 169  TRP A CE2 1 
ATOM   245 C  CE3 . TRP A 1 31  ? -8.868  -5.502  3.249   1.00 10.71 ? 169  TRP A CE3 1 
ATOM   246 C  CZ2 . TRP A 1 31  ? -9.392  -2.803  2.391   1.00 11.23 ? 169  TRP A CZ2 1 
ATOM   247 C  CZ3 . TRP A 1 31  ? -8.383  -4.398  3.984   1.00 10.89 ? 169  TRP A CZ3 1 
ATOM   248 C  CH2 . TRP A 1 31  ? -8.643  -3.059  3.536   1.00 12.07 ? 169  TRP A CH2 1 
ATOM   249 N  N   . PRO A 1 32  ? -12.629 -7.611  3.736   1.00 13.71 ? 170  PRO A N   1 
ATOM   250 C  CA  . PRO A 1 32  ? -14.049 -7.626  4.143   1.00 13.59 ? 170  PRO A CA  1 
ATOM   251 C  C   . PRO A 1 32  ? -15.007 -6.854  3.225   1.00 13.63 ? 170  PRO A C   1 
ATOM   252 O  O   . PRO A 1 32  ? -14.584 -5.950  2.523   1.00 14.06 ? 170  PRO A O   1 
ATOM   253 C  CB  . PRO A 1 32  ? -14.024 -7.005  5.564   1.00 15.38 ? 170  PRO A CB  1 
ATOM   254 C  CG  . PRO A 1 32  ? -12.598 -7.107  6.027   1.00 14.00 ? 170  PRO A CG  1 
ATOM   255 C  CD  . PRO A 1 32  ? -11.778 -6.976  4.763   1.00 12.84 ? 170  PRO A CD  1 
ATOM   256 N  N   . PHE A 1 33  ? -16.306 -7.203  3.265   1.00 14.87 ? 171  PHE A N   1 
ATOM   257 C  CA  . PHE A 1 33  ? -17.335 -6.595  2.388   1.00 15.55 ? 171  PHE A CA  1 
ATOM   258 C  C   . PHE A 1 33  ? -17.423 -5.073  2.523   1.00 15.77 ? 171  PHE A C   1 
ATOM   259 O  O   . PHE A 1 33  ? -17.643 -4.331  1.534   1.00 16.72 ? 171  PHE A O   1 
ATOM   260 C  CB  . PHE A 1 33  ? -18.720 -7.238  2.678   1.00 16.58 ? 171  PHE A CB  1 
ATOM   261 C  CG  . PHE A 1 33  ? -19.230 -7.004  4.085   1.00 16.01 ? 171  PHE A CG  1 
ATOM   262 C  CD1 . PHE A 1 33  ? -20.028 -5.889  4.377   1.00 16.42 ? 171  PHE A CD1 1 
ATOM   263 C  CD2 . PHE A 1 33  ? -18.908 -7.892  5.119   1.00 16.94 ? 171  PHE A CD2 1 
ATOM   264 C  CE1 . PHE A 1 33  ? -20.502 -5.654  5.698   1.00 15.41 ? 171  PHE A CE1 1 
ATOM   265 C  CE2 . PHE A 1 33  ? -19.381 -7.694  6.434   1.00 17.27 ? 171  PHE A CE2 1 
ATOM   266 C  CZ  . PHE A 1 33  ? -20.181 -6.546  6.721   1.00 16.30 ? 171  PHE A CZ  1 
ATOM   267 N  N   . TYR A 1 34  ? -17.212 -4.580  3.747   1.00 13.81 ? 172  TYR A N   1 
ATOM   268 C  CA  . TYR A 1 34  ? -17.484 -3.188  3.986   1.00 13.22 ? 172  TYR A CA  1 
ATOM   269 C  C   . TYR A 1 34  ? -16.388 -2.271  3.442   1.00 13.31 ? 172  TYR A C   1 
ATOM   270 O  O   . TYR A 1 34  ? -16.535 -1.052  3.511   1.00 13.63 ? 172  TYR A O   1 
ATOM   271 C  CB  . TYR A 1 34  ? -17.734 -2.913  5.473   1.00 13.14 ? 172  TYR A CB  1 
ATOM   272 C  CG  . TYR A 1 34  ? -16.643 -3.413  6.362   1.00 12.85 ? 172  TYR A CG  1 
ATOM   273 C  CD1 . TYR A 1 34  ? -15.526 -2.618  6.647   1.00 11.33 ? 172  TYR A CD1 1 
ATOM   274 C  CD2 . TYR A 1 34  ? -16.690 -4.703  6.880   1.00 10.87 ? 172  TYR A CD2 1 
ATOM   275 C  CE1 . TYR A 1 34  ? -14.530 -3.073  7.462   1.00 11.49 ? 172  TYR A CE1 1 
ATOM   276 C  CE2 . TYR A 1 34  ? -15.679 -5.174  7.698   1.00 10.94 ? 172  TYR A CE2 1 
ATOM   277 C  CZ  . TYR A 1 34  ? -14.591 -4.354  7.958   1.00 10.44 ? 172  TYR A CZ  1 
ATOM   278 O  OH  . TYR A 1 34  ? -13.606 -4.791  8.780   1.00 10.16 ? 172  TYR A OH  1 
ATOM   279 N  N   . VAL A 1 35  ? -15.316 -2.863  2.912   1.00 12.98 ? 173  VAL A N   1 
ATOM   280 C  CA  . VAL A 1 35  ? -14.221 -2.096  2.290   1.00 13.43 ? 173  VAL A CA  1 
ATOM   281 C  C   . VAL A 1 35  ? -13.977 -2.478  0.830   1.00 14.32 ? 173  VAL A C   1 
ATOM   282 O  O   . VAL A 1 35  ? -12.949 -2.110  0.237   1.00 11.73 ? 173  VAL A O   1 
ATOM   283 C  CB  . VAL A 1 35  ? -12.905 -2.113  3.114   1.00 13.16 ? 173  VAL A CB  1 
ATOM   284 C  CG1 . VAL A 1 35  ? -13.012 -1.070  4.236   1.00 14.49 ? 173  VAL A CG1 1 
ATOM   285 C  CG2 . VAL A 1 35  ? -12.613 -3.474  3.667   1.00 12.80 ? 173  VAL A CG2 1 
ATOM   286 N  N   . GLN A 1 36  ? -14.952 -3.179  0.239   1.00 14.70 ? 174  GLN A N   1 
ATOM   287 C  CA  A GLN A 1 36  ? -14.848 -3.559  -1.167  0.50 15.68 ? 174  GLN A CA  1 
ATOM   288 C  CA  B GLN A 1 36  ? -14.858 -3.554  -1.176  0.50 15.75 ? 174  GLN A CA  1 
ATOM   289 C  C   . GLN A 1 36  ? -14.634 -2.332  -2.079  1.00 15.29 ? 174  GLN A C   1 
ATOM   290 O  O   . GLN A 1 36  ? -14.122 -2.457  -3.194  1.00 16.84 ? 174  GLN A O   1 
ATOM   291 C  CB  A GLN A 1 36  ? -16.071 -4.390  -1.573  0.50 15.94 ? 174  GLN A CB  1 
ATOM   292 C  CB  B GLN A 1 36  ? -16.099 -4.339  -1.614  0.50 15.77 ? 174  GLN A CB  1 
ATOM   293 C  CG  A GLN A 1 36  ? -16.073 -5.802  -0.948  0.50 16.89 ? 174  GLN A CG  1 
ATOM   294 C  CG  B GLN A 1 36  ? -17.392 -3.552  -1.664  0.50 16.21 ? 174  GLN A CG  1 
ATOM   295 C  CD  A GLN A 1 36  ? -14.969 -6.686  -1.497  0.50 19.21 ? 174  GLN A CD  1 
ATOM   296 C  CD  B GLN A 1 36  ? -18.585 -4.450  -1.982  0.50 16.68 ? 174  GLN A CD  1 
ATOM   297 O  OE1 A GLN A 1 36  ? -14.942 -6.983  -2.697  0.50 18.96 ? 174  GLN A OE1 1 
ATOM   298 O  OE1 B GLN A 1 36  ? -18.611 -5.141  -3.011  0.50 18.43 ? 174  GLN A OE1 1 
ATOM   299 N  NE2 A GLN A 1 36  ? -14.052 -7.115  -0.625  0.50 16.53 ? 174  GLN A NE2 1 
ATOM   300 N  NE2 B GLN A 1 36  ? -19.571 -4.449  -1.098  0.50 17.78 ? 174  GLN A NE2 1 
ATOM   301 N  N   . GLY A 1 37  ? -14.996 -1.154  -1.581  1.00 15.24 ? 175  GLY A N   1 
ATOM   302 C  CA  . GLY A 1 37  ? -14.859 0.107   -2.312  1.00 15.60 ? 175  GLY A CA  1 
ATOM   303 C  C   . GLY A 1 37  ? -13.457 0.684   -2.349  1.00 15.54 ? 175  GLY A C   1 
ATOM   304 O  O   . GLY A 1 37  ? -13.179 1.583   -3.163  1.00 15.50 ? 175  GLY A O   1 
ATOM   305 N  N   . ILE A 1 38  ? -12.582 0.188   -1.466  1.00 13.95 ? 176  ILE A N   1 
ATOM   306 C  CA  . ILE A 1 38  ? -11.158 0.520   -1.520  1.00 13.77 ? 176  ILE A CA  1 
ATOM   307 C  C   . ILE A 1 38  ? -10.484 -0.688  -2.145  1.00 12.78 ? 176  ILE A C   1 
ATOM   308 O  O   . ILE A 1 38  ? -10.343 -1.740  -1.515  1.00 13.76 ? 176  ILE A O   1 
ATOM   309 C  CB  . ILE A 1 38  ? -10.564 0.794   -0.103  1.00 13.80 ? 176  ILE A CB  1 
ATOM   310 C  CG1 . ILE A 1 38  ? -11.571 1.557   0.776   1.00 16.69 ? 176  ILE A CG1 1 
ATOM   311 C  CG2 . ILE A 1 38  ? -9.136  1.439   -0.227  1.00 12.55 ? 176  ILE A CG2 1 
ATOM   312 C  CD1 . ILE A 1 38  ? -11.558 2.979   0.593   1.00 18.77 ? 176  ILE A CD1 1 
ATOM   313 N  N   . SER A 1 39  ? -10.135 -0.574  -3.422  1.00 12.39 ? 177  SER A N   1 
ATOM   314 C  CA  . SER A 1 39  ? -9.721  -1.726  -4.177  1.00 12.93 ? 177  SER A CA  1 
ATOM   315 C  C   . SER A 1 39  ? -8.450  -2.400  -3.657  1.00 12.32 ? 177  SER A C   1 
ATOM   316 O  O   . SER A 1 39  ? -7.416  -1.768  -3.621  1.00 10.90 ? 177  SER A O   1 
ATOM   317 C  CB  . SER A 1 39  ? -9.482  -1.336  -5.631  1.00 14.35 ? 177  SER A CB  1 
ATOM   318 O  OG  . SER A 1 39  ? -9.091  -2.512  -6.359  1.00 16.42 ? 177  SER A OG  1 
ATOM   319 N  N   . PRO A 1 40  ? -8.501  -3.721  -3.344  1.00 12.30 ? 178  PRO A N   1 
ATOM   320 C  CA  . PRO A 1 40  ? -7.278  -4.469  -3.122  1.00 12.76 ? 178  PRO A CA  1 
ATOM   321 C  C   . PRO A 1 40  ? -6.198  -4.331  -4.223  1.00 12.52 ? 178  PRO A C   1 
ATOM   322 O  O   . PRO A 1 40  ? -5.013  -4.471  -3.927  1.00 11.17 ? 178  PRO A O   1 
ATOM   323 C  CB  . PRO A 1 40  ? -7.770  -5.913  -3.089  1.00 13.59 ? 178  PRO A CB  1 
ATOM   324 C  CG  . PRO A 1 40  ? -9.157  -5.804  -2.521  1.00 14.35 ? 178  PRO A CG  1 
ATOM   325 C  CD  . PRO A 1 40  ? -9.698  -4.566  -3.150  1.00 13.58 ? 178  PRO A CD  1 
ATOM   326 N  N   . CYS A 1 41  ? -6.610  -4.103  -5.476  1.00 13.34 ? 179  CYS A N   1 
ATOM   327 C  CA  . CYS A 1 41  ? -5.691  -3.943  -6.588  1.00 13.26 ? 179  CYS A CA  1 
ATOM   328 C  C   . CYS A 1 41  ? -4.854  -2.662  -6.398  1.00 12.35 ? 179  CYS A C   1 
ATOM   329 O  O   . CYS A 1 41  ? -3.649  -2.676  -6.648  1.00 11.06 ? 179  CYS A O   1 
ATOM   330 C  CB  . CYS A 1 41  ? -6.514  -3.803  -7.889  1.00 15.19 ? 179  CYS A CB  1 
ATOM   331 S  SG  . CYS A 1 41  ? -7.544  -5.254  -8.147  1.00 19.93 ? 179  CYS A SG  1 
ATOM   332 N  N   . VAL A 1 42  ? -5.482  -1.588  -5.926  1.00 10.42 ? 180  VAL A N   1 
ATOM   333 C  CA  . VAL A 1 42  ? -4.751  -0.318  -5.660  1.00 9.84  ? 180  VAL A CA  1 
ATOM   334 C  C   . VAL A 1 42  ? -3.932  -0.436  -4.359  1.00 9.10  ? 180  VAL A C   1 
ATOM   335 O  O   . VAL A 1 42  ? -2.749  -0.106  -4.326  1.00 8.15  ? 180  VAL A O   1 
ATOM   336 C  CB  . VAL A 1 42  ? -5.689  0.910   -5.592  1.00 9.92  ? 180  VAL A CB  1 
ATOM   337 C  CG1 . VAL A 1 42  ? -4.879  2.184   -5.366  1.00 9.61  ? 180  VAL A CG1 1 
ATOM   338 C  CG2 . VAL A 1 42  ? -6.502  1.064   -6.908  1.00 9.54  ? 180  VAL A CG2 1 
ATOM   339 N  N   . LEU A 1 43  ? -4.577  -0.929  -3.300  1.00 9.15  ? 181  LEU A N   1 
ATOM   340 C  CA  . LEU A 1 43  ? -3.876  -1.211  -2.031  1.00 9.11  ? 181  LEU A CA  1 
ATOM   341 C  C   . LEU A 1 43  ? -2.589  -1.996  -2.218  1.00 9.27  ? 181  LEU A C   1 
ATOM   342 O  O   . LEU A 1 43  ? -1.550  -1.636  -1.671  1.00 10.50 ? 181  LEU A O   1 
ATOM   343 C  CB  . LEU A 1 43  ? -4.806  -1.972  -1.061  1.00 8.62  ? 181  LEU A CB  1 
ATOM   344 C  CG  . LEU A 1 43  ? -5.920  -1.086  -0.468  1.00 9.35  ? 181  LEU A CG  1 
ATOM   345 C  CD1 . LEU A 1 43  ? -7.067  -1.963  0.074   1.00 9.93  ? 181  LEU A CD1 1 
ATOM   346 C  CD2 . LEU A 1 43  ? -5.381  -0.182  0.644   1.00 11.05 ? 181  LEU A CD2 1 
ATOM   347 N  N   . SER A 1 44  ? -2.656  -3.102  -2.960  1.00 9.73  ? 182  SER A N   1 
ATOM   348 C  CA  . SER A 1 44  ? -1.482  -3.906  -3.158  1.00 11.05 ? 182  SER A CA  1 
ATOM   349 C  C   . SER A 1 44  ? -0.437  -3.190  -4.026  1.00 10.65 ? 182  SER A C   1 
ATOM   350 O  O   . SER A 1 44  ? 0.765   -3.333  -3.772  1.00 11.84 ? 182  SER A O   1 
ATOM   351 C  CB  . SER A 1 44  ? -1.836  -5.280  -3.752  1.00 11.32 ? 182  SER A CB  1 
ATOM   352 O  OG  . SER A 1 44  ? -2.605  -5.086  -4.931  1.00 15.23 ? 182  SER A OG  1 
ATOM   353 N  N   . GLU A 1 45  ? -0.870  -2.503  -5.081  1.00 10.80 ? 183  GLU A N   1 
ATOM   354 C  CA  . GLU A 1 45  ? 0.087   -1.727  -5.913  1.00 11.69 ? 183  GLU A CA  1 
ATOM   355 C  C   . GLU A 1 45  ? 0.854   -0.758  -5.007  1.00 11.04 ? 183  GLU A C   1 
ATOM   356 O  O   . GLU A 1 45  ? 2.066   -0.511  -5.201  1.00 9.82  ? 183  GLU A O   1 
ATOM   357 C  CB  . GLU A 1 45  ? -0.604  -0.917  -7.017  1.00 12.10 ? 183  GLU A CB  1 
ATOM   358 C  CG  . GLU A 1 45  ? -1.115  -1.731  -8.177  1.00 18.67 ? 183  GLU A CG  1 
ATOM   359 C  CD  . GLU A 1 45  ? -0.040  -2.333  -9.080  1.00 21.91 ? 183  GLU A CD  1 
ATOM   360 O  OE1 . GLU A 1 45  ? 1.197   -2.083  -8.957  1.00 24.85 ? 183  GLU A OE1 1 
ATOM   361 O  OE2 . GLU A 1 45  ? -0.464  -3.073  -9.961  1.00 25.99 ? 183  GLU A OE2 1 
ATOM   362 N  N   . ALA A 1 46  ? 0.139   -0.193  -4.041  1.00 10.08 ? 184  ALA A N   1 
ATOM   363 C  CA  . ALA A 1 46  ? 0.722   0.803   -3.123  1.00 10.39 ? 184  ALA A CA  1 
ATOM   364 C  C   . ALA A 1 46  ? 1.566   0.203   -1.986  1.00 11.07 ? 184  ALA A C   1 
ATOM   365 O  O   . ALA A 1 46  ? 1.956   0.922   -1.084  1.00 10.19 ? 184  ALA A O   1 
ATOM   366 C  CB  . ALA A 1 46  ? -0.373  1.722   -2.563  1.00 10.50 ? 184  ALA A CB  1 
ATOM   367 N  N   . GLY A 1 47  ? 1.836   -1.107  -2.053  1.00 10.38 ? 185  GLY A N   1 
ATOM   368 C  CA  . GLY A 1 47  ? 2.793   -1.783  -1.172  1.00 11.09 ? 185  GLY A CA  1 
ATOM   369 C  C   . GLY A 1 47  ? 2.150   -2.507  0.009   1.00 10.23 ? 185  GLY A C   1 
ATOM   370 O  O   . GLY A 1 47  ? 2.842   -3.110  0.861   1.00 11.99 ? 185  GLY A O   1 
ATOM   371 N  N   . PHE A 1 48  ? 0.819   -2.454  0.068   1.00 9.49  ? 186  PHE A N   1 
ATOM   372 C  CA  . PHE A 1 48  ? 0.103   -2.959  1.238   1.00 9.10  ? 186  PHE A CA  1 
ATOM   373 C  C   . PHE A 1 48  ? -0.312  -4.421  1.127   1.00 9.29  ? 186  PHE A C   1 
ATOM   374 O  O   . PHE A 1 48  ? -0.688  -4.897  0.041   1.00 10.35 ? 186  PHE A O   1 
ATOM   375 C  CB  . PHE A 1 48  ? -1.115  -2.138  1.535   1.00 8.34  ? 186  PHE A CB  1 
ATOM   376 C  CG  . PHE A 1 48  ? -0.807  -0.748  1.971   1.00 8.29  ? 186  PHE A CG  1 
ATOM   377 C  CD1 . PHE A 1 48  ? -0.164  -0.529  3.201   1.00 7.42  ? 186  PHE A CD1 1 
ATOM   378 C  CD2 . PHE A 1 48  ? -1.150  0.319   1.175   1.00 9.05  ? 186  PHE A CD2 1 
ATOM   379 C  CE1 . PHE A 1 48  ? 0.112   0.762   3.613   1.00 8.87  ? 186  PHE A CE1 1 
ATOM   380 C  CE2 . PHE A 1 48  ? -0.873  1.644   1.584   1.00 10.62 ? 186  PHE A CE2 1 
ATOM   381 C  CZ  . PHE A 1 48  ? -0.233  1.838   2.842   1.00 9.16  ? 186  PHE A CZ  1 
ATOM   382 N  N   . VAL A 1 49  ? -0.237  -5.089  2.271   1.00 9.03  ? 187  VAL A N   1 
ATOM   383 C  CA  . VAL A 1 49  ? -0.597  -6.498  2.447   1.00 10.29 ? 187  VAL A CA  1 
ATOM   384 C  C   . VAL A 1 49  ? -1.707  -6.571  3.486   1.00 11.04 ? 187  VAL A C   1 
ATOM   385 O  O   . VAL A 1 49  ? -1.621  -5.929  4.538   1.00 10.48 ? 187  VAL A O   1 
ATOM   386 C  CB  . VAL A 1 49  ? 0.622   -7.321  2.926   1.00 10.15 ? 187  VAL A CB  1 
ATOM   387 C  CG1 . VAL A 1 49  ? 0.255   -8.822  2.985   1.00 12.00 ? 187  VAL A CG1 1 
ATOM   388 C  CG2 . VAL A 1 49  ? 1.841   -7.037  2.033   1.00 12.52 ? 187  VAL A CG2 1 
ATOM   389 N  N   . PHE A 1 50  ? -2.766  -7.323  3.190   1.00 11.79 ? 188  PHE A N   1 
ATOM   390 C  CA  . PHE A 1 50  ? -3.827  -7.511  4.202   1.00 12.29 ? 188  PHE A CA  1 
ATOM   391 C  C   . PHE A 1 50  ? -3.332  -8.382  5.362   1.00 12.43 ? 188  PHE A C   1 
ATOM   392 O  O   . PHE A 1 50  ? -2.838  -9.502  5.162   1.00 13.00 ? 188  PHE A O   1 
ATOM   393 C  CB  . PHE A 1 50  ? -5.098  -8.037  3.547   1.00 11.43 ? 188  PHE A CB  1 
ATOM   394 C  CG  . PHE A 1 50  ? -6.259  -8.189  4.479   1.00 10.96 ? 188  PHE A CG  1 
ATOM   395 C  CD1 . PHE A 1 50  ? -6.573  -7.210  5.431   1.00 9.09  ? 188  PHE A CD1 1 
ATOM   396 C  CD2 . PHE A 1 50  ? -7.050  -9.295  4.392   1.00 8.63  ? 188  PHE A CD2 1 
ATOM   397 C  CE1 . PHE A 1 50  ? -7.669  -7.381  6.278   1.00 11.84 ? 188  PHE A CE1 1 
ATOM   398 C  CE2 . PHE A 1 50  ? -8.172  -9.461  5.237   1.00 11.04 ? 188  PHE A CE2 1 
ATOM   399 C  CZ  . PHE A 1 50  ? -8.462  -8.524  6.178   1.00 10.85 ? 188  PHE A CZ  1 
ATOM   400 N  N   . THR A 1 51  ? -3.451  -7.853  6.589   1.00 12.08 ? 189  THR A N   1 
ATOM   401 C  CA  . THR A 1 51  ? -2.993  -8.576  7.769   1.00 12.64 ? 189  THR A CA  1 
ATOM   402 C  C   . THR A 1 51  ? -3.943  -9.681  8.164   1.00 13.01 ? 189  THR A C   1 
ATOM   403 O  O   . THR A 1 51  ? -3.592  -10.529 8.964   1.00 14.88 ? 189  THR A O   1 
ATOM   404 C  CB  . THR A 1 51  ? -2.887  -7.645  8.984   1.00 11.91 ? 189  THR A CB  1 
ATOM   405 O  OG1 . THR A 1 51  ? -4.207  -7.173  9.310   1.00 11.04 ? 189  THR A OG1 1 
ATOM   406 C  CG2 . THR A 1 51  ? -1.926  -6.468  8.660   1.00 11.47 ? 189  THR A CG2 1 
ATOM   407 N  N   . GLY A 1 52  ? -5.180  -9.636  7.674   1.00 12.90 ? 190  GLY A N   1 
ATOM   408 C  CA  . GLY A 1 52  ? -6.180  -10.591 8.137   1.00 14.20 ? 190  GLY A CA  1 
ATOM   409 C  C   . GLY A 1 52  ? -6.943  -10.134 9.367   1.00 15.92 ? 190  GLY A C   1 
ATOM   410 O  O   . GLY A 1 52  ? -7.895  -10.803 9.782   1.00 17.36 ? 190  GLY A O   1 
ATOM   411 N  N   . LYS A 1 53  ? -6.554  -8.980  9.927   1.00 15.74 ? 191  LYS A N   1 
ATOM   412 C  CA  . LYS A 1 53  ? -7.203  -8.421  11.115  1.00 16.39 ? 191  LYS A CA  1 
ATOM   413 C  C   . LYS A 1 53  ? -7.994  -7.192  10.693  1.00 14.09 ? 191  LYS A C   1 
ATOM   414 O  O   . LYS A 1 53  ? -7.447  -6.307  10.044  1.00 13.11 ? 191  LYS A O   1 
ATOM   415 C  CB  . LYS A 1 53  ? -6.165  -8.090  12.200  1.00 16.45 ? 191  LYS A CB  1 
ATOM   416 C  CG  . LYS A 1 53  ? -5.527  -9.350  12.811  1.00 19.52 ? 191  LYS A CG  1 
ATOM   417 C  CD  . LYS A 1 53  ? -4.480  -9.018  13.899  1.00 21.32 ? 191  LYS A CD  1 
ATOM   418 C  CE  . LYS A 1 53  ? -5.033  -9.151  15.317  1.00 28.80 ? 191  LYS A CE  1 
ATOM   419 N  NZ  . LYS A 1 53  ? -5.028  -10.599 15.764  1.00 30.44 ? 191  LYS A NZ  1 
ATOM   420 N  N   . GLN A 1 54  ? -9.287  -7.170  11.024  1.00 13.02 ? 192  GLN A N   1 
ATOM   421 C  CA  . GLN A 1 54  ? -10.178 -6.060  10.668  1.00 11.42 ? 192  GLN A CA  1 
ATOM   422 C  C   . GLN A 1 54  ? -9.996  -5.684  9.204   1.00 11.53 ? 192  GLN A C   1 
ATOM   423 O  O   . GLN A 1 54  ? -10.094 -6.556  8.344   1.00 11.99 ? 192  GLN A O   1 
ATOM   424 C  CB  . GLN A 1 54  ? -9.948  -4.831  11.570  1.00 12.90 ? 192  GLN A CB  1 
ATOM   425 C  CG  . GLN A 1 54  ? -10.172 -5.152  13.020  1.00 12.31 ? 192  GLN A CG  1 
ATOM   426 C  CD  . GLN A 1 54  ? -11.649 -5.394  13.332  1.00 13.15 ? 192  GLN A CD  1 
ATOM   427 O  OE1 . GLN A 1 54  ? -12.566 -4.850  12.675  1.00 13.17 ? 192  GLN A OE1 1 
ATOM   428 N  NE2 . GLN A 1 54  ? -11.875 -6.204  14.310  1.00 11.65 ? 192  GLN A NE2 1 
ATOM   429 N  N   . ASP A 1 55  ? -9.768  -4.394  8.913   1.00 10.27 ? 193  ASP A N   1 
ATOM   430 C  CA  . ASP A 1 55  ? -9.442  -3.946  7.550   1.00 10.17 ? 193  ASP A CA  1 
ATOM   431 C  C   . ASP A 1 55  ? -8.017  -3.378  7.535   1.00 9.05  ? 193  ASP A C   1 
ATOM   432 O  O   . ASP A 1 55  ? -7.689  -2.480  6.751   1.00 11.22 ? 193  ASP A O   1 
ATOM   433 C  CB  . ASP A 1 55  ? -10.484 -2.945  6.997   1.00 9.50  ? 193  ASP A CB  1 
ATOM   434 C  CG  . ASP A 1 55  ? -10.422 -1.597  7.685   1.00 10.65 ? 193  ASP A CG  1 
ATOM   435 O  OD1 . ASP A 1 55  ? -9.902  -1.512  8.822   1.00 15.16 ? 193  ASP A OD1 1 
ATOM   436 O  OD2 . ASP A 1 55  ? -10.903 -0.630  7.088   1.00 11.95 ? 193  ASP A OD2 1 
ATOM   437 N  N   . THR A 1 56  ? -7.196  -3.898  8.443   1.00 9.45  ? 194  THR A N   1 
ATOM   438 C  CA  . THR A 1 56  ? -5.820  -3.435  8.629   1.00 10.56 ? 194  THR A CA  1 
ATOM   439 C  C   . THR A 1 56  ? -4.877  -4.013  7.589   1.00 10.41 ? 194  THR A C   1 
ATOM   440 O  O   . THR A 1 56  ? -4.781  -5.240  7.408   1.00 9.90  ? 194  THR A O   1 
ATOM   441 C  CB  . THR A 1 56  ? -5.304  -3.732  10.041  1.00 11.16 ? 194  THR A CB  1 
ATOM   442 O  OG1 . THR A 1 56  ? -6.239  -3.172  10.987  1.00 11.83 ? 194  THR A OG1 1 
ATOM   443 C  CG2 . THR A 1 56  ? -3.882  -3.112  10.279  1.00 11.41 ? 194  THR A CG2 1 
ATOM   444 N  N   . VAL A 1 57  ? -4.195  -3.112  6.884   1.00 9.56  ? 195  VAL A N   1 
ATOM   445 C  CA  . VAL A 1 57  ? -3.199  -3.527  5.900   1.00 9.16  ? 195  VAL A CA  1 
ATOM   446 C  C   . VAL A 1 57  ? -1.824  -3.039  6.429   1.00 10.06 ? 195  VAL A C   1 
ATOM   447 O  O   . VAL A 1 57  ? -1.773  -2.060  7.184   1.00 8.71  ? 195  VAL A O   1 
ATOM   448 C  CB  . VAL A 1 57  ? -3.502  -2.974  4.504   1.00 9.02  ? 195  VAL A CB  1 
ATOM   449 C  CG1 . VAL A 1 57  ? -4.977  -3.331  4.090   1.00 9.99  ? 195  VAL A CG1 1 
ATOM   450 C  CG2 . VAL A 1 57  ? -3.326  -1.409  4.447   1.00 6.43  ? 195  VAL A CG2 1 
ATOM   451 N  N   . GLN A 1 58  ? -0.759  -3.705  5.990   1.00 8.69  ? 196  GLN A N   1 
ATOM   452 C  CA  . GLN A 1 58  ? 0.617   -3.393  6.379   1.00 10.01 ? 196  GLN A CA  1 
ATOM   453 C  C   . GLN A 1 58  ? 1.529   -3.263  5.150   1.00 9.61  ? 196  GLN A C   1 
ATOM   454 O  O   . GLN A 1 58  ? 1.538   -4.148  4.257   1.00 9.52  ? 196  GLN A O   1 
ATOM   455 C  CB  . GLN A 1 58  ? 1.147   -4.505  7.298   1.00 9.84  ? 196  GLN A CB  1 
ATOM   456 C  CG  . GLN A 1 58  ? 2.589   -4.262  7.837   1.00 11.24 ? 196  GLN A CG  1 
ATOM   457 C  CD  . GLN A 1 58  ? 3.019   -5.381  8.773   1.00 13.82 ? 196  GLN A CD  1 
ATOM   458 O  OE1 . GLN A 1 58  ? 2.197   -5.998  9.430   1.00 18.35 ? 196  GLN A OE1 1 
ATOM   459 N  NE2 . GLN A 1 58  ? 4.303   -5.687  8.783   1.00 21.82 ? 196  GLN A NE2 1 
ATOM   460 N  N   . CYS A 1 59  ? 2.313   -2.181  5.105   1.00 9.16  ? 197  CYS A N   1 
ATOM   461 C  CA  . CYS A 1 59  ? 3.301   -2.044  4.026   1.00 9.05  ? 197  CYS A CA  1 
ATOM   462 C  C   . CYS A 1 59  ? 4.385   -3.122  4.088   1.00 9.65  ? 197  CYS A C   1 
ATOM   463 O  O   . CYS A 1 59  ? 4.972   -3.308  5.128   1.00 10.14 ? 197  CYS A O   1 
ATOM   464 C  CB  . CYS A 1 59  ? 3.963   -0.674  4.088   1.00 8.69  ? 197  CYS A CB  1 
ATOM   465 S  SG  . CYS A 1 59  ? 5.174   -0.515  2.749   1.00 11.25 ? 197  CYS A SG  1 
ATOM   466 N  N   . PHE A 1 60  ? 4.648   -3.810  2.967   1.00 10.76 ? 198  PHE A N   1 
ATOM   467 C  CA  . PHE A 1 60  ? 5.667   -4.862  2.920   1.00 11.09 ? 198  PHE A CA  1 
ATOM   468 C  C   . PHE A 1 60  ? 7.090   -4.339  3.235   1.00 11.29 ? 198  PHE A C   1 
ATOM   469 O  O   . PHE A 1 60  ? 7.965   -5.105  3.652   1.00 11.43 ? 198  PHE A O   1 
ATOM   470 C  CB  . PHE A 1 60  ? 5.651   -5.541  1.529   1.00 11.98 ? 198  PHE A CB  1 
ATOM   471 C  CG  . PHE A 1 60  ? 6.429   -4.790  0.469   1.00 14.13 ? 198  PHE A CG  1 
ATOM   472 C  CD1 . PHE A 1 60  ? 7.779   -5.131  0.205   1.00 15.42 ? 198  PHE A CD1 1 
ATOM   473 C  CD2 . PHE A 1 60  ? 5.841   -3.742  -0.253  1.00 14.11 ? 198  PHE A CD2 1 
ATOM   474 C  CE1 . PHE A 1 60  ? 8.523   -4.467  -0.786  1.00 13.64 ? 198  PHE A CE1 1 
ATOM   475 C  CE2 . PHE A 1 60  ? 6.580   -3.057  -1.242  1.00 13.73 ? 198  PHE A CE2 1 
ATOM   476 C  CZ  . PHE A 1 60  ? 7.904   -3.399  -1.500  1.00 15.68 ? 198  PHE A CZ  1 
ATOM   477 N  N   . SER A 1 61  ? 7.310   -3.048  3.005   1.00 10.38 ? 199  SER A N   1 
ATOM   478 C  CA  . SER A 1 61  ? 8.634   -2.412  3.131   1.00 11.81 ? 199  SER A CA  1 
ATOM   479 C  C   . SER A 1 61  ? 8.807   -1.724  4.500   1.00 11.82 ? 199  SER A C   1 
ATOM   480 O  O   . SER A 1 61  ? 9.714   -2.068  5.232   1.00 12.36 ? 199  SER A O   1 
ATOM   481 C  CB  . SER A 1 61  ? 8.817   -1.396  2.011   1.00 12.08 ? 199  SER A CB  1 
ATOM   482 O  OG  . SER A 1 61  ? 10.017  -0.632  2.132   1.00 10.48 ? 199  SER A OG  1 
ATOM   483 N  N   . CYS A 1 62  ? 7.984   -0.704  4.788   1.00 10.85 ? 200  CYS A N   1 
ATOM   484 C  CA  . CYS A 1 62  ? 8.106   0.107   6.022   1.00 11.08 ? 200  CYS A CA  1 
ATOM   485 C  C   . CYS A 1 62  ? 7.352   -0.429  7.259   1.00 11.60 ? 200  CYS A C   1 
ATOM   486 O  O   . CYS A 1 62  ? 7.559   0.046   8.389   1.00 12.23 ? 200  CYS A O   1 
ATOM   487 C  CB  . CYS A 1 62  ? 7.694   1.580   5.759   1.00 10.25 ? 200  CYS A CB  1 
ATOM   488 S  SG  . CYS A 1 62  ? 5.915   1.875   5.560   1.00 9.93  ? 200  CYS A SG  1 
ATOM   489 N  N   . GLY A 1 63  ? 6.523   -1.441  7.065   1.00 11.15 ? 201  GLY A N   1 
ATOM   490 C  CA  . GLY A 1 63  ? 5.745   -2.004  8.173   1.00 10.87 ? 201  GLY A CA  1 
ATOM   491 C  C   . GLY A 1 63  ? 4.628   -1.123  8.729   1.00 11.02 ? 201  GLY A C   1 
ATOM   492 O  O   . GLY A 1 63  ? 3.977   -1.520  9.691   1.00 11.75 ? 201  GLY A O   1 
ATOM   493 N  N   . GLY A 1 64  ? 4.380   0.034   8.101   1.00 11.67 ? 202  GLY A N   1 
ATOM   494 C  CA  . GLY A 1 64  ? 3.281   0.920   8.473   1.00 10.68 ? 202  GLY A CA  1 
ATOM   495 C  C   . GLY A 1 64  ? 1.918   0.235   8.348   1.00 10.89 ? 202  GLY A C   1 
ATOM   496 O  O   . GLY A 1 64  ? 1.671   -0.467  7.373   1.00 10.42 ? 202  GLY A O   1 
ATOM   497 N  N   . CYS A 1 65  ? 1.040   0.404   9.329   1.00 10.96 ? 203  CYS A N   1 
ATOM   498 C  CA  . CYS A 1 65  ? -0.282  -0.244  9.225   1.00 10.67 ? 203  CYS A CA  1 
ATOM   499 C  C   . CYS A 1 65  ? -1.398  0.782   9.222   1.00 10.62 ? 203  CYS A C   1 
ATOM   500 O  O   . CYS A 1 65  ? -1.343  1.749   9.991   1.00 11.11 ? 203  CYS A O   1 
ATOM   501 C  CB  . CYS A 1 65  ? -0.510  -1.243  10.375  1.00 12.06 ? 203  CYS A CB  1 
ATOM   502 S  SG  . CYS A 1 65  ? 0.656   -2.577  10.521  1.00 13.60 ? 203  CYS A SG  1 
ATOM   503 N  N   . LEU A 1 66  ? -2.402  0.557   8.378   1.00 9.18  ? 204  LEU A N   1 
ATOM   504 C  CA  . LEU A 1 66  ? -3.545  1.444   8.240   1.00 9.20  ? 204  LEU A CA  1 
ATOM   505 C  C   . LEU A 1 66  ? -4.822  0.621   8.275   1.00 9.49  ? 204  LEU A C   1 
ATOM   506 O  O   . LEU A 1 66  ? -4.892  -0.436  7.630   1.00 10.65 ? 204  LEU A O   1 
ATOM   507 C  CB  . LEU A 1 66  ? -3.477  2.170   6.890   1.00 8.23  ? 204  LEU A CB  1 
ATOM   508 C  CG  . LEU A 1 66  ? -2.271  3.117   6.710   1.00 8.16  ? 204  LEU A CG  1 
ATOM   509 C  CD1 . LEU A 1 66  ? -2.253  3.627   5.305   1.00 10.54 ? 204  LEU A CD1 1 
ATOM   510 C  CD2 . LEU A 1 66  ? -2.412  4.254   7.694   1.00 7.90  ? 204  LEU A CD2 1 
ATOM   511 N  N   . GLY A 1 67  ? -5.826  1.130   8.996   1.00 9.06  ? 205  GLY A N   1 
ATOM   512 C  CA  . GLY A 1 67  ? -7.179  0.507   9.083   1.00 9.04  ? 205  GLY A CA  1 
ATOM   513 C  C   . GLY A 1 67  ? -8.265  1.565   9.041   1.00 10.08 ? 205  GLY A C   1 
ATOM   514 O  O   . GLY A 1 67  ? -7.988  2.758   8.828   1.00 8.93  ? 205  GLY A O   1 
ATOM   515 N  N   . ASN A 1 68  ? -9.514  1.157   9.270   1.00 9.91  ? 206  ASN A N   1 
ATOM   516 C  CA  . ASN A 1 68  ? -10.637 2.085   9.128   1.00 12.61 ? 206  ASN A CA  1 
ATOM   517 C  C   . ASN A 1 68  ? -10.592 2.882   7.846   1.00 12.18 ? 206  ASN A C   1 
ATOM   518 O  O   . ASN A 1 68  ? -10.700 4.116   7.871   1.00 11.95 ? 206  ASN A O   1 
ATOM   519 C  CB  . ASN A 1 68  ? -10.684 3.045   10.298  1.00 13.22 ? 206  ASN A CB  1 
ATOM   520 C  CG  . ASN A 1 68  ? -11.370 2.451   11.483  1.00 19.95 ? 206  ASN A CG  1 
ATOM   521 O  OD1 . ASN A 1 68  ? -12.142 1.496   11.348  1.00 17.44 ? 206  ASN A OD1 1 
ATOM   522 N  ND2 . ASN A 1 68  ? -11.106 3.022   12.680  1.00 21.23 ? 206  ASN A ND2 1 
ATOM   523 N  N   . TRP A 1 69  ? -10.416 2.167   6.738   1.00 11.36 ? 207  TRP A N   1 
ATOM   524 C  CA  . TRP A 1 69  ? -10.421 2.766   5.415   1.00 11.48 ? 207  TRP A CA  1 
ATOM   525 C  C   . TRP A 1 69  ? -11.797 3.306   5.164   1.00 13.66 ? 207  TRP A C   1 
ATOM   526 O  O   . TRP A 1 69  ? -12.777 2.629   5.469   1.00 12.75 ? 207  TRP A O   1 
ATOM   527 C  CB  . TRP A 1 69  ? -10.079 1.720   4.333   1.00 10.44 ? 207  TRP A CB  1 
ATOM   528 C  CG  . TRP A 1 69  ? -8.641  1.338   4.414   1.00 8.22  ? 207  TRP A CG  1 
ATOM   529 C  CD1 . TRP A 1 69  ? -8.089  0.391   5.232   1.00 9.23  ? 207  TRP A CD1 1 
ATOM   530 C  CD2 . TRP A 1 69  ? -7.560  1.967   3.737   1.00 7.63  ? 207  TRP A CD2 1 
ATOM   531 N  NE1 . TRP A 1 69  ? -6.721  0.383   5.089   1.00 8.61  ? 207  TRP A NE1 1 
ATOM   532 C  CE2 . TRP A 1 69  ? -6.370  1.342   4.181   1.00 9.08  ? 207  TRP A CE2 1 
ATOM   533 C  CE3 . TRP A 1 69  ? -7.477  3.013   2.813   1.00 8.46  ? 207  TRP A CE3 1 
ATOM   534 C  CZ2 . TRP A 1 69  ? -5.111  1.698   3.698   1.00 7.99  ? 207  TRP A CZ2 1 
ATOM   535 C  CZ3 . TRP A 1 69  ? -6.208  3.383   2.335   1.00 10.08 ? 207  TRP A CZ3 1 
ATOM   536 C  CH2 . TRP A 1 69  ? -5.046  2.713   2.789   1.00 6.50  ? 207  TRP A CH2 1 
ATOM   537 N  N   . GLU A 1 70  ? -11.849 4.500   4.580   1.00 14.96 ? 208  GLU A N   1 
ATOM   538 C  CA  . GLU A 1 70  ? -13.096 5.176   4.311   1.00 18.24 ? 208  GLU A CA  1 
ATOM   539 C  C   . GLU A 1 70  ? -13.254 5.453   2.833   1.00 18.39 ? 208  GLU A C   1 
ATOM   540 O  O   . GLU A 1 70  ? -12.271 5.545   2.079   1.00 17.55 ? 208  GLU A O   1 
ATOM   541 C  CB  . GLU A 1 70  ? -13.173 6.463   5.138   1.00 18.09 ? 208  GLU A CB  1 
ATOM   542 C  CG  . GLU A 1 70  ? -13.581 6.174   6.597   1.00 20.57 ? 208  GLU A CG  1 
ATOM   543 C  CD  . GLU A 1 70  ? -13.618 7.405   7.472   1.00 22.09 ? 208  GLU A CD  1 
ATOM   544 O  OE1 . GLU A 1 70  ? -13.098 8.481   7.047   1.00 26.34 ? 208  GLU A OE1 1 
ATOM   545 O  OE2 . GLU A 1 70  ? -14.159 7.296   8.596   1.00 24.20 ? 208  GLU A OE2 1 
ATOM   546 N  N   . GLU A 1 71  ? -14.515 5.556   2.419   1.00 19.72 ? 209  GLU A N   1 
ATOM   547 C  CA  . GLU A 1 71  ? -14.858 5.860   1.051   1.00 21.76 ? 209  GLU A CA  1 
ATOM   548 C  C   . GLU A 1 71  ? -14.039 7.061   0.561   1.00 19.69 ? 209  GLU A C   1 
ATOM   549 O  O   . GLU A 1 71  ? -13.958 8.116   1.228   1.00 20.39 ? 209  GLU A O   1 
ATOM   550 C  CB  . GLU A 1 71  ? -16.378 6.153   0.960   1.00 21.42 ? 209  GLU A CB  1 
ATOM   551 C  CG  . GLU A 1 71  ? -16.811 6.939   -0.282  1.00 25.93 ? 209  GLU A CG  1 
ATOM   552 C  CD  . GLU A 1 71  ? -18.334 7.138   -0.362  1.00 27.03 ? 209  GLU A CD  1 
ATOM   553 O  OE1 . GLU A 1 71  ? -18.877 7.055   -1.489  1.00 33.85 ? 209  GLU A OE1 1 
ATOM   554 O  OE2 . GLU A 1 71  ? -18.980 7.372   0.693   1.00 33.68 ? 209  GLU A OE2 1 
ATOM   555 N  N   . GLY A 1 72  ? -13.391 6.879   -0.575  1.00 19.01 ? 210  GLY A N   1 
ATOM   556 C  CA  . GLY A 1 72  ? -12.625 7.964   -1.168  1.00 18.50 ? 210  GLY A CA  1 
ATOM   557 C  C   . GLY A 1 72  ? -11.137 8.001   -0.787  1.00 17.51 ? 210  GLY A C   1 
ATOM   558 O  O   . GLY A 1 72  ? -10.403 8.830   -1.316  1.00 17.10 ? 210  GLY A O   1 
ATOM   559 N  N   . ASP A 1 73  ? -10.694 7.134   0.126   1.00 16.19 ? 211  ASP A N   1 
ATOM   560 C  CA  . ASP A 1 73  ? -9.262  7.116   0.510   1.00 14.95 ? 211  ASP A CA  1 
ATOM   561 C  C   . ASP A 1 73  ? -8.398  6.633   -0.656  1.00 13.90 ? 211  ASP A C   1 
ATOM   562 O  O   . ASP A 1 73  ? -8.747  5.671   -1.363  1.00 14.06 ? 211  ASP A O   1 
ATOM   563 C  CB  . ASP A 1 73  ? -8.988  6.192   1.692   1.00 14.37 ? 211  ASP A CB  1 
ATOM   564 C  CG  . ASP A 1 73  ? -9.425  6.790   3.051   1.00 16.60 ? 211  ASP A CG  1 
ATOM   565 O  OD1 . ASP A 1 73  ? -9.761  7.983   3.141   1.00 16.32 ? 211  ASP A OD1 1 
ATOM   566 O  OD2 . ASP A 1 73  ? -9.437  6.033   4.026   1.00 13.59 ? 211  ASP A OD2 1 
ATOM   567 N  N   . ASP A 1 74  ? -7.263  7.294   -0.839  1.00 13.39 ? 212  ASP A N   1 
ATOM   568 C  CA  . ASP A 1 74  ? -6.299  6.926   -1.848  1.00 12.76 ? 212  ASP A CA  1 
ATOM   569 C  C   . ASP A 1 74  ? -5.122  6.277   -1.127  1.00 12.41 ? 212  ASP A C   1 
ATOM   570 O  O   . ASP A 1 74  ? -4.403  6.976   -0.383  1.00 11.24 ? 212  ASP A O   1 
ATOM   571 C  CB  . ASP A 1 74  ? -5.840  8.207   -2.548  1.00 13.46 ? 212  ASP A CB  1 
ATOM   572 C  CG  . ASP A 1 74  ? -4.768  7.967   -3.600  1.00 13.20 ? 212  ASP A CG  1 
ATOM   573 O  OD1 . ASP A 1 74  ? -4.047  6.950   -3.564  1.00 13.91 ? 212  ASP A OD1 1 
ATOM   574 O  OD2 . ASP A 1 74  ? -4.674  8.804   -4.497  1.00 13.42 ? 212  ASP A OD2 1 
ATOM   575 N  N   . PRO A 1 75  ? -4.965  4.937   -1.280  1.00 11.76 ? 213  PRO A N   1 
ATOM   576 C  CA  . PRO A 1 75  ? -3.894  4.204   -0.607  1.00 10.65 ? 213  PRO A CA  1 
ATOM   577 C  C   . PRO A 1 75  ? -2.513  4.817   -0.772  1.00 10.48 ? 213  PRO A C   1 
ATOM   578 O  O   . PRO A 1 75  ? -1.701  4.728   0.162   1.00 9.14  ? 213  PRO A O   1 
ATOM   579 C  CB  . PRO A 1 75  ? -3.931  2.823   -1.274  1.00 11.97 ? 213  PRO A CB  1 
ATOM   580 C  CG  . PRO A 1 75  ? -5.412  2.631   -1.554  1.00 11.04 ? 213  PRO A CG  1 
ATOM   581 C  CD  . PRO A 1 75  ? -5.836  4.026   -2.053  1.00 11.91 ? 213  PRO A CD  1 
ATOM   582 N  N   . TRP A 1 76  ? -2.211  5.386   -1.938  1.00 9.00  ? 214  TRP A N   1 
ATOM   583 C  CA  . TRP A 1 76  ? -0.852  5.908   -2.140  1.00 9.03  ? 214  TRP A CA  1 
ATOM   584 C  C   . TRP A 1 76  ? -0.690  7.195   -1.352  1.00 9.60  ? 214  TRP A C   1 
ATOM   585 O  O   . TRP A 1 76  ? 0.353   7.440   -0.762  1.00 9.47  ? 214  TRP A O   1 
ATOM   586 C  CB  . TRP A 1 76  ? -0.630  6.215   -3.614  1.00 9.36  ? 214  TRP A CB  1 
ATOM   587 C  CG  . TRP A 1 76  ? -0.449  5.029   -4.476  1.00 9.36  ? 214  TRP A CG  1 
ATOM   588 C  CD1 . TRP A 1 76  ? -1.414  4.420   -5.261  1.00 10.48 ? 214  TRP A CD1 1 
ATOM   589 C  CD2 . TRP A 1 76  ? 0.761   4.347   -4.718  1.00 8.20  ? 214  TRP A CD2 1 
ATOM   590 N  NE1 . TRP A 1 76  ? -0.861  3.365   -5.930  1.00 8.65  ? 214  TRP A NE1 1 
ATOM   591 C  CE2 . TRP A 1 76  ? 0.482   3.312   -5.639  1.00 9.31  ? 214  TRP A CE2 1 
ATOM   592 C  CE3 . TRP A 1 76  ? 2.094   4.513   -4.252  1.00 8.71  ? 214  TRP A CE3 1 
ATOM   593 C  CZ2 . TRP A 1 76  ? 1.477   2.445   -6.108  1.00 9.51  ? 214  TRP A CZ2 1 
ATOM   594 C  CZ3 . TRP A 1 76  ? 3.061   3.652   -4.684  1.00 7.69  ? 214  TRP A CZ3 1 
ATOM   595 C  CH2 . TRP A 1 76  ? 2.762   2.621   -5.635  1.00 10.14 ? 214  TRP A CH2 1 
ATOM   596 N  N   . LYS A 1 77  ? -1.732  8.008   -1.344  1.00 10.40 ? 215  LYS A N   1 
ATOM   597 C  CA  . LYS A 1 77  ? -1.685  9.285   -0.635  1.00 12.06 ? 215  LYS A CA  1 
ATOM   598 C  C   . LYS A 1 77  ? -1.656  9.012   0.891   1.00 10.80 ? 215  LYS A C   1 
ATOM   599 O  O   . LYS A 1 77  ? -0.911  9.681   1.639   1.00 10.37 ? 215  LYS A O   1 
ATOM   600 C  CB  . LYS A 1 77  ? -2.865  10.169  -1.024  1.00 12.80 ? 215  LYS A CB  1 
ATOM   601 C  CG  . LYS A 1 77  ? -2.816  10.765  -2.451  1.00 16.85 ? 215  LYS A CG  1 
ATOM   602 C  CD  . LYS A 1 77  ? -3.856  11.901  -2.531  1.00 19.89 ? 215  LYS A CD  1 
ATOM   603 C  CE  . LYS A 1 77  ? -4.093  12.441  -3.945  1.00 21.58 ? 215  LYS A CE  1 
ATOM   604 N  NZ  . LYS A 1 77  ? -2.945  13.270  -4.486  1.00 25.89 ? 215  LYS A NZ  1 
ATOM   605 N  N   . GLU A 1 78  ? -2.456  8.040   1.354   1.00 9.10  ? 216  GLU A N   1 
ATOM   606 C  CA  . GLU A 1 78  ? -2.428  7.648   2.775   1.00 9.34  ? 216  GLU A CA  1 
ATOM   607 C  C   . GLU A 1 78  ? -1.033  7.131   3.174   1.00 9.12  ? 216  GLU A C   1 
ATOM   608 O  O   . GLU A 1 78  ? -0.493  7.458   4.230   1.00 7.40  ? 216  GLU A O   1 
ATOM   609 C  CB  . GLU A 1 78  ? -3.485  6.568   3.073   1.00 9.71  ? 216  GLU A CB  1 
ATOM   610 C  CG  . GLU A 1 78  ? -4.939  7.088   2.899   1.00 8.99  ? 216  GLU A CG  1 
ATOM   611 C  CD  . GLU A 1 78  ? -5.293  8.206   3.840   1.00 12.67 ? 216  GLU A CD  1 
ATOM   612 O  OE1 . GLU A 1 78  ? -5.380  7.954   5.057   1.00 13.56 ? 216  GLU A OE1 1 
ATOM   613 O  OE2 . GLU A 1 78  ? -5.444  9.363   3.368   1.00 16.96 ? 216  GLU A OE2 1 
ATOM   614 N  N   . HIS A 1 79  ? -0.469  6.305   2.302   1.00 8.71  ? 217  HIS A N   1 
ATOM   615 C  CA  . HIS A 1 79  ? 0.885   5.793   2.505   1.00 9.17  ? 217  HIS A CA  1 
ATOM   616 C  C   . HIS A 1 79  ? 1.912   6.927   2.689   1.00 10.51 ? 217  HIS A C   1 
ATOM   617 O  O   . HIS A 1 79  ? 2.748   6.878   3.607   1.00 10.46 ? 217  HIS A O   1 
ATOM   618 C  CB  . HIS A 1 79  ? 1.270   4.902   1.310   1.00 8.76  ? 217  HIS A CB  1 
ATOM   619 C  CG  . HIS A 1 79  ? 2.291   3.855   1.624   1.00 8.86  ? 217  HIS A CG  1 
ATOM   620 N  ND1 . HIS A 1 79  ? 2.361   2.665   0.932   1.00 9.33  ? 217  HIS A ND1 1 
ATOM   621 C  CD2 . HIS A 1 79  ? 3.271   3.804   2.554   1.00 8.03  ? 217  HIS A CD2 1 
ATOM   622 C  CE1 . HIS A 1 79  ? 3.375   1.954   1.388   1.00 8.87  ? 217  HIS A CE1 1 
ATOM   623 N  NE2 . HIS A 1 79  ? 3.912   2.592   2.403   1.00 6.75  ? 217  HIS A NE2 1 
ATOM   624 N  N   . ALA A 1 80  ? 1.851   7.912   1.797   1.00 12.00 ? 218  ALA A N   1 
ATOM   625 C  CA  . ALA A 1 80  ? 2.819   9.017   1.752   1.00 11.43 ? 218  ALA A CA  1 
ATOM   626 C  C   . ALA A 1 80  ? 2.630   9.925   2.959   1.00 12.47 ? 218  ALA A C   1 
ATOM   627 O  O   . ALA A 1 80  ? 3.618   10.411  3.510   1.00 11.55 ? 218  ALA A O   1 
ATOM   628 C  CB  . ALA A 1 80  ? 2.672   9.810   0.454   1.00 12.41 ? 218  ALA A CB  1 
ATOM   629 N  N   . LYS A 1 81  ? 1.363   10.140  3.338   1.00 12.08 ? 219  LYS A N   1 
ATOM   630 C  CA  . LYS A 1 81  ? 0.990   11.021  4.461   1.00 13.02 ? 219  LYS A CA  1 
ATOM   631 C  C   . LYS A 1 81  ? 1.468   10.412  5.778   1.00 12.26 ? 219  LYS A C   1 
ATOM   632 O  O   . LYS A 1 81  ? 2.107   11.105  6.601   1.00 11.56 ? 219  LYS A O   1 
ATOM   633 C  CB  . LYS A 1 81  ? -0.535  11.262  4.488   1.00 14.21 ? 219  LYS A CB  1 
ATOM   634 C  CG  . LYS A 1 81  ? -1.109  11.717  5.847   1.00 16.37 ? 219  LYS A CG  1 
ATOM   635 C  CD  . LYS A 1 81  ? -2.648  11.740  5.777   1.00 17.29 ? 219  LYS A CD  1 
ATOM   636 C  CE  . LYS A 1 81  ? -3.296  12.235  7.073   1.00 21.32 ? 219  LYS A CE  1 
ATOM   637 N  NZ  . LYS A 1 81  ? -4.663  12.857  6.807   1.00 26.97 ? 219  LYS A NZ  1 
ATOM   638 N  N   . TRP A 1 82  ? 1.158   9.125   5.982   1.00 9.96  ? 220  TRP A N   1 
ATOM   639 C  CA  . TRP A 1 82  ? 1.453   8.492   7.249   1.00 9.94  ? 220  TRP A CA  1 
ATOM   640 C  C   . TRP A 1 82  ? 2.923   8.065   7.421   1.00 10.14 ? 220  TRP A C   1 
ATOM   641 O  O   . TRP A 1 82  ? 3.455   8.114   8.542   1.00 9.21  ? 220  TRP A O   1 
ATOM   642 C  CB  . TRP A 1 82  ? 0.558   7.276   7.432   1.00 8.81  ? 220  TRP A CB  1 
ATOM   643 C  CG  . TRP A 1 82  ? -0.857  7.636   7.859   1.00 8.78  ? 220  TRP A CG  1 
ATOM   644 C  CD1 . TRP A 1 82  ? -2.002  7.585   7.102   1.00 9.96  ? 220  TRP A CD1 1 
ATOM   645 C  CD2 . TRP A 1 82  ? -1.256  8.022   9.180   1.00 9.24  ? 220  TRP A CD2 1 
ATOM   646 N  NE1 . TRP A 1 82  ? -3.103  7.914   7.893   1.00 10.91 ? 220  TRP A NE1 1 
ATOM   647 C  CE2 . TRP A 1 82  ? -2.656  8.204   9.164   1.00 12.99 ? 220  TRP A CE2 1 
ATOM   648 C  CE3 . TRP A 1 82  ? -0.552  8.248   10.375  1.00 11.00 ? 220  TRP A CE3 1 
ATOM   649 C  CZ2 . TRP A 1 82  ? -3.360  8.596   10.296  1.00 10.41 ? 220  TRP A CZ2 1 
ATOM   650 C  CZ3 . TRP A 1 82  ? -1.248  8.651   11.500  1.00 10.51 ? 220  TRP A CZ3 1 
ATOM   651 C  CH2 . TRP A 1 82  ? -2.640  8.805   11.456  1.00 10.22 ? 220  TRP A CH2 1 
ATOM   652 N  N   . PHE A 1 83  ? 3.550   7.585   6.334   1.00 9.28  ? 221  PHE A N   1 
ATOM   653 C  CA  . PHE A 1 83  ? 4.822   6.840   6.436   1.00 9.78  ? 221  PHE A CA  1 
ATOM   654 C  C   . PHE A 1 83  ? 5.871   7.430   5.507   1.00 9.96  ? 221  PHE A C   1 
ATOM   655 O  O   . PHE A 1 83  ? 6.365   6.732   4.604   1.00 10.18 ? 221  PHE A O   1 
ATOM   656 C  CB  . PHE A 1 83  ? 4.609   5.354   6.115   1.00 9.54  ? 221  PHE A CB  1 
ATOM   657 C  CG  . PHE A 1 83  ? 3.456   4.748   6.872   1.00 9.68  ? 221  PHE A CG  1 
ATOM   658 C  CD1 . PHE A 1 83  ? 3.395   4.854   8.284   1.00 9.49  ? 221  PHE A CD1 1 
ATOM   659 C  CD2 . PHE A 1 83  ? 2.418   4.123   6.184   1.00 10.68 ? 221  PHE A CD2 1 
ATOM   660 C  CE1 . PHE A 1 83  ? 2.328   4.298   9.008   1.00 11.66 ? 221  PHE A CE1 1 
ATOM   661 C  CE2 . PHE A 1 83  ? 1.336   3.535   6.890   1.00 11.05 ? 221  PHE A CE2 1 
ATOM   662 C  CZ  . PHE A 1 83  ? 1.287   3.660   8.325   1.00 12.43 ? 221  PHE A CZ  1 
ATOM   663 N  N   . PRO A 1 84  ? 6.173   8.722   5.685   1.00 10.74 ? 222  PRO A N   1 
ATOM   664 C  CA  . PRO A 1 84  ? 6.956   9.386   4.639   1.00 11.78 ? 222  PRO A CA  1 
ATOM   665 C  C   . PRO A 1 84  ? 8.355   8.854   4.416   1.00 12.09 ? 222  PRO A C   1 
ATOM   666 O  O   . PRO A 1 84  ? 8.886   9.062   3.320   1.00 13.78 ? 222  PRO A O   1 
ATOM   667 C  CB  . PRO A 1 84  ? 7.032   10.836  5.132   1.00 11.84 ? 222  PRO A CB  1 
ATOM   668 C  CG  . PRO A 1 84  ? 6.858   10.750  6.582   1.00 12.25 ? 222  PRO A CG  1 
ATOM   669 C  CD  . PRO A 1 84  ? 5.817   9.682   6.748   1.00 10.81 ? 222  PRO A CD  1 
ATOM   670 N  N   . LYS A 1 85  ? 8.947   8.187   5.411   1.00 11.39 ? 223  LYS A N   1 
ATOM   671 C  CA  . LYS A 1 85  ? 10.322  7.665   5.263   1.00 11.57 ? 223  LYS A CA  1 
ATOM   672 C  C   . LYS A 1 85  ? 10.377  6.253   4.635   1.00 10.76 ? 223  LYS A C   1 
ATOM   673 O  O   . LYS A 1 85  ? 11.433  5.666   4.530   1.00 10.78 ? 223  LYS A O   1 
ATOM   674 C  CB  . LYS A 1 85  ? 11.082  7.638   6.594   1.00 11.90 ? 223  LYS A CB  1 
ATOM   675 C  CG  . LYS A 1 85  ? 11.072  8.962   7.351   1.00 14.42 ? 223  LYS A CG  1 
ATOM   676 C  CD  . LYS A 1 85  ? 12.225  8.977   8.319   1.00 19.79 ? 223  LYS A CD  1 
ATOM   677 C  CE  . LYS A 1 85  ? 11.796  8.480   9.663   1.00 22.57 ? 223  LYS A CE  1 
ATOM   678 N  NZ  . LYS A 1 85  ? 12.827  8.992   10.623  1.00 24.40 ? 223  LYS A NZ  1 
ATOM   679 N  N   . CYS A 1 86  ? 9.232   5.719   4.213   1.00 10.47 ? 224  CYS A N   1 
ATOM   680 C  CA  . CYS A 1 86  ? 9.174   4.410   3.577   1.00 9.70  ? 224  CYS A CA  1 
ATOM   681 C  C   . CYS A 1 86  ? 10.112  4.299   2.357   1.00 10.18 ? 224  CYS A C   1 
ATOM   682 O  O   . CYS A 1 86  ? 10.049  5.122   1.436   1.00 10.98 ? 224  CYS A O   1 
ATOM   683 C  CB  . CYS A 1 86  ? 7.738   4.151   3.081   1.00 9.03  ? 224  CYS A CB  1 
ATOM   684 S  SG  . CYS A 1 86  ? 7.602   2.615   2.214   1.00 10.17 ? 224  CYS A SG  1 
ATOM   685 N  N   . GLU A 1 87  ? 10.986  3.297   2.365   1.00 11.70 ? 225  GLU A N   1 
ATOM   686 C  CA  . GLU A 1 87  ? 11.953  3.127   1.262   1.00 13.81 ? 225  GLU A CA  1 
ATOM   687 C  C   . GLU A 1 87  ? 11.257  2.771   -0.053  1.00 12.55 ? 225  GLU A C   1 
ATOM   688 O  O   . GLU A 1 87  ? 11.714  3.144   -1.151  1.00 12.73 ? 225  GLU A O   1 
ATOM   689 C  CB  . GLU A 1 87  ? 12.970  2.032   1.576   1.00 14.41 ? 225  GLU A CB  1 
ATOM   690 C  CG  . GLU A 1 87  ? 14.135  2.061   0.582   1.00 16.33 ? 225  GLU A CG  1 
ATOM   691 C  CD  . GLU A 1 87  ? 15.137  0.884   0.692   1.00 20.49 ? 225  GLU A CD  1 
ATOM   692 O  OE1 . GLU A 1 87  ? 15.810  0.604   -0.331  1.00 29.71 ? 225  GLU A OE1 1 
ATOM   693 O  OE2 . GLU A 1 87  ? 15.279  0.250   1.773   1.00 27.91 ? 225  GLU A OE2 1 
ATOM   694 N  N   . PHE A 1 88  ? 10.192  1.976   0.046   1.00 12.24 ? 226  PHE A N   1 
ATOM   695 C  CA  . PHE A 1 88  ? 9.374   1.663   -1.160  1.00 12.24 ? 226  PHE A CA  1 
ATOM   696 C  C   . PHE A 1 88  ? 8.835   2.959   -1.808  1.00 11.64 ? 226  PHE A C   1 
ATOM   697 O  O   . PHE A 1 88  ? 8.950   3.154   -3.023  1.00 11.16 ? 226  PHE A O   1 
ATOM   698 C  CB  . PHE A 1 88  ? 8.243   0.675   -0.793  1.00 12.53 ? 226  PHE A CB  1 
ATOM   699 C  CG  . PHE A 1 88  ? 7.174   0.539   -1.848  1.00 12.50 ? 226  PHE A CG  1 
ATOM   700 C  CD1 . PHE A 1 88  ? 7.405   -0.245  -2.997  1.00 13.87 ? 226  PHE A CD1 1 
ATOM   701 C  CD2 . PHE A 1 88  ? 5.927   1.161   -1.672  1.00 14.14 ? 226  PHE A CD2 1 
ATOM   702 C  CE1 . PHE A 1 88  ? 6.394   -0.393  -3.962  1.00 14.47 ? 226  PHE A CE1 1 
ATOM   703 C  CE2 . PHE A 1 88  ? 4.923   1.028   -2.615  1.00 13.68 ? 226  PHE A CE2 1 
ATOM   704 C  CZ  . PHE A 1 88  ? 5.166   0.260   -3.775  1.00 13.43 ? 226  PHE A CZ  1 
ATOM   705 N  N   . LEU A 1 89  ? 8.249   3.856   -1.017  1.00 11.76 ? 227  LEU A N   1 
ATOM   706 C  CA  . LEU A 1 89  ? 7.771   5.141   -1.566  1.00 11.14 ? 227  LEU A CA  1 
ATOM   707 C  C   . LEU A 1 89  ? 8.898   5.961   -2.168  1.00 11.30 ? 227  LEU A C   1 
ATOM   708 O  O   . LEU A 1 89  ? 8.762   6.532   -3.247  1.00 10.78 ? 227  LEU A O   1 
ATOM   709 C  CB  . LEU A 1 89  ? 7.073   5.974   -0.495  1.00 12.16 ? 227  LEU A CB  1 
ATOM   710 C  CG  . LEU A 1 89  ? 5.733   5.419   -0.001  1.00 12.31 ? 227  LEU A CG  1 
ATOM   711 C  CD1 . LEU A 1 89  ? 4.999   6.469   0.854   1.00 11.70 ? 227  LEU A CD1 1 
ATOM   712 C  CD2 . LEU A 1 89  ? 4.816   4.917   -1.188  1.00 14.11 ? 227  LEU A CD2 1 
ATOM   713 N  N   . ARG A 1 90  ? 10.019  6.024   -1.458  1.00 11.28 ? 228  ARG A N   1 
ATOM   714 C  CA  . ARG A 1 90  ? 11.164  6.758   -2.002  1.00 11.92 ? 228  ARG A CA  1 
ATOM   715 C  C   . ARG A 1 90  ? 11.658  6.154   -3.337  1.00 11.74 ? 228  ARG A C   1 
ATOM   716 O  O   . ARG A 1 90  ? 12.039  6.903   -4.259  1.00 11.90 ? 228  ARG A O   1 
ATOM   717 C  CB  . ARG A 1 90  ? 12.272  6.838   -0.965  1.00 11.85 ? 228  ARG A CB  1 
ATOM   718 C  CG  . ARG A 1 90  ? 13.420  7.788   -1.389  1.00 14.42 ? 228  ARG A CG  1 
ATOM   719 C  CD  . ARG A 1 90  ? 14.354  8.139   -0.182  1.00 12.91 ? 228  ARG A CD  1 
ATOM   720 N  NE  . ARG A 1 90  ? 14.897  6.969   0.505   1.00 14.87 ? 228  ARG A NE  1 
ATOM   721 C  CZ  . ARG A 1 90  ? 14.415  6.452   1.643   1.00 14.61 ? 228  ARG A CZ  1 
ATOM   722 N  NH1 . ARG A 1 90  ? 15.003  5.391   2.179   1.00 16.29 ? 228  ARG A NH1 1 
ATOM   723 N  NH2 . ARG A 1 90  ? 13.354  6.971   2.239   1.00 15.90 ? 228  ARG A NH2 1 
ATOM   724 N  N   . SER A 1 91  ? 11.657  4.820   -3.439  1.00 12.18 ? 229  SER A N   1 
ATOM   725 C  CA  . SER A 1 91  ? 12.035  4.133   -4.699  1.00 13.67 ? 229  SER A CA  1 
ATOM   726 C  C   . SER A 1 91  ? 11.052  4.497   -5.827  1.00 13.71 ? 229  SER A C   1 
ATOM   727 O  O   . SER A 1 91  ? 11.423  4.651   -7.005  1.00 12.85 ? 229  SER A O   1 
ATOM   728 C  CB  . SER A 1 91  ? 12.134  2.614   -4.506  1.00 14.21 ? 229  SER A CB  1 
ATOM   729 O  OG  . SER A 1 91  ? 10.862  1.975   -4.500  1.00 20.31 ? 229  SER A OG  1 
ATOM   730 N  N   . LYS A 1 92  ? 9.784   4.625   -5.467  1.00 13.67 ? 230  LYS A N   1 
ATOM   731 C  CA  . LYS A 1 92  ? 8.751   5.042   -6.417  1.00 15.36 ? 230  LYS A CA  1 
ATOM   732 C  C   . LYS A 1 92  ? 8.922   6.502   -6.841  1.00 17.25 ? 230  LYS A C   1 
ATOM   733 O  O   . LYS A 1 92  ? 8.521   6.883   -7.947  1.00 18.98 ? 230  LYS A O   1 
ATOM   734 C  CB  . LYS A 1 92  ? 7.352   4.777   -5.802  1.00 14.73 ? 230  LYS A CB  1 
ATOM   735 C  CG  . LYS A 1 92  ? 7.071   3.302   -5.705  1.00 15.08 ? 230  LYS A CG  1 
ATOM   736 C  CD  . LYS A 1 92  ? 6.731   2.749   -7.100  1.00 19.96 ? 230  LYS A CD  1 
ATOM   737 C  CE  . LYS A 1 92  ? 6.554   1.247   -7.036  1.00 21.21 ? 230  LYS A CE  1 
ATOM   738 N  NZ  . LYS A 1 92  ? 6.419   0.621   -8.382  1.00 23.44 ? 230  LYS A NZ  1 
ATOM   739 N  N   . LYS A 1 93  ? 9.532   7.315   -5.972  1.00 17.90 ? 231  LYS A N   1 
ATOM   740 C  CA  . LYS A 1 93  ? 9.769   8.739   -6.256  1.00 19.94 ? 231  LYS A CA  1 
ATOM   741 C  C   . LYS A 1 93  ? 11.034  8.962   -7.090  1.00 20.27 ? 231  LYS A C   1 
ATOM   742 O  O   . LYS A 1 93  ? 11.210  10.018  -7.696  1.00 20.37 ? 231  LYS A O   1 
ATOM   743 C  CB  . LYS A 1 93  ? 9.818   9.543   -4.950  1.00 19.89 ? 231  LYS A CB  1 
ATOM   744 C  CG  . LYS A 1 93  ? 8.452   9.656   -4.303  1.00 21.61 ? 231  LYS A CG  1 
ATOM   745 C  CD  . LYS A 1 93  ? 8.422   10.481  -3.026  1.00 23.45 ? 231  LYS A CD  1 
ATOM   746 C  CE  . LYS A 1 93  ? 6.964   10.904  -2.696  1.00 27.54 ? 231  LYS A CE  1 
ATOM   747 N  NZ  . LYS A 1 93  ? 6.779   12.399  -2.705  1.00 28.84 ? 231  LYS A NZ  1 
ATOM   748 N  N   . SER A 1 94  ? 11.893  7.947   -7.120  1.00 21.08 ? 232  SER A N   1 
ATOM   749 C  CA  . SER A 1 94  ? 13.102  7.933   -7.931  1.00 22.08 ? 232  SER A CA  1 
ATOM   750 C  C   . SER A 1 94  ? 12.808  8.046   -9.438  1.00 23.19 ? 232  SER A C   1 
ATOM   751 O  O   . SER A 1 94  ? 11.892  7.421   -9.946  1.00 21.73 ? 232  SER A O   1 
ATOM   752 C  CB  . SER A 1 94  ? 13.866  6.649   -7.677  1.00 22.25 ? 232  SER A CB  1 
ATOM   753 O  OG  . SER A 1 94  ? 15.147  6.715   -8.267  1.00 22.51 ? 232  SER A OG  1 
ATOM   754 N  N   . SER A 1 95  ? 13.592  8.860   -10.126 1.00 24.70 ? 233  SER A N   1 
ATOM   755 C  CA  . SER A 1 95  ? 13.489  8.988   -11.577 1.00 27.29 ? 233  SER A CA  1 
ATOM   756 C  C   . SER A 1 95  ? 14.712  8.383   -12.248 1.00 29.09 ? 233  SER A C   1 
ATOM   757 O  O   . SER A 1 95  ? 14.926  8.581   -13.441 1.00 30.03 ? 233  SER A O   1 
ATOM   758 C  CB  . SER A 1 95  ? 13.346  10.470  -11.949 1.00 27.40 ? 233  SER A CB  1 
ATOM   759 O  OG  . SER A 1 95  ? 14.501  11.185  -11.568 1.00 27.45 ? 233  SER A OG  1 
ATOM   760 N  N   . GLU A 1 96  ? 15.507  7.633   -11.483 1.00 30.58 ? 234  GLU A N   1 
ATOM   761 C  CA  . GLU A 1 96  ? 16.733  7.013   -12.000 1.00 32.08 ? 234  GLU A CA  1 
ATOM   762 C  C   . GLU A 1 96  ? 16.503  5.919   -13.060 1.00 32.07 ? 234  GLU A C   1 
ATOM   763 O  O   . GLU A 1 96  ? 17.263  5.811   -14.024 1.00 32.60 ? 234  GLU A O   1 
ATOM   764 C  CB  . GLU A 1 96  ? 17.595  6.447   -10.854 1.00 32.45 ? 234  GLU A CB  1 
ATOM   765 C  CG  . GLU A 1 96  ? 18.357  7.491   -10.068 1.00 34.03 ? 234  GLU A CG  1 
ATOM   766 C  CD  . GLU A 1 96  ? 19.286  8.344   -10.941 1.00 37.86 ? 234  GLU A CD  1 
ATOM   767 O  OE1 . GLU A 1 96  ? 20.451  7.930   -11.136 1.00 40.81 ? 234  GLU A OE1 1 
ATOM   768 O  OE2 . GLU A 1 96  ? 18.865  9.430   -11.417 1.00 37.60 ? 234  GLU A OE2 1 
ATOM   769 N  N   . GLU A 1 97  ? 15.476  5.103   -12.865 1.00 31.77 ? 235  GLU A N   1 
ATOM   770 C  CA  . GLU A 1 97  ? 15.275  3.927   -13.712 1.00 32.47 ? 235  GLU A CA  1 
ATOM   771 C  C   . GLU A 1 97  ? 14.185  4.159   -14.771 1.00 31.22 ? 235  GLU A C   1 
ATOM   772 O  O   . GLU A 1 97  ? 13.763  3.212   -15.445 1.00 32.38 ? 235  GLU A O   1 
ATOM   773 C  CB  . GLU A 1 97  ? 14.897  2.704   -12.863 1.00 32.52 ? 235  GLU A CB  1 
ATOM   774 C  CG  . GLU A 1 97  ? 15.943  2.239   -11.839 1.00 33.88 ? 235  GLU A CG  1 
ATOM   775 C  CD  . GLU A 1 97  ? 15.486  0.998   -11.050 1.00 35.08 ? 235  GLU A CD  1 
ATOM   776 O  OE1 . GLU A 1 97  ? 15.534  -0.128  -11.611 1.00 38.45 ? 235  GLU A OE1 1 
ATOM   777 O  OE2 . GLU A 1 97  ? 15.085  1.147   -9.868  1.00 37.80 ? 235  GLU A OE2 1 
ATOM   778 N  N   . ILE A 1 98  ? 13.720  5.397   -14.917 1.00 29.08 ? 236  ILE A N   1 
ATOM   779 C  CA  . ILE A 1 98  ? 12.523  5.621   -15.724 1.00 27.22 ? 236  ILE A CA  1 
ATOM   780 C  C   . ILE A 1 98  ? 12.821  6.196   -17.103 1.00 25.55 ? 236  ILE A C   1 
ATOM   781 O  O   . ILE A 1 98  ? 13.711  7.044   -17.283 1.00 23.90 ? 236  ILE A O   1 
ATOM   782 C  CB  . ILE A 1 98  ? 11.472  6.515   -15.020 1.00 27.58 ? 236  ILE A CB  1 
ATOM   783 C  CG1 . ILE A 1 98  ? 11.774  8.003   -15.233 1.00 28.85 ? 236  ILE A CG1 1 
ATOM   784 C  CG2 . ILE A 1 98  ? 11.324  6.137   -13.542 1.00 29.59 ? 236  ILE A CG2 1 
ATOM   785 C  CD1 . ILE A 1 98  ? 10.600  8.910   -14.954 1.00 32.64 ? 236  ILE A CD1 1 
ATOM   786 N  N   . THR A 1 99  ? 12.047  5.728   -18.081 1.00 23.75 ? 237  THR A N   1 
ATOM   787 C  CA  . THR A 1 99  ? 12.175  6.221   -19.435 1.00 22.96 ? 237  THR A CA  1 
ATOM   788 C  C   . THR A 1 99  ? 11.648  7.668   -19.435 1.00 21.93 ? 237  THR A C   1 
ATOM   789 O  O   . THR A 1 99  ? 10.592  7.959   -18.849 1.00 22.60 ? 237  THR A O   1 
ATOM   790 C  CB  . THR A 1 99  ? 11.466  5.270   -20.409 1.00 22.63 ? 237  THR A CB  1 
ATOM   791 O  OG1 . THR A 1 99  ? 12.103  3.978   -20.332 1.00 23.98 ? 237  THR A OG1 1 
ATOM   792 C  CG2 . THR A 1 99  ? 11.587  5.766   -21.836 1.00 23.55 ? 237  THR A CG2 1 
ATOM   793 N  N   . GLN A 1 100 ? 12.430  8.583   -20.018 1.00 20.73 ? 238  GLN A N   1 
ATOM   794 C  CA  . GLN A 1 100 ? 12.101  9.993   -20.022 1.00 19.61 ? 238  GLN A CA  1 
ATOM   795 C  C   . GLN A 1 100 ? 11.822  10.463  -21.441 1.00 17.70 ? 238  GLN A C   1 
ATOM   796 O  O   . GLN A 1 100 ? 12.647  10.247  -22.330 1.00 18.63 ? 238  GLN A O   1 
ATOM   797 C  CB  . GLN A 1 100 ? 13.259  10.816  -19.427 1.00 21.89 ? 238  GLN A CB  1 
ATOM   798 C  CG  . GLN A 1 100 ? 13.147  12.352  -19.632 1.00 26.06 ? 238  GLN A CG  1 
ATOM   799 C  CD  . GLN A 1 100 ? 12.007  13.019  -18.847 1.00 33.13 ? 238  GLN A CD  1 
ATOM   800 O  OE1 . GLN A 1 100 ? 11.368  12.400  -17.977 1.00 37.57 ? 238  GLN A OE1 1 
ATOM   801 N  NE2 . GLN A 1 100 ? 11.753  14.299  -19.151 1.00 35.52 ? 238  GLN A NE2 1 
ATOM   802 N  N   . TYR A 1 101 ? 10.685  11.118  -21.635 1.00 15.17 ? 239  TYR A N   1 
ATOM   803 C  CA  . TYR A 1 101 ? 10.370  11.774  -22.911 1.00 13.24 ? 239  TYR A CA  1 
ATOM   804 C  C   . TYR A 1 101 ? 10.689  13.265  -22.784 1.00 13.19 ? 239  TYR A C   1 
ATOM   805 O  O   . TYR A 1 101 ? 10.201  13.929  -21.835 1.00 13.30 ? 239  TYR A O   1 
ATOM   806 C  CB  . TYR A 1 101 ? 8.895   11.587  -23.300 1.00 14.35 ? 239  TYR A CB  1 
ATOM   807 C  CG  . TYR A 1 101 ? 8.608   10.177  -23.801 1.00 13.73 ? 239  TYR A CG  1 
ATOM   808 C  CD1 . TYR A 1 101 ? 8.681   9.077   -22.945 1.00 13.67 ? 239  TYR A CD1 1 
ATOM   809 C  CD2 . TYR A 1 101 ? 8.315   9.955   -25.134 1.00 14.22 ? 239  TYR A CD2 1 
ATOM   810 C  CE1 . TYR A 1 101 ? 8.458   7.783   -23.411 1.00 11.96 ? 239  TYR A CE1 1 
ATOM   811 C  CE2 . TYR A 1 101 ? 8.094   8.681   -25.605 1.00 14.15 ? 239  TYR A CE2 1 
ATOM   812 C  CZ  . TYR A 1 101 ? 8.133   7.606   -24.738 1.00 13.61 ? 239  TYR A CZ  1 
ATOM   813 O  OH  . TYR A 1 101 ? 7.891   6.359   -25.254 1.00 13.93 ? 239  TYR A OH  1 
ATOM   814 N  N   . ILE A 1 102 ? 11.501  13.779  -23.706 1.00 11.78 ? 240  ILE A N   1 
ATOM   815 C  CA  . ILE A 1 102 ? 11.902  15.194  -23.660 1.00 12.70 ? 240  ILE A CA  1 
ATOM   816 C  C   . ILE A 1 102 ? 11.270  16.013  -24.773 1.00 12.64 ? 240  ILE A C   1 
ATOM   817 O  O   . ILE A 1 102 ? 11.335  15.633  -25.943 1.00 12.68 ? 240  ILE A O   1 
ATOM   818 C  CB  . ILE A 1 102 ? 13.444  15.338  -23.714 1.00 12.51 ? 240  ILE A CB  1 
ATOM   819 C  CG1 . ILE A 1 102 ? 14.105  14.529  -22.604 1.00 14.70 ? 240  ILE A CG1 1 
ATOM   820 C  CG2 . ILE A 1 102 ? 13.893  16.825  -23.668 1.00 13.54 ? 240  ILE A CG2 1 
ATOM   821 C  CD1 . ILE A 1 102 ? 15.505  14.095  -23.005 1.00 19.69 ? 240  ILE A CD1 1 
ATOM   822 N  N   . GLN A 1 103 ? 10.668  17.148  -24.403 1.00 12.27 ? 241  GLN A N   1 
ATOM   823 C  CA  . GLN A 1 103 ? 10.028  18.059  -25.364 1.00 12.83 ? 241  GLN A CA  1 
ATOM   824 C  C   . GLN A 1 103 ? 11.060  19.054  -25.880 1.00 12.90 ? 241  GLN A C   1 
ATOM   825 O  O   . GLN A 1 103 ? 11.885  19.522  -25.113 1.00 12.63 ? 241  GLN A O   1 
ATOM   826 C  CB  . GLN A 1 103 ? 8.876   18.866  -24.689 1.00 13.60 ? 241  GLN A CB  1 
ATOM   827 C  CG  . GLN A 1 103 ? 8.236   19.954  -25.564 1.00 13.22 ? 241  GLN A CG  1 
ATOM   828 C  CD  . GLN A 1 103 ? 7.496   19.358  -26.782 1.00 17.19 ? 241  GLN A CD  1 
ATOM   829 O  OE1 . GLN A 1 103 ? 7.068   18.189  -26.753 1.00 15.53 ? 241  GLN A OE1 1 
ATOM   830 N  NE2 . GLN A 1 103 ? 7.363   20.147  -27.842 1.00 13.83 ? 241  GLN A NE2 1 
ATOM   831 N  N   . SER A 1 104 ? 11.007  19.368  -27.173 1.00 12.10 ? 242  SER A N   1 
ATOM   832 C  CA  . SER A 1 104 ? 11.792  20.501  -27.704 1.00 12.58 ? 242  SER A CA  1 
ATOM   833 C  C   . SER A 1 104 ? 11.063  21.361  -28.697 1.00 13.39 ? 242  SER A C   1 
ATOM   834 O  O   . SER A 1 104 ? 10.515  20.875  -29.695 1.00 13.46 ? 242  SER A O   1 
ATOM   835 C  CB  . SER A 1 104 ? 13.148  20.089  -28.299 1.00 14.13 ? 242  SER A CB  1 
ATOM   836 O  OG  . SER A 1 104 ? 13.838  21.266  -28.791 1.00 16.13 ? 242  SER A OG  1 
ATOM   837 N  N   . TYR A 1 105 ? 11.106  22.660  -28.424 1.00 11.09 ? 243  TYR A N   1 
ATOM   838 C  CA  . TYR A 1 105 ? 10.521  23.664  -29.306 1.00 13.42 ? 243  TYR A CA  1 
ATOM   839 C  C   . TYR A 1 105 ? 11.622  24.449  -29.999 1.00 13.99 ? 243  TYR A C   1 
ATOM   840 O  O   . TYR A 1 105 ? 11.382  25.508  -30.583 1.00 15.13 ? 243  TYR A O   1 
ATOM   841 C  CB  . TYR A 1 105 ? 9.714   24.637  -28.478 1.00 11.69 ? 243  TYR A CB  1 
ATOM   842 C  CG  . TYR A 1 105 ? 8.338   24.143  -28.108 1.00 11.80 ? 243  TYR A CG  1 
ATOM   843 C  CD1 . TYR A 1 105 ? 8.051   23.706  -26.816 1.00 7.77  ? 243  TYR A CD1 1 
ATOM   844 C  CD2 . TYR A 1 105 ? 7.331   24.104  -29.069 1.00 12.00 ? 243  TYR A CD2 1 
ATOM   845 C  CE1 . TYR A 1 105 ? 6.732   23.262  -26.472 1.00 9.94  ? 243  TYR A CE1 1 
ATOM   846 C  CE2 . TYR A 1 105 ? 6.064   23.643  -28.751 1.00 12.37 ? 243  TYR A CE2 1 
ATOM   847 C  CZ  . TYR A 1 105 ? 5.767   23.264  -27.447 1.00 9.47  ? 243  TYR A CZ  1 
ATOM   848 O  OH  . TYR A 1 105 ? 4.493   22.829  -27.178 1.00 10.88 ? 243  TYR A OH  1 
ATOM   849 N  N   . LYS A 1 106 ? 12.831  23.938  -29.901 1.00 16.51 ? 244  LYS A N   1 
ATOM   850 C  CA  . LYS A 1 106 ? 13.989  24.634  -30.444 1.00 18.53 ? 244  LYS A CA  1 
ATOM   851 C  C   . LYS A 1 106 ? 13.841  24.705  -31.949 1.00 19.68 ? 244  LYS A C   1 
ATOM   852 O  O   . LYS A 1 106 ? 13.371  23.735  -32.577 1.00 20.17 ? 244  LYS A O   1 
ATOM   853 C  CB  . LYS A 1 106 ? 15.279  23.891  -30.060 1.00 19.84 ? 244  LYS A CB  1 
ATOM   854 C  CG  . LYS A 1 106 ? 16.585  24.654  -30.400 1.00 22.82 ? 244  LYS A CG  1 
ATOM   855 C  CD  . LYS A 1 106 ? 16.718  25.960  -29.652 1.00 26.48 ? 244  LYS A CD  1 
ATOM   856 C  CE  . LYS A 1 106 ? 17.910  26.781  -30.169 1.00 27.16 ? 244  LYS A CE  1 
ATOM   857 N  NZ  . LYS A 1 106 ? 19.066  26.678  -29.226 1.00 32.39 ? 244  LYS A NZ  1 
ATOM   858 O  OXT . LYS A 1 106 ? 14.177  25.723  -32.568 1.00 19.65 ? 244  LYS A OXT 1 
HETATM 859 ZN ZN  . ZN  B 2 .   ? 5.699   1.761   3.281   1.00 11.14 ? 1245 ZN  A ZN  1 
HETATM 860 C  C1  . GOL C 3 .   ? -10.467 4.410   -5.432  1.00 35.71 ? 1246 GOL A C1  1 
HETATM 861 O  O1  . GOL C 3 .   ? -10.064 5.753   -5.571  1.00 37.68 ? 1246 GOL A O1  1 
HETATM 862 C  C2  . GOL C 3 .   ? -9.659  3.801   -4.302  1.00 35.27 ? 1246 GOL A C2  1 
HETATM 863 O  O2  . GOL C 3 .   ? -10.278 4.076   -3.060  1.00 35.55 ? 1246 GOL A O2  1 
HETATM 864 C  C3  . GOL C 3 .   ? -9.575  2.304   -4.560  1.00 34.61 ? 1246 GOL A C3  1 
HETATM 865 O  O3  . GOL C 3 .   ? -10.881 1.792   -4.737  1.00 31.00 ? 1246 GOL A O3  1 
HETATM 866 O  O   . HOH D 4 .   ? -6.900  9.482   9.898   1.00 15.45 ? 2001 HOH A O   1 
HETATM 867 O  O   . HOH D 4 .   ? 6.651   6.048   13.932  1.00 34.91 ? 2002 HOH A O   1 
HETATM 868 O  O   . HOH D 4 .   ? -0.454  -10.753 9.330   1.00 33.91 ? 2003 HOH A O   1 
HETATM 869 O  O   . HOH D 4 .   ? 8.291   -3.377  10.135  1.00 24.96 ? 2004 HOH A O   1 
HETATM 870 O  O   . HOH D 4 .   ? 0.598   -12.553 5.772   1.00 32.06 ? 2005 HOH A O   1 
HETATM 871 O  O   . HOH D 4 .   ? -2.224  -12.463 -7.112  1.00 20.72 ? 2006 HOH A O   1 
HETATM 872 O  O   . HOH D 4 .   ? 5.812   -4.410  -6.240  1.00 25.97 ? 2007 HOH A O   1 
HETATM 873 O  O   . HOH D 4 .   ? -5.359  -15.450 -2.800  1.00 17.58 ? 2008 HOH A O   1 
HETATM 874 O  O   . HOH D 4 .   ? -7.058  -12.502 3.222   1.00 17.65 ? 2009 HOH A O   1 
HETATM 875 O  O   . HOH D 4 .   ? -11.391 -10.752 6.789   1.00 24.94 ? 2010 HOH A O   1 
HETATM 876 O  O   . HOH D 4 .   ? -16.252 -10.132 4.022   1.00 22.20 ? 2011 HOH A O   1 
HETATM 877 O  O   . HOH D 4 .   ? -17.147 1.219   5.444   1.00 25.99 ? 2012 HOH A O   1 
HETATM 878 O  O   . HOH D 4 .   ? -12.528 -2.973  10.412  1.00 16.32 ? 2013 HOH A O   1 
HETATM 879 O  O   . HOH D 4 .   ? -13.309 -4.711  -4.139  1.00 31.32 ? 2014 HOH A O   1 
HETATM 880 O  O   . HOH D 4 .   ? -16.664 -0.257  0.565   1.00 16.90 ? 2015 HOH A O   1 
HETATM 881 O  O   . HOH D 4 .   ? 3.530   -1.727  -7.201  1.00 17.12 ? 2016 HOH A O   1 
HETATM 882 O  O   . HOH D 4 .   ? -11.504 -8.795  8.685   1.00 16.58 ? 2017 HOH A O   1 
HETATM 883 O  O   . HOH D 4 .   ? -13.385 0.293   7.361   1.00 14.37 ? 2018 HOH A O   1 
HETATM 884 O  O   . HOH D 4 .   ? -6.559  -3.684  13.505  1.00 20.09 ? 2019 HOH A O   1 
HETATM 885 O  O   . HOH D 4 .   ? 6.415   -4.969  6.714   1.00 24.92 ? 2020 HOH A O   1 
HETATM 886 O  O   . HOH D 4 .   ? 11.934  -1.896  0.977   1.00 28.23 ? 2021 HOH A O   1 
HETATM 887 O  O   . HOH D 4 .   ? -16.198 2.181   1.574   1.00 25.98 ? 2022 HOH A O   1 
HETATM 888 O  O   . HOH D 4 .   ? -11.133 6.291   9.278   1.00 24.15 ? 2023 HOH A O   1 
HETATM 889 O  O   . HOH D 4 .   ? -13.799 -0.168  10.025  1.00 11.08 ? 2024 HOH A O   1 
HETATM 890 O  O   . HOH D 4 .   ? -16.537 5.530   4.564   1.00 28.63 ? 2025 HOH A O   1 
HETATM 891 O  O   . HOH D 4 .   ? -13.064 4.710   -2.243  1.00 47.17 ? 2026 HOH A O   1 
HETATM 892 O  O   . HOH D 4 .   ? -6.691  10.033  -5.740  1.00 20.04 ? 2027 HOH A O   1 
HETATM 893 O  O   . HOH D 4 .   ? -2.671  8.952   -6.178  1.00 14.28 ? 2028 HOH A O   1 
HETATM 894 O  O   . HOH D 4 .   ? -14.080 5.880   -4.513  1.00 37.06 ? 2029 HOH A O   1 
HETATM 895 O  O   . HOH D 4 .   ? -6.680  9.688   0.855   1.00 17.86 ? 2030 HOH A O   1 
HETATM 896 O  O   . HOH D 4 .   ? 3.093   9.304   11.073  1.00 40.00 ? 2031 HOH A O   1 
HETATM 897 O  O   . HOH D 4 .   ? 14.006  4.711   4.832   1.00 21.92 ? 2032 HOH A O   1 
HETATM 898 O  O   . HOH D 4 .   ? 10.804  1.198   4.308   1.00 11.45 ? 2033 HOH A O   1 
HETATM 899 O  O   . HOH D 4 .   ? 11.905  9.252   1.779   1.00 18.01 ? 2034 HOH A O   1 
HETATM 900 O  O   . HOH D 4 .   ? 6.349   -2.066  -7.452  1.00 27.60 ? 2035 HOH A O   1 
HETATM 901 O  O   . HOH D 4 .   ? 8.412   4.706   -10.573 1.00 35.21 ? 2036 HOH A O   1 
HETATM 902 O  O   . HOH D 4 .   ? 9.741   4.231   -17.572 1.00 27.49 ? 2037 HOH A O   1 
HETATM 903 O  O   . HOH D 4 .   ? 11.238  1.960   -21.889 1.00 39.80 ? 2038 HOH A O   1 
HETATM 904 O  O   . HOH D 4 .   ? 8.261   8.775   -18.405 1.00 27.59 ? 2039 HOH A O   1 
HETATM 905 O  O   . HOH D 4 .   ? 8.866   16.372  -21.343 1.00 24.97 ? 2040 HOH A O   1 
HETATM 906 O  O   . HOH D 4 .   ? 8.434   11.124  -19.742 1.00 28.06 ? 2041 HOH A O   1 
HETATM 907 O  O   . HOH D 4 .   ? 7.963   6.384   -27.906 1.00 19.28 ? 2042 HOH A O   1 
HETATM 908 O  O   . HOH D 4 .   ? 6.277   19.149  -30.635 1.00 28.97 ? 2043 HOH A O   1 
HETATM 909 O  O   . HOH D 4 .   ? 14.308  20.603  -24.531 1.00 19.80 ? 2044 HOH A O   1 
HETATM 910 O  O   . HOH D 4 .   ? 10.811  18.192  -21.767 1.00 21.12 ? 2045 HOH A O   1 
HETATM 911 O  O   . HOH D 4 .   ? 5.067   16.995  -24.802 1.00 18.06 ? 2046 HOH A O   1 
HETATM 912 O  O   . HOH D 4 .   ? 11.531  28.141  -30.813 1.00 11.64 ? 2047 HOH A O   1 
HETATM 913 O  O   . HOH D 4 .   ? 2.640   22.613  -29.112 1.00 15.58 ? 2048 HOH A O   1 
HETATM 914 O  O   . HOH D 4 .   ? 15.484  28.224  -32.305 1.00 20.78 ? 2049 HOH A O   1 
HETATM 915 O  O   . HOH D 4 .   ? -9.497  8.012   -4.527  1.00 36.61 ? 2050 HOH A O   1 
HETATM 916 O  O   . HOH D 4 .   ? -11.252 6.218   -7.833  1.00 23.03 ? 2051 HOH A O   1 
# 
loop_
_pdbx_poly_seq_scheme.asym_id 
_pdbx_poly_seq_scheme.entity_id 
_pdbx_poly_seq_scheme.seq_id 
_pdbx_poly_seq_scheme.mon_id 
_pdbx_poly_seq_scheme.ndb_seq_num 
_pdbx_poly_seq_scheme.pdb_seq_num 
_pdbx_poly_seq_scheme.auth_seq_num 
_pdbx_poly_seq_scheme.pdb_mon_id 
_pdbx_poly_seq_scheme.auth_mon_id 
_pdbx_poly_seq_scheme.pdb_strand_id 
_pdbx_poly_seq_scheme.pdb_ins_code 
_pdbx_poly_seq_scheme.hetero 
A 1 1   SER 1   139 139 SER SER A . n 
A 1 2   MET 2   140 140 MET MET A . n 
A 1 3   ARG 3   141 141 ARG ARG A . n 
A 1 4   VAL 4   142 142 VAL VAL A . n 
A 1 5   LYS 5   143 143 LYS LYS A . n 
A 1 6   ASN 6   144 144 ASN ASN A . n 
A 1 7   LEU 7   145 145 LEU LEU A . n 
A 1 8   LYS 8   146 146 LYS LYS A . n 
A 1 9   SER 9   147 147 SER SER A . n 
A 1 10  ARG 10  148 148 ARG ARG A . n 
A 1 11  LEU 11  149 149 LEU LEU A . n 
A 1 12  ARG 12  150 150 ARG ARG A . n 
A 1 13  GLY 13  151 ?   ?   ?   A . n 
A 1 14  GLY 14  152 ?   ?   ?   A . n 
A 1 15  LYS 15  153 ?   ?   ?   A . n 
A 1 16  MET 16  154 154 MET MET A . n 
A 1 17  ARG 17  155 155 ARG ARG A . n 
A 1 18  TYR 18  156 156 TYR TYR A . n 
A 1 19  GLN 19  157 157 GLN GLN A . n 
A 1 20  GLU 20  158 158 GLU GLU A . n 
A 1 21  GLU 21  159 159 GLU GLU A . n 
A 1 22  GLU 22  160 160 GLU GLU A . n 
A 1 23  ALA 23  161 161 ALA ALA A . n 
A 1 24  ARG 24  162 162 ARG ARG A . n 
A 1 25  LEU 25  163 163 LEU LEU A . n 
A 1 26  ALA 26  164 164 ALA ALA A . n 
A 1 27  SER 27  165 165 SER SER A . n 
A 1 28  PHE 28  166 166 PHE PHE A . n 
A 1 29  ARG 29  167 167 ARG ARG A . n 
A 1 30  ASN 30  168 168 ASN ASN A . n 
A 1 31  TRP 31  169 169 TRP TRP A . n 
A 1 32  PRO 32  170 170 PRO PRO A . n 
A 1 33  PHE 33  171 171 PHE PHE A . n 
A 1 34  TYR 34  172 172 TYR TYR A . n 
A 1 35  VAL 35  173 173 VAL VAL A . n 
A 1 36  GLN 36  174 174 GLN GLN A . n 
A 1 37  GLY 37  175 175 GLY GLY A . n 
A 1 38  ILE 38  176 176 ILE ILE A . n 
A 1 39  SER 39  177 177 SER SER A . n 
A 1 40  PRO 40  178 178 PRO PRO A . n 
A 1 41  CYS 41  179 179 CYS CYS A . n 
A 1 42  VAL 42  180 180 VAL VAL A . n 
A 1 43  LEU 43  181 181 LEU LEU A . n 
A 1 44  SER 44  182 182 SER SER A . n 
A 1 45  GLU 45  183 183 GLU GLU A . n 
A 1 46  ALA 46  184 184 ALA ALA A . n 
A 1 47  GLY 47  185 185 GLY GLY A . n 
A 1 48  PHE 48  186 186 PHE PHE A . n 
A 1 49  VAL 49  187 187 VAL VAL A . n 
A 1 50  PHE 50  188 188 PHE PHE A . n 
A 1 51  THR 51  189 189 THR THR A . n 
A 1 52  GLY 52  190 190 GLY GLY A . n 
A 1 53  LYS 53  191 191 LYS LYS A . n 
A 1 54  GLN 54  192 192 GLN GLN A . n 
A 1 55  ASP 55  193 193 ASP ASP A . n 
A 1 56  THR 56  194 194 THR THR A . n 
A 1 57  VAL 57  195 195 VAL VAL A . n 
A 1 58  GLN 58  196 196 GLN GLN A . n 
A 1 59  CYS 59  197 197 CYS CYS A . n 
A 1 60  PHE 60  198 198 PHE PHE A . n 
A 1 61  SER 61  199 199 SER SER A . n 
A 1 62  CYS 62  200 200 CYS CYS A . n 
A 1 63  GLY 63  201 201 GLY GLY A . n 
A 1 64  GLY 64  202 202 GLY GLY A . n 
A 1 65  CYS 65  203 203 CYS CYS A . n 
A 1 66  LEU 66  204 204 LEU LEU A . n 
A 1 67  GLY 67  205 205 GLY GLY A . n 
A 1 68  ASN 68  206 206 ASN ASN A . n 
A 1 69  TRP 69  207 207 TRP TRP A . n 
A 1 70  GLU 70  208 208 GLU GLU A . n 
A 1 71  GLU 71  209 209 GLU GLU A . n 
A 1 72  GLY 72  210 210 GLY GLY A . n 
A 1 73  ASP 73  211 211 ASP ASP A . n 
A 1 74  ASP 74  212 212 ASP ASP A . n 
A 1 75  PRO 75  213 213 PRO PRO A . n 
A 1 76  TRP 76  214 214 TRP TRP A . n 
A 1 77  LYS 77  215 215 LYS LYS A . n 
A 1 78  GLU 78  216 216 GLU GLU A . n 
A 1 79  HIS 79  217 217 HIS HIS A . n 
A 1 80  ALA 80  218 218 ALA ALA A . n 
A 1 81  LYS 81  219 219 LYS LYS A . n 
A 1 82  TRP 82  220 220 TRP TRP A . n 
A 1 83  PHE 83  221 221 PHE PHE A . n 
A 1 84  PRO 84  222 222 PRO PRO A . n 
A 1 85  LYS 85  223 223 LYS LYS A . n 
A 1 86  CYS 86  224 224 CYS CYS A . n 
A 1 87  GLU 87  225 225 GLU GLU A . n 
A 1 88  PHE 88  226 226 PHE PHE A . n 
A 1 89  LEU 89  227 227 LEU LEU A . n 
A 1 90  ARG 90  228 228 ARG ARG A . n 
A 1 91  SER 91  229 229 SER SER A . n 
A 1 92  LYS 92  230 230 LYS LYS A . n 
A 1 93  LYS 93  231 231 LYS LYS A . n 
A 1 94  SER 94  232 232 SER SER A . n 
A 1 95  SER 95  233 233 SER SER A . n 
A 1 96  GLU 96  234 234 GLU GLU A . n 
A 1 97  GLU 97  235 235 GLU GLU A . n 
A 1 98  ILE 98  236 236 ILE ILE A . n 
A 1 99  THR 99  237 237 THR THR A . n 
A 1 100 GLN 100 238 238 GLN GLN A . n 
A 1 101 TYR 101 239 239 TYR TYR A . n 
A 1 102 ILE 102 240 240 ILE ILE A . n 
A 1 103 GLN 103 241 241 GLN GLN A . n 
A 1 104 SER 104 242 242 SER SER A . n 
A 1 105 TYR 105 243 243 TYR TYR A . n 
A 1 106 LYS 106 244 244 LYS LYS A . n 
# 
loop_
_pdbx_nonpoly_scheme.asym_id 
_pdbx_nonpoly_scheme.entity_id 
_pdbx_nonpoly_scheme.mon_id 
_pdbx_nonpoly_scheme.ndb_seq_num 
_pdbx_nonpoly_scheme.pdb_seq_num 
_pdbx_nonpoly_scheme.auth_seq_num 
_pdbx_nonpoly_scheme.pdb_mon_id 
_pdbx_nonpoly_scheme.auth_mon_id 
_pdbx_nonpoly_scheme.pdb_strand_id 
_pdbx_nonpoly_scheme.pdb_ins_code 
B 2 ZN  1  1245 1245 ZN  ZN  A . 
C 3 GOL 1  1246 1246 GOL GOL A . 
D 4 HOH 1  2001 2001 HOH HOH A . 
D 4 HOH 2  2002 2002 HOH HOH A . 
D 4 HOH 3  2003 2003 HOH HOH A . 
D 4 HOH 4  2004 2004 HOH HOH A . 
D 4 HOH 5  2005 2005 HOH HOH A . 
D 4 HOH 6  2006 2006 HOH HOH A . 
D 4 HOH 7  2007 2007 HOH HOH A . 
D 4 HOH 8  2008 2008 HOH HOH A . 
D 4 HOH 9  2009 2009 HOH HOH A . 
D 4 HOH 10 2010 2010 HOH HOH A . 
D 4 HOH 11 2011 2011 HOH HOH A . 
D 4 HOH 12 2012 2012 HOH HOH A . 
D 4 HOH 13 2013 2013 HOH HOH A . 
D 4 HOH 14 2014 2014 HOH HOH A . 
D 4 HOH 15 2015 2015 HOH HOH A . 
D 4 HOH 16 2016 2016 HOH HOH A . 
D 4 HOH 17 2017 2017 HOH HOH A . 
D 4 HOH 18 2018 2018 HOH HOH A . 
D 4 HOH 19 2019 2019 HOH HOH A . 
D 4 HOH 20 2020 2020 HOH HOH A . 
D 4 HOH 21 2021 2021 HOH HOH A . 
D 4 HOH 22 2022 2022 HOH HOH A . 
D 4 HOH 23 2023 2023 HOH HOH A . 
D 4 HOH 24 2024 2024 HOH HOH A . 
D 4 HOH 25 2025 2025 HOH HOH A . 
D 4 HOH 26 2026 2026 HOH HOH A . 
D 4 HOH 27 2027 2027 HOH HOH A . 
D 4 HOH 28 2028 2028 HOH HOH A . 
D 4 HOH 29 2029 2029 HOH HOH A . 
D 4 HOH 30 2030 2030 HOH HOH A . 
D 4 HOH 31 2031 2031 HOH HOH A . 
D 4 HOH 32 2032 2032 HOH HOH A . 
D 4 HOH 33 2033 2033 HOH HOH A . 
D 4 HOH 34 2034 2034 HOH HOH A . 
D 4 HOH 35 2035 2035 HOH HOH A . 
D 4 HOH 36 2036 2036 HOH HOH A . 
D 4 HOH 37 2037 2037 HOH HOH A . 
D 4 HOH 38 2038 2038 HOH HOH A . 
D 4 HOH 39 2039 2039 HOH HOH A . 
D 4 HOH 40 2040 2040 HOH HOH A . 
D 4 HOH 41 2041 2041 HOH HOH A . 
D 4 HOH 42 2042 2042 HOH HOH A . 
D 4 HOH 43 2043 2043 HOH HOH A . 
D 4 HOH 44 2044 2044 HOH HOH A . 
D 4 HOH 45 2045 2045 HOH HOH A . 
D 4 HOH 46 2046 2046 HOH HOH A . 
D 4 HOH 47 2047 2047 HOH HOH A . 
D 4 HOH 48 2048 2048 HOH HOH A . 
D 4 HOH 49 2049 2049 HOH HOH A . 
D 4 HOH 50 2050 2050 HOH HOH A . 
D 4 HOH 51 2051 2051 HOH HOH A . 
# 
_pdbx_struct_assembly.id                   1 
_pdbx_struct_assembly.details              author_and_software_defined_assembly 
_pdbx_struct_assembly.method_details       PISA 
_pdbx_struct_assembly.oligomeric_details   monomeric 
_pdbx_struct_assembly.oligomeric_count     1 
# 
_pdbx_struct_assembly_gen.assembly_id       1 
_pdbx_struct_assembly_gen.oper_expression   1 
_pdbx_struct_assembly_gen.asym_id_list      A,B,C,D 
# 
_pdbx_struct_oper_list.id                   1 
_pdbx_struct_oper_list.type                 'identity operation' 
_pdbx_struct_oper_list.name                 1_555 
_pdbx_struct_oper_list.symmetry_operation   x,y,z 
_pdbx_struct_oper_list.matrix[1][1]         1.0000000000 
_pdbx_struct_oper_list.matrix[1][2]         0.0000000000 
_pdbx_struct_oper_list.matrix[1][3]         0.0000000000 
_pdbx_struct_oper_list.vector[1]            0.0000000000 
_pdbx_struct_oper_list.matrix[2][1]         0.0000000000 
_pdbx_struct_oper_list.matrix[2][2]         1.0000000000 
_pdbx_struct_oper_list.matrix[2][3]         0.0000000000 
_pdbx_struct_oper_list.vector[2]            0.0000000000 
_pdbx_struct_oper_list.matrix[3][1]         0.0000000000 
_pdbx_struct_oper_list.matrix[3][2]         0.0000000000 
_pdbx_struct_oper_list.matrix[3][3]         1.0000000000 
_pdbx_struct_oper_list.vector[3]            0.0000000000 
# 
loop_
_pdbx_struct_conn_angle.id 
_pdbx_struct_conn_angle.ptnr1_label_atom_id 
_pdbx_struct_conn_angle.ptnr1_label_alt_id 
_pdbx_struct_conn_angle.ptnr1_label_asym_id 
_pdbx_struct_conn_angle.ptnr1_label_comp_id 
_pdbx_struct_conn_angle.ptnr1_label_seq_id 
_pdbx_struct_conn_angle.ptnr1_auth_atom_id 
_pdbx_struct_conn_angle.ptnr1_auth_asym_id 
_pdbx_struct_conn_angle.ptnr1_auth_comp_id 
_pdbx_struct_conn_angle.ptnr1_auth_seq_id 
_pdbx_struct_conn_angle.ptnr1_PDB_ins_code 
_pdbx_struct_conn_angle.ptnr1_symmetry 
_pdbx_struct_conn_angle.ptnr2_label_atom_id 
_pdbx_struct_conn_angle.ptnr2_label_alt_id 
_pdbx_struct_conn_angle.ptnr2_label_asym_id 
_pdbx_struct_conn_angle.ptnr2_label_comp_id 
_pdbx_struct_conn_angle.ptnr2_label_seq_id 
_pdbx_struct_conn_angle.ptnr2_auth_atom_id 
_pdbx_struct_conn_angle.ptnr2_auth_asym_id 
_pdbx_struct_conn_angle.ptnr2_auth_comp_id 
_pdbx_struct_conn_angle.ptnr2_auth_seq_id 
_pdbx_struct_conn_angle.ptnr2_PDB_ins_code 
_pdbx_struct_conn_angle.ptnr2_symmetry 
_pdbx_struct_conn_angle.ptnr3_label_atom_id 
_pdbx_struct_conn_angle.ptnr3_label_alt_id 
_pdbx_struct_conn_angle.ptnr3_label_asym_id 
_pdbx_struct_conn_angle.ptnr3_label_comp_id 
_pdbx_struct_conn_angle.ptnr3_label_seq_id 
_pdbx_struct_conn_angle.ptnr3_auth_atom_id 
_pdbx_struct_conn_angle.ptnr3_auth_asym_id 
_pdbx_struct_conn_angle.ptnr3_auth_comp_id 
_pdbx_struct_conn_angle.ptnr3_auth_seq_id 
_pdbx_struct_conn_angle.ptnr3_PDB_ins_code 
_pdbx_struct_conn_angle.ptnr3_symmetry 
_pdbx_struct_conn_angle.value 
_pdbx_struct_conn_angle.value_esd 
1 SG  ? A CYS 59 ? A CYS 197 ? 1_555 ZN ? B ZN . ? A ZN 1245 ? 1_555 SG  ? A CYS 62 ? A CYS 200 ? 1_555 106.8 ? 
2 SG  ? A CYS 59 ? A CYS 197 ? 1_555 ZN ? B ZN . ? A ZN 1245 ? 1_555 NE2 ? A HIS 79 ? A HIS 217 ? 1_555 95.4  ? 
3 SG  ? A CYS 62 ? A CYS 200 ? 1_555 ZN ? B ZN . ? A ZN 1245 ? 1_555 NE2 ? A HIS 79 ? A HIS 217 ? 1_555 117.6 ? 
4 SG  ? A CYS 59 ? A CYS 197 ? 1_555 ZN ? B ZN . ? A ZN 1245 ? 1_555 SG  ? A CYS 86 ? A CYS 224 ? 1_555 115.0 ? 
5 SG  ? A CYS 62 ? A CYS 200 ? 1_555 ZN ? B ZN . ? A ZN 1245 ? 1_555 SG  ? A CYS 86 ? A CYS 224 ? 1_555 111.0 ? 
6 NE2 ? A HIS 79 ? A HIS 217 ? 1_555 ZN ? B ZN . ? A ZN 1245 ? 1_555 SG  ? A CYS 86 ? A CYS 224 ? 1_555 110.3 ? 
# 
loop_
_pdbx_audit_revision_history.ordinal 
_pdbx_audit_revision_history.data_content_type 
_pdbx_audit_revision_history.major_revision 
_pdbx_audit_revision_history.minor_revision 
_pdbx_audit_revision_history.revision_date 
1 'Structure model' 1 0 2008-01-29 
2 'Structure model' 1 1 2011-12-28 
3 'Structure model' 1 2 2023-12-13 
# 
_pdbx_audit_revision_details.ordinal             1 
_pdbx_audit_revision_details.revision_ordinal    1 
_pdbx_audit_revision_details.data_content_type   'Structure model' 
_pdbx_audit_revision_details.provider            repository 
_pdbx_audit_revision_details.type                'Initial release' 
_pdbx_audit_revision_details.description         ? 
_pdbx_audit_revision_details.details             ? 
# 
loop_
_pdbx_audit_revision_group.ordinal 
_pdbx_audit_revision_group.revision_ordinal 
_pdbx_audit_revision_group.data_content_type 
_pdbx_audit_revision_group.group 
1  2 'Structure model' 'Database references'       
2  2 'Structure model' 'Derived calculations'      
3  2 'Structure model' 'Non-polymer description'   
4  2 'Structure model' Other                       
5  2 'Structure model' 'Structure summary'         
6  2 'Structure model' 'Version format compliance' 
7  3 'Structure model' 'Data collection'           
8  3 'Structure model' 'Database references'       
9  3 'Structure model' 'Derived calculations'      
10 3 'Structure model' Other                       
11 3 'Structure model' 'Refinement description'    
# 
loop_
_pdbx_audit_revision_category.ordinal 
_pdbx_audit_revision_category.revision_ordinal 
_pdbx_audit_revision_category.data_content_type 
_pdbx_audit_revision_category.category 
1 3 'Structure model' chem_comp_atom                
2 3 'Structure model' chem_comp_bond                
3 3 'Structure model' database_2                    
4 3 'Structure model' pdbx_database_status          
5 3 'Structure model' pdbx_initial_refinement_model 
6 3 'Structure model' pdbx_struct_conn_angle        
7 3 'Structure model' struct_conn                   
8 3 'Structure model' struct_site                   
# 
loop_
_pdbx_audit_revision_item.ordinal 
_pdbx_audit_revision_item.revision_ordinal 
_pdbx_audit_revision_item.data_content_type 
_pdbx_audit_revision_item.item 
1  3 'Structure model' '_database_2.pdbx_DOI'                        
2  3 'Structure model' '_database_2.pdbx_database_accession'         
3  3 'Structure model' '_pdbx_database_status.status_code_sf'        
4  3 'Structure model' '_pdbx_struct_conn_angle.ptnr1_auth_comp_id'  
5  3 'Structure model' '_pdbx_struct_conn_angle.ptnr1_auth_seq_id'   
6  3 'Structure model' '_pdbx_struct_conn_angle.ptnr1_label_atom_id' 
7  3 'Structure model' '_pdbx_struct_conn_angle.ptnr1_label_comp_id' 
8  3 'Structure model' '_pdbx_struct_conn_angle.ptnr1_label_seq_id'  
9  3 'Structure model' '_pdbx_struct_conn_angle.ptnr3_auth_comp_id'  
10 3 'Structure model' '_pdbx_struct_conn_angle.ptnr3_auth_seq_id'   
11 3 'Structure model' '_pdbx_struct_conn_angle.ptnr3_label_atom_id' 
12 3 'Structure model' '_pdbx_struct_conn_angle.ptnr3_label_comp_id' 
13 3 'Structure model' '_pdbx_struct_conn_angle.ptnr3_label_seq_id'  
14 3 'Structure model' '_pdbx_struct_conn_angle.value'               
15 3 'Structure model' '_struct_conn.pdbx_dist_value'                
16 3 'Structure model' '_struct_conn.ptnr1_auth_comp_id'             
17 3 'Structure model' '_struct_conn.ptnr1_auth_seq_id'              
18 3 'Structure model' '_struct_conn.ptnr1_label_asym_id'            
19 3 'Structure model' '_struct_conn.ptnr1_label_atom_id'            
20 3 'Structure model' '_struct_conn.ptnr1_label_comp_id'            
21 3 'Structure model' '_struct_conn.ptnr1_label_seq_id'             
22 3 'Structure model' '_struct_conn.ptnr2_auth_comp_id'             
23 3 'Structure model' '_struct_conn.ptnr2_auth_seq_id'              
24 3 'Structure model' '_struct_conn.ptnr2_label_asym_id'            
25 3 'Structure model' '_struct_conn.ptnr2_label_atom_id'            
26 3 'Structure model' '_struct_conn.ptnr2_label_comp_id'            
27 3 'Structure model' '_struct_conn.ptnr2_label_seq_id'             
28 3 'Structure model' '_struct_site.pdbx_auth_asym_id'              
29 3 'Structure model' '_struct_site.pdbx_auth_comp_id'              
30 3 'Structure model' '_struct_site.pdbx_auth_seq_id'               
# 
loop_
_software.name 
_software.classification 
_software.version 
_software.citation_id 
_software.pdbx_ordinal 
REFMAC refinement       5.3.0040 ? 1 
XDS    'data reduction' .        ? 2 
XSCALE 'data scaling'   .        ? 3 
MOLREP phasing          .        ? 4 
# 
loop_
_pdbx_validate_torsion.id 
_pdbx_validate_torsion.PDB_model_num 
_pdbx_validate_torsion.auth_comp_id 
_pdbx_validate_torsion.auth_asym_id 
_pdbx_validate_torsion.auth_seq_id 
_pdbx_validate_torsion.PDB_ins_code 
_pdbx_validate_torsion.label_alt_id 
_pdbx_validate_torsion.phi 
_pdbx_validate_torsion.psi 
1 1 LYS A 146 ? ? -93.05 36.41   
2 1 GLN A 192 ? ? 47.02  -128.37 
3 1 SER A 199 ? ? -96.98 -63.01  
# 
loop_
_pdbx_unobs_or_zero_occ_residues.id 
_pdbx_unobs_or_zero_occ_residues.PDB_model_num 
_pdbx_unobs_or_zero_occ_residues.polymer_flag 
_pdbx_unobs_or_zero_occ_residues.occupancy_flag 
_pdbx_unobs_or_zero_occ_residues.auth_asym_id 
_pdbx_unobs_or_zero_occ_residues.auth_comp_id 
_pdbx_unobs_or_zero_occ_residues.auth_seq_id 
_pdbx_unobs_or_zero_occ_residues.PDB_ins_code 
_pdbx_unobs_or_zero_occ_residues.label_asym_id 
_pdbx_unobs_or_zero_occ_residues.label_comp_id 
_pdbx_unobs_or_zero_occ_residues.label_seq_id 
1 1 Y 1 A GLY 151 ? A GLY 13 
2 1 Y 1 A GLY 152 ? A GLY 14 
3 1 Y 1 A LYS 153 ? A LYS 15 
# 
loop_
_chem_comp_atom.comp_id 
_chem_comp_atom.atom_id 
_chem_comp_atom.type_symbol 
_chem_comp_atom.pdbx_aromatic_flag 
_chem_comp_atom.pdbx_stereo_config 
_chem_comp_atom.pdbx_ordinal 
ALA N    N  N N 1   
ALA CA   C  N S 2   
ALA C    C  N N 3   
ALA O    O  N N 4   
ALA CB   C  N N 5   
ALA OXT  O  N N 6   
ALA H    H  N N 7   
ALA H2   H  N N 8   
ALA HA   H  N N 9   
ALA HB1  H  N N 10  
ALA HB2  H  N N 11  
ALA HB3  H  N N 12  
ALA HXT  H  N N 13  
ARG N    N  N N 14  
ARG CA   C  N S 15  
ARG C    C  N N 16  
ARG O    O  N N 17  
ARG CB   C  N N 18  
ARG CG   C  N N 19  
ARG CD   C  N N 20  
ARG NE   N  N N 21  
ARG CZ   C  N N 22  
ARG NH1  N  N N 23  
ARG NH2  N  N N 24  
ARG OXT  O  N N 25  
ARG H    H  N N 26  
ARG H2   H  N N 27  
ARG HA   H  N N 28  
ARG HB2  H  N N 29  
ARG HB3  H  N N 30  
ARG HG2  H  N N 31  
ARG HG3  H  N N 32  
ARG HD2  H  N N 33  
ARG HD3  H  N N 34  
ARG HE   H  N N 35  
ARG HH11 H  N N 36  
ARG HH12 H  N N 37  
ARG HH21 H  N N 38  
ARG HH22 H  N N 39  
ARG HXT  H  N N 40  
ASN N    N  N N 41  
ASN CA   C  N S 42  
ASN C    C  N N 43  
ASN O    O  N N 44  
ASN CB   C  N N 45  
ASN CG   C  N N 46  
ASN OD1  O  N N 47  
ASN ND2  N  N N 48  
ASN OXT  O  N N 49  
ASN H    H  N N 50  
ASN H2   H  N N 51  
ASN HA   H  N N 52  
ASN HB2  H  N N 53  
ASN HB3  H  N N 54  
ASN HD21 H  N N 55  
ASN HD22 H  N N 56  
ASN HXT  H  N N 57  
ASP N    N  N N 58  
ASP CA   C  N S 59  
ASP C    C  N N 60  
ASP O    O  N N 61  
ASP CB   C  N N 62  
ASP CG   C  N N 63  
ASP OD1  O  N N 64  
ASP OD2  O  N N 65  
ASP OXT  O  N N 66  
ASP H    H  N N 67  
ASP H2   H  N N 68  
ASP HA   H  N N 69  
ASP HB2  H  N N 70  
ASP HB3  H  N N 71  
ASP HD2  H  N N 72  
ASP HXT  H  N N 73  
CYS N    N  N N 74  
CYS CA   C  N R 75  
CYS C    C  N N 76  
CYS O    O  N N 77  
CYS CB   C  N N 78  
CYS SG   S  N N 79  
CYS OXT  O  N N 80  
CYS H    H  N N 81  
CYS H2   H  N N 82  
CYS HA   H  N N 83  
CYS HB2  H  N N 84  
CYS HB3  H  N N 85  
CYS HG   H  N N 86  
CYS HXT  H  N N 87  
GLN N    N  N N 88  
GLN CA   C  N S 89  
GLN C    C  N N 90  
GLN O    O  N N 91  
GLN CB   C  N N 92  
GLN CG   C  N N 93  
GLN CD   C  N N 94  
GLN OE1  O  N N 95  
GLN NE2  N  N N 96  
GLN OXT  O  N N 97  
GLN H    H  N N 98  
GLN H2   H  N N 99  
GLN HA   H  N N 100 
GLN HB2  H  N N 101 
GLN HB3  H  N N 102 
GLN HG2  H  N N 103 
GLN HG3  H  N N 104 
GLN HE21 H  N N 105 
GLN HE22 H  N N 106 
GLN HXT  H  N N 107 
GLU N    N  N N 108 
GLU CA   C  N S 109 
GLU C    C  N N 110 
GLU O    O  N N 111 
GLU CB   C  N N 112 
GLU CG   C  N N 113 
GLU CD   C  N N 114 
GLU OE1  O  N N 115 
GLU OE2  O  N N 116 
GLU OXT  O  N N 117 
GLU H    H  N N 118 
GLU H2   H  N N 119 
GLU HA   H  N N 120 
GLU HB2  H  N N 121 
GLU HB3  H  N N 122 
GLU HG2  H  N N 123 
GLU HG3  H  N N 124 
GLU HE2  H  N N 125 
GLU HXT  H  N N 126 
GLY N    N  N N 127 
GLY CA   C  N N 128 
GLY C    C  N N 129 
GLY O    O  N N 130 
GLY OXT  O  N N 131 
GLY H    H  N N 132 
GLY H2   H  N N 133 
GLY HA2  H  N N 134 
GLY HA3  H  N N 135 
GLY HXT  H  N N 136 
GOL C1   C  N N 137 
GOL O1   O  N N 138 
GOL C2   C  N N 139 
GOL O2   O  N N 140 
GOL C3   C  N N 141 
GOL O3   O  N N 142 
GOL H11  H  N N 143 
GOL H12  H  N N 144 
GOL HO1  H  N N 145 
GOL H2   H  N N 146 
GOL HO2  H  N N 147 
GOL H31  H  N N 148 
GOL H32  H  N N 149 
GOL HO3  H  N N 150 
HIS N    N  N N 151 
HIS CA   C  N S 152 
HIS C    C  N N 153 
HIS O    O  N N 154 
HIS CB   C  N N 155 
HIS CG   C  Y N 156 
HIS ND1  N  Y N 157 
HIS CD2  C  Y N 158 
HIS CE1  C  Y N 159 
HIS NE2  N  Y N 160 
HIS OXT  O  N N 161 
HIS H    H  N N 162 
HIS H2   H  N N 163 
HIS HA   H  N N 164 
HIS HB2  H  N N 165 
HIS HB3  H  N N 166 
HIS HD1  H  N N 167 
HIS HD2  H  N N 168 
HIS HE1  H  N N 169 
HIS HE2  H  N N 170 
HIS HXT  H  N N 171 
HOH O    O  N N 172 
HOH H1   H  N N 173 
HOH H2   H  N N 174 
ILE N    N  N N 175 
ILE CA   C  N S 176 
ILE C    C  N N 177 
ILE O    O  N N 178 
ILE CB   C  N S 179 
ILE CG1  C  N N 180 
ILE CG2  C  N N 181 
ILE CD1  C  N N 182 
ILE OXT  O  N N 183 
ILE H    H  N N 184 
ILE H2   H  N N 185 
ILE HA   H  N N 186 
ILE HB   H  N N 187 
ILE HG12 H  N N 188 
ILE HG13 H  N N 189 
ILE HG21 H  N N 190 
ILE HG22 H  N N 191 
ILE HG23 H  N N 192 
ILE HD11 H  N N 193 
ILE HD12 H  N N 194 
ILE HD13 H  N N 195 
ILE HXT  H  N N 196 
LEU N    N  N N 197 
LEU CA   C  N S 198 
LEU C    C  N N 199 
LEU O    O  N N 200 
LEU CB   C  N N 201 
LEU CG   C  N N 202 
LEU CD1  C  N N 203 
LEU CD2  C  N N 204 
LEU OXT  O  N N 205 
LEU H    H  N N 206 
LEU H2   H  N N 207 
LEU HA   H  N N 208 
LEU HB2  H  N N 209 
LEU HB3  H  N N 210 
LEU HG   H  N N 211 
LEU HD11 H  N N 212 
LEU HD12 H  N N 213 
LEU HD13 H  N N 214 
LEU HD21 H  N N 215 
LEU HD22 H  N N 216 
LEU HD23 H  N N 217 
LEU HXT  H  N N 218 
LYS N    N  N N 219 
LYS CA   C  N S 220 
LYS C    C  N N 221 
LYS O    O  N N 222 
LYS CB   C  N N 223 
LYS CG   C  N N 224 
LYS CD   C  N N 225 
LYS CE   C  N N 226 
LYS NZ   N  N N 227 
LYS OXT  O  N N 228 
LYS H    H  N N 229 
LYS H2   H  N N 230 
LYS HA   H  N N 231 
LYS HB2  H  N N 232 
LYS HB3  H  N N 233 
LYS HG2  H  N N 234 
LYS HG3  H  N N 235 
LYS HD2  H  N N 236 
LYS HD3  H  N N 237 
LYS HE2  H  N N 238 
LYS HE3  H  N N 239 
LYS HZ1  H  N N 240 
LYS HZ2  H  N N 241 
LYS HZ3  H  N N 242 
LYS HXT  H  N N 243 
MET N    N  N N 244 
MET CA   C  N S 245 
MET C    C  N N 246 
MET O    O  N N 247 
MET CB   C  N N 248 
MET CG   C  N N 249 
MET SD   S  N N 250 
MET CE   C  N N 251 
MET OXT  O  N N 252 
MET H    H  N N 253 
MET H2   H  N N 254 
MET HA   H  N N 255 
MET HB2  H  N N 256 
MET HB3  H  N N 257 
MET HG2  H  N N 258 
MET HG3  H  N N 259 
MET HE1  H  N N 260 
MET HE2  H  N N 261 
MET HE3  H  N N 262 
MET HXT  H  N N 263 
PHE N    N  N N 264 
PHE CA   C  N S 265 
PHE C    C  N N 266 
PHE O    O  N N 267 
PHE CB   C  N N 268 
PHE CG   C  Y N 269 
PHE CD1  C  Y N 270 
PHE CD2  C  Y N 271 
PHE CE1  C  Y N 272 
PHE CE2  C  Y N 273 
PHE CZ   C  Y N 274 
PHE OXT  O  N N 275 
PHE H    H  N N 276 
PHE H2   H  N N 277 
PHE HA   H  N N 278 
PHE HB2  H  N N 279 
PHE HB3  H  N N 280 
PHE HD1  H  N N 281 
PHE HD2  H  N N 282 
PHE HE1  H  N N 283 
PHE HE2  H  N N 284 
PHE HZ   H  N N 285 
PHE HXT  H  N N 286 
PRO N    N  N N 287 
PRO CA   C  N S 288 
PRO C    C  N N 289 
PRO O    O  N N 290 
PRO CB   C  N N 291 
PRO CG   C  N N 292 
PRO CD   C  N N 293 
PRO OXT  O  N N 294 
PRO H    H  N N 295 
PRO HA   H  N N 296 
PRO HB2  H  N N 297 
PRO HB3  H  N N 298 
PRO HG2  H  N N 299 
PRO HG3  H  N N 300 
PRO HD2  H  N N 301 
PRO HD3  H  N N 302 
PRO HXT  H  N N 303 
SER N    N  N N 304 
SER CA   C  N S 305 
SER C    C  N N 306 
SER O    O  N N 307 
SER CB   C  N N 308 
SER OG   O  N N 309 
SER OXT  O  N N 310 
SER H    H  N N 311 
SER H2   H  N N 312 
SER HA   H  N N 313 
SER HB2  H  N N 314 
SER HB3  H  N N 315 
SER HG   H  N N 316 
SER HXT  H  N N 317 
THR N    N  N N 318 
THR CA   C  N S 319 
THR C    C  N N 320 
THR O    O  N N 321 
THR CB   C  N R 322 
THR OG1  O  N N 323 
THR CG2  C  N N 324 
THR OXT  O  N N 325 
THR H    H  N N 326 
THR H2   H  N N 327 
THR HA   H  N N 328 
THR HB   H  N N 329 
THR HG1  H  N N 330 
THR HG21 H  N N 331 
THR HG22 H  N N 332 
THR HG23 H  N N 333 
THR HXT  H  N N 334 
TRP N    N  N N 335 
TRP CA   C  N S 336 
TRP C    C  N N 337 
TRP O    O  N N 338 
TRP CB   C  N N 339 
TRP CG   C  Y N 340 
TRP CD1  C  Y N 341 
TRP CD2  C  Y N 342 
TRP NE1  N  Y N 343 
TRP CE2  C  Y N 344 
TRP CE3  C  Y N 345 
TRP CZ2  C  Y N 346 
TRP CZ3  C  Y N 347 
TRP CH2  C  Y N 348 
TRP OXT  O  N N 349 
TRP H    H  N N 350 
TRP H2   H  N N 351 
TRP HA   H  N N 352 
TRP HB2  H  N N 353 
TRP HB3  H  N N 354 
TRP HD1  H  N N 355 
TRP HE1  H  N N 356 
TRP HE3  H  N N 357 
TRP HZ2  H  N N 358 
TRP HZ3  H  N N 359 
TRP HH2  H  N N 360 
TRP HXT  H  N N 361 
TYR N    N  N N 362 
TYR CA   C  N S 363 
TYR C    C  N N 364 
TYR O    O  N N 365 
TYR CB   C  N N 366 
TYR CG   C  Y N 367 
TYR CD1  C  Y N 368 
TYR CD2  C  Y N 369 
TYR CE1  C  Y N 370 
TYR CE2  C  Y N 371 
TYR CZ   C  Y N 372 
TYR OH   O  N N 373 
TYR OXT  O  N N 374 
TYR H    H  N N 375 
TYR H2   H  N N 376 
TYR HA   H  N N 377 
TYR HB2  H  N N 378 
TYR HB3  H  N N 379 
TYR HD1  H  N N 380 
TYR HD2  H  N N 381 
TYR HE1  H  N N 382 
TYR HE2  H  N N 383 
TYR HH   H  N N 384 
TYR HXT  H  N N 385 
VAL N    N  N N 386 
VAL CA   C  N S 387 
VAL C    C  N N 388 
VAL O    O  N N 389 
VAL CB   C  N N 390 
VAL CG1  C  N N 391 
VAL CG2  C  N N 392 
VAL OXT  O  N N 393 
VAL H    H  N N 394 
VAL H2   H  N N 395 
VAL HA   H  N N 396 
VAL HB   H  N N 397 
VAL HG11 H  N N 398 
VAL HG12 H  N N 399 
VAL HG13 H  N N 400 
VAL HG21 H  N N 401 
VAL HG22 H  N N 402 
VAL HG23 H  N N 403 
VAL HXT  H  N N 404 
ZN  ZN   ZN N N 405 
# 
loop_
_chem_comp_bond.comp_id 
_chem_comp_bond.atom_id_1 
_chem_comp_bond.atom_id_2 
_chem_comp_bond.value_order 
_chem_comp_bond.pdbx_aromatic_flag 
_chem_comp_bond.pdbx_stereo_config 
_chem_comp_bond.pdbx_ordinal 
ALA N   CA   sing N N 1   
ALA N   H    sing N N 2   
ALA N   H2   sing N N 3   
ALA CA  C    sing N N 4   
ALA CA  CB   sing N N 5   
ALA CA  HA   sing N N 6   
ALA C   O    doub N N 7   
ALA C   OXT  sing N N 8   
ALA CB  HB1  sing N N 9   
ALA CB  HB2  sing N N 10  
ALA CB  HB3  sing N N 11  
ALA OXT HXT  sing N N 12  
ARG N   CA   sing N N 13  
ARG N   H    sing N N 14  
ARG N   H2   sing N N 15  
ARG CA  C    sing N N 16  
ARG CA  CB   sing N N 17  
ARG CA  HA   sing N N 18  
ARG C   O    doub N N 19  
ARG C   OXT  sing N N 20  
ARG CB  CG   sing N N 21  
ARG CB  HB2  sing N N 22  
ARG CB  HB3  sing N N 23  
ARG CG  CD   sing N N 24  
ARG CG  HG2  sing N N 25  
ARG CG  HG3  sing N N 26  
ARG CD  NE   sing N N 27  
ARG CD  HD2  sing N N 28  
ARG CD  HD3  sing N N 29  
ARG NE  CZ   sing N N 30  
ARG NE  HE   sing N N 31  
ARG CZ  NH1  sing N N 32  
ARG CZ  NH2  doub N N 33  
ARG NH1 HH11 sing N N 34  
ARG NH1 HH12 sing N N 35  
ARG NH2 HH21 sing N N 36  
ARG NH2 HH22 sing N N 37  
ARG OXT HXT  sing N N 38  
ASN N   CA   sing N N 39  
ASN N   H    sing N N 40  
ASN N   H2   sing N N 41  
ASN CA  C    sing N N 42  
ASN CA  CB   sing N N 43  
ASN CA  HA   sing N N 44  
ASN C   O    doub N N 45  
ASN C   OXT  sing N N 46  
ASN CB  CG   sing N N 47  
ASN CB  HB2  sing N N 48  
ASN CB  HB3  sing N N 49  
ASN CG  OD1  doub N N 50  
ASN CG  ND2  sing N N 51  
ASN ND2 HD21 sing N N 52  
ASN ND2 HD22 sing N N 53  
ASN OXT HXT  sing N N 54  
ASP N   CA   sing N N 55  
ASP N   H    sing N N 56  
ASP N   H2   sing N N 57  
ASP CA  C    sing N N 58  
ASP CA  CB   sing N N 59  
ASP CA  HA   sing N N 60  
ASP C   O    doub N N 61  
ASP C   OXT  sing N N 62  
ASP CB  CG   sing N N 63  
ASP CB  HB2  sing N N 64  
ASP CB  HB3  sing N N 65  
ASP CG  OD1  doub N N 66  
ASP CG  OD2  sing N N 67  
ASP OD2 HD2  sing N N 68  
ASP OXT HXT  sing N N 69  
CYS N   CA   sing N N 70  
CYS N   H    sing N N 71  
CYS N   H2   sing N N 72  
CYS CA  C    sing N N 73  
CYS CA  CB   sing N N 74  
CYS CA  HA   sing N N 75  
CYS C   O    doub N N 76  
CYS C   OXT  sing N N 77  
CYS CB  SG   sing N N 78  
CYS CB  HB2  sing N N 79  
CYS CB  HB3  sing N N 80  
CYS SG  HG   sing N N 81  
CYS OXT HXT  sing N N 82  
GLN N   CA   sing N N 83  
GLN N   H    sing N N 84  
GLN N   H2   sing N N 85  
GLN CA  C    sing N N 86  
GLN CA  CB   sing N N 87  
GLN CA  HA   sing N N 88  
GLN C   O    doub N N 89  
GLN C   OXT  sing N N 90  
GLN CB  CG   sing N N 91  
GLN CB  HB2  sing N N 92  
GLN CB  HB3  sing N N 93  
GLN CG  CD   sing N N 94  
GLN CG  HG2  sing N N 95  
GLN CG  HG3  sing N N 96  
GLN CD  OE1  doub N N 97  
GLN CD  NE2  sing N N 98  
GLN NE2 HE21 sing N N 99  
GLN NE2 HE22 sing N N 100 
GLN OXT HXT  sing N N 101 
GLU N   CA   sing N N 102 
GLU N   H    sing N N 103 
GLU N   H2   sing N N 104 
GLU CA  C    sing N N 105 
GLU CA  CB   sing N N 106 
GLU CA  HA   sing N N 107 
GLU C   O    doub N N 108 
GLU C   OXT  sing N N 109 
GLU CB  CG   sing N N 110 
GLU CB  HB2  sing N N 111 
GLU CB  HB3  sing N N 112 
GLU CG  CD   sing N N 113 
GLU CG  HG2  sing N N 114 
GLU CG  HG3  sing N N 115 
GLU CD  OE1  doub N N 116 
GLU CD  OE2  sing N N 117 
GLU OE2 HE2  sing N N 118 
GLU OXT HXT  sing N N 119 
GLY N   CA   sing N N 120 
GLY N   H    sing N N 121 
GLY N   H2   sing N N 122 
GLY CA  C    sing N N 123 
GLY CA  HA2  sing N N 124 
GLY CA  HA3  sing N N 125 
GLY C   O    doub N N 126 
GLY C   OXT  sing N N 127 
GLY OXT HXT  sing N N 128 
GOL C1  O1   sing N N 129 
GOL C1  C2   sing N N 130 
GOL C1  H11  sing N N 131 
GOL C1  H12  sing N N 132 
GOL O1  HO1  sing N N 133 
GOL C2  O2   sing N N 134 
GOL C2  C3   sing N N 135 
GOL C2  H2   sing N N 136 
GOL O2  HO2  sing N N 137 
GOL C3  O3   sing N N 138 
GOL C3  H31  sing N N 139 
GOL C3  H32  sing N N 140 
GOL O3  HO3  sing N N 141 
HIS N   CA   sing N N 142 
HIS N   H    sing N N 143 
HIS N   H2   sing N N 144 
HIS CA  C    sing N N 145 
HIS CA  CB   sing N N 146 
HIS CA  HA   sing N N 147 
HIS C   O    doub N N 148 
HIS C   OXT  sing N N 149 
HIS CB  CG   sing N N 150 
HIS CB  HB2  sing N N 151 
HIS CB  HB3  sing N N 152 
HIS CG  ND1  sing Y N 153 
HIS CG  CD2  doub Y N 154 
HIS ND1 CE1  doub Y N 155 
HIS ND1 HD1  sing N N 156 
HIS CD2 NE2  sing Y N 157 
HIS CD2 HD2  sing N N 158 
HIS CE1 NE2  sing Y N 159 
HIS CE1 HE1  sing N N 160 
HIS NE2 HE2  sing N N 161 
HIS OXT HXT  sing N N 162 
HOH O   H1   sing N N 163 
HOH O   H2   sing N N 164 
ILE N   CA   sing N N 165 
ILE N   H    sing N N 166 
ILE N   H2   sing N N 167 
ILE CA  C    sing N N 168 
ILE CA  CB   sing N N 169 
ILE CA  HA   sing N N 170 
ILE C   O    doub N N 171 
ILE C   OXT  sing N N 172 
ILE CB  CG1  sing N N 173 
ILE CB  CG2  sing N N 174 
ILE CB  HB   sing N N 175 
ILE CG1 CD1  sing N N 176 
ILE CG1 HG12 sing N N 177 
ILE CG1 HG13 sing N N 178 
ILE CG2 HG21 sing N N 179 
ILE CG2 HG22 sing N N 180 
ILE CG2 HG23 sing N N 181 
ILE CD1 HD11 sing N N 182 
ILE CD1 HD12 sing N N 183 
ILE CD1 HD13 sing N N 184 
ILE OXT HXT  sing N N 185 
LEU N   CA   sing N N 186 
LEU N   H    sing N N 187 
LEU N   H2   sing N N 188 
LEU CA  C    sing N N 189 
LEU CA  CB   sing N N 190 
LEU CA  HA   sing N N 191 
LEU C   O    doub N N 192 
LEU C   OXT  sing N N 193 
LEU CB  CG   sing N N 194 
LEU CB  HB2  sing N N 195 
LEU CB  HB3  sing N N 196 
LEU CG  CD1  sing N N 197 
LEU CG  CD2  sing N N 198 
LEU CG  HG   sing N N 199 
LEU CD1 HD11 sing N N 200 
LEU CD1 HD12 sing N N 201 
LEU CD1 HD13 sing N N 202 
LEU CD2 HD21 sing N N 203 
LEU CD2 HD22 sing N N 204 
LEU CD2 HD23 sing N N 205 
LEU OXT HXT  sing N N 206 
LYS N   CA   sing N N 207 
LYS N   H    sing N N 208 
LYS N   H2   sing N N 209 
LYS CA  C    sing N N 210 
LYS CA  CB   sing N N 211 
LYS CA  HA   sing N N 212 
LYS C   O    doub N N 213 
LYS C   OXT  sing N N 214 
LYS CB  CG   sing N N 215 
LYS CB  HB2  sing N N 216 
LYS CB  HB3  sing N N 217 
LYS CG  CD   sing N N 218 
LYS CG  HG2  sing N N 219 
LYS CG  HG3  sing N N 220 
LYS CD  CE   sing N N 221 
LYS CD  HD2  sing N N 222 
LYS CD  HD3  sing N N 223 
LYS CE  NZ   sing N N 224 
LYS CE  HE2  sing N N 225 
LYS CE  HE3  sing N N 226 
LYS NZ  HZ1  sing N N 227 
LYS NZ  HZ2  sing N N 228 
LYS NZ  HZ3  sing N N 229 
LYS OXT HXT  sing N N 230 
MET N   CA   sing N N 231 
MET N   H    sing N N 232 
MET N   H2   sing N N 233 
MET CA  C    sing N N 234 
MET CA  CB   sing N N 235 
MET CA  HA   sing N N 236 
MET C   O    doub N N 237 
MET C   OXT  sing N N 238 
MET CB  CG   sing N N 239 
MET CB  HB2  sing N N 240 
MET CB  HB3  sing N N 241 
MET CG  SD   sing N N 242 
MET CG  HG2  sing N N 243 
MET CG  HG3  sing N N 244 
MET SD  CE   sing N N 245 
MET CE  HE1  sing N N 246 
MET CE  HE2  sing N N 247 
MET CE  HE3  sing N N 248 
MET OXT HXT  sing N N 249 
PHE N   CA   sing N N 250 
PHE N   H    sing N N 251 
PHE N   H2   sing N N 252 
PHE CA  C    sing N N 253 
PHE CA  CB   sing N N 254 
PHE CA  HA   sing N N 255 
PHE C   O    doub N N 256 
PHE C   OXT  sing N N 257 
PHE CB  CG   sing N N 258 
PHE CB  HB2  sing N N 259 
PHE CB  HB3  sing N N 260 
PHE CG  CD1  doub Y N 261 
PHE CG  CD2  sing Y N 262 
PHE CD1 CE1  sing Y N 263 
PHE CD1 HD1  sing N N 264 
PHE CD2 CE2  doub Y N 265 
PHE CD2 HD2  sing N N 266 
PHE CE1 CZ   doub Y N 267 
PHE CE1 HE1  sing N N 268 
PHE CE2 CZ   sing Y N 269 
PHE CE2 HE2  sing N N 270 
PHE CZ  HZ   sing N N 271 
PHE OXT HXT  sing N N 272 
PRO N   CA   sing N N 273 
PRO N   CD   sing N N 274 
PRO N   H    sing N N 275 
PRO CA  C    sing N N 276 
PRO CA  CB   sing N N 277 
PRO CA  HA   sing N N 278 
PRO C   O    doub N N 279 
PRO C   OXT  sing N N 280 
PRO CB  CG   sing N N 281 
PRO CB  HB2  sing N N 282 
PRO CB  HB3  sing N N 283 
PRO CG  CD   sing N N 284 
PRO CG  HG2  sing N N 285 
PRO CG  HG3  sing N N 286 
PRO CD  HD2  sing N N 287 
PRO CD  HD3  sing N N 288 
PRO OXT HXT  sing N N 289 
SER N   CA   sing N N 290 
SER N   H    sing N N 291 
SER N   H2   sing N N 292 
SER CA  C    sing N N 293 
SER CA  CB   sing N N 294 
SER CA  HA   sing N N 295 
SER C   O    doub N N 296 
SER C   OXT  sing N N 297 
SER CB  OG   sing N N 298 
SER CB  HB2  sing N N 299 
SER CB  HB3  sing N N 300 
SER OG  HG   sing N N 301 
SER OXT HXT  sing N N 302 
THR N   CA   sing N N 303 
THR N   H    sing N N 304 
THR N   H2   sing N N 305 
THR CA  C    sing N N 306 
THR CA  CB   sing N N 307 
THR CA  HA   sing N N 308 
THR C   O    doub N N 309 
THR C   OXT  sing N N 310 
THR CB  OG1  sing N N 311 
THR CB  CG2  sing N N 312 
THR CB  HB   sing N N 313 
THR OG1 HG1  sing N N 314 
THR CG2 HG21 sing N N 315 
THR CG2 HG22 sing N N 316 
THR CG2 HG23 sing N N 317 
THR OXT HXT  sing N N 318 
TRP N   CA   sing N N 319 
TRP N   H    sing N N 320 
TRP N   H2   sing N N 321 
TRP CA  C    sing N N 322 
TRP CA  CB   sing N N 323 
TRP CA  HA   sing N N 324 
TRP C   O    doub N N 325 
TRP C   OXT  sing N N 326 
TRP CB  CG   sing N N 327 
TRP CB  HB2  sing N N 328 
TRP CB  HB3  sing N N 329 
TRP CG  CD1  doub Y N 330 
TRP CG  CD2  sing Y N 331 
TRP CD1 NE1  sing Y N 332 
TRP CD1 HD1  sing N N 333 
TRP CD2 CE2  doub Y N 334 
TRP CD2 CE3  sing Y N 335 
TRP NE1 CE2  sing Y N 336 
TRP NE1 HE1  sing N N 337 
TRP CE2 CZ2  sing Y N 338 
TRP CE3 CZ3  doub Y N 339 
TRP CE3 HE3  sing N N 340 
TRP CZ2 CH2  doub Y N 341 
TRP CZ2 HZ2  sing N N 342 
TRP CZ3 CH2  sing Y N 343 
TRP CZ3 HZ3  sing N N 344 
TRP CH2 HH2  sing N N 345 
TRP OXT HXT  sing N N 346 
TYR N   CA   sing N N 347 
TYR N   H    sing N N 348 
TYR N   H2   sing N N 349 
TYR CA  C    sing N N 350 
TYR CA  CB   sing N N 351 
TYR CA  HA   sing N N 352 
TYR C   O    doub N N 353 
TYR C   OXT  sing N N 354 
TYR CB  CG   sing N N 355 
TYR CB  HB2  sing N N 356 
TYR CB  HB3  sing N N 357 
TYR CG  CD1  doub Y N 358 
TYR CG  CD2  sing Y N 359 
TYR CD1 CE1  sing Y N 360 
TYR CD1 HD1  sing N N 361 
TYR CD2 CE2  doub Y N 362 
TYR CD2 HD2  sing N N 363 
TYR CE1 CZ   doub Y N 364 
TYR CE1 HE1  sing N N 365 
TYR CE2 CZ   sing Y N 366 
TYR CE2 HE2  sing N N 367 
TYR CZ  OH   sing N N 368 
TYR OH  HH   sing N N 369 
TYR OXT HXT  sing N N 370 
VAL N   CA   sing N N 371 
VAL N   H    sing N N 372 
VAL N   H2   sing N N 373 
VAL CA  C    sing N N 374 
VAL CA  CB   sing N N 375 
VAL CA  HA   sing N N 376 
VAL C   O    doub N N 377 
VAL C   OXT  sing N N 378 
VAL CB  CG1  sing N N 379 
VAL CB  CG2  sing N N 380 
VAL CB  HB   sing N N 381 
VAL CG1 HG11 sing N N 382 
VAL CG1 HG12 sing N N 383 
VAL CG1 HG13 sing N N 384 
VAL CG2 HG21 sing N N 385 
VAL CG2 HG22 sing N N 386 
VAL CG2 HG23 sing N N 387 
VAL OXT HXT  sing N N 388 
# 
loop_
_pdbx_entity_nonpoly.entity_id 
_pdbx_entity_nonpoly.name 
_pdbx_entity_nonpoly.comp_id 
2 'ZINC ION' ZN  
3 GLYCEROL   GOL 
4 water      HOH 
# 
_pdbx_initial_refinement_model.id               1 
_pdbx_initial_refinement_model.entity_id_list   ? 
_pdbx_initial_refinement_model.type             'experimental model' 
_pdbx_initial_refinement_model.source_name      PDB 
_pdbx_initial_refinement_model.accession_code   2UVL 
_pdbx_initial_refinement_model.details          'PDB ENTRY 2UVL' 
# 
